data_5F04
# 
_entry.id   5F04 
# 
_audit_conform.dict_name       mmcif_pdbx.dic 
_audit_conform.dict_version    5.383 
_audit_conform.dict_location   http://mmcif.pdb.org/dictionaries/ascii/mmcif_pdbx.dic 
# 
loop_
_database_2.database_id 
_database_2.database_code 
_database_2.pdbx_database_accession 
_database_2.pdbx_DOI 
PDB   5F04         pdb_00005f04 10.2210/pdb5f04/pdb 
WWPDB D_1000215764 ?            ?                   
# 
loop_
_pdbx_audit_revision_history.ordinal 
_pdbx_audit_revision_history.data_content_type 
_pdbx_audit_revision_history.major_revision 
_pdbx_audit_revision_history.minor_revision 
_pdbx_audit_revision_history.revision_date 
1 'Structure model' 1 0 2016-02-03 
2 'Structure model' 1 1 2016-02-17 
3 'Structure model' 1 2 2017-09-13 
4 'Structure model' 2 0 2024-01-10 
# 
_pdbx_audit_revision_details.ordinal             1 
_pdbx_audit_revision_details.revision_ordinal    1 
_pdbx_audit_revision_details.data_content_type   'Structure model' 
_pdbx_audit_revision_details.provider            repository 
_pdbx_audit_revision_details.type                'Initial release' 
_pdbx_audit_revision_details.description         ? 
_pdbx_audit_revision_details.details             ? 
# 
loop_
_pdbx_audit_revision_group.ordinal 
_pdbx_audit_revision_group.revision_ordinal 
_pdbx_audit_revision_group.data_content_type 
_pdbx_audit_revision_group.group 
1 2 'Structure model' 'Database references'        
2 3 'Structure model' 'Author supporting evidence' 
3 4 'Structure model' 'Atomic model'               
4 4 'Structure model' 'Data collection'            
5 4 'Structure model' 'Database references'        
6 4 'Structure model' 'Refinement description'     
# 
loop_
_pdbx_audit_revision_category.ordinal 
_pdbx_audit_revision_category.revision_ordinal 
_pdbx_audit_revision_category.data_content_type 
_pdbx_audit_revision_category.category 
1 3 'Structure model' pdbx_audit_support            
2 4 'Structure model' atom_site                     
3 4 'Structure model' chem_comp_atom                
4 4 'Structure model' chem_comp_bond                
5 4 'Structure model' database_2                    
6 4 'Structure model' pdbx_initial_refinement_model 
# 
loop_
_pdbx_audit_revision_item.ordinal 
_pdbx_audit_revision_item.revision_ordinal 
_pdbx_audit_revision_item.data_content_type 
_pdbx_audit_revision_item.item 
1 3 'Structure model' '_pdbx_audit_support.funding_organization' 
2 4 'Structure model' '_atom_site.occupancy'                     
3 4 'Structure model' '_database_2.pdbx_DOI'                     
4 4 'Structure model' '_database_2.pdbx_database_accession'      
# 
_pdbx_database_status.status_code                     REL 
_pdbx_database_status.status_code_sf                  REL 
_pdbx_database_status.status_code_mr                  ? 
_pdbx_database_status.entry_id                        5F04 
_pdbx_database_status.recvd_initial_deposition_date   2015-11-27 
_pdbx_database_status.SG_entry                        N 
_pdbx_database_status.deposit_site                    RCSB 
_pdbx_database_status.process_site                    PDBE 
_pdbx_database_status.status_code_cs                  ? 
_pdbx_database_status.methods_development_category    ? 
_pdbx_database_status.pdb_format_compatible           Y 
_pdbx_database_status.status_code_nmr_data            ? 
# 
loop_
_audit_author.name 
_audit_author.pdbx_ordinal 
'Surade, S.'      1 
'Blaszczyk, M.'   2 
'Nikiforov, P.O.' 3 
'Abell, C.'       4 
'Blundell, T.L.'  5 
# 
_citation.abstract                  ? 
_citation.abstract_id_CAS           ? 
_citation.book_id_ISBN              ? 
_citation.book_publisher            ? 
_citation.book_publisher_city       ? 
_citation.book_title                ? 
_citation.coordinate_linkage        ? 
_citation.country                   UK 
_citation.database_id_Medline       ? 
_citation.details                   ? 
_citation.id                        primary 
_citation.journal_abbrev            Org.Biomol.Chem. 
_citation.journal_id_ASTM           ? 
_citation.journal_id_CSD            ? 
_citation.journal_id_ISSN           1477-0539 
_citation.journal_full              ? 
_citation.journal_issue             ? 
_citation.journal_volume            14 
_citation.language                  ? 
_citation.page_first                2318 
_citation.page_last                 2326 
_citation.title                     
;A fragment merging approach towards the development of small molecule inhibitors of Mycobacterium tuberculosis EthR for use as ethionamide boosters.
;
_citation.year                      2016 
_citation.database_id_CSD           ? 
_citation.pdbx_database_id_DOI      10.1039/c5ob02630j 
_citation.pdbx_database_id_PubMed   26806381 
_citation.unpublished_flag          ? 
# 
loop_
_citation_author.citation_id 
_citation_author.name 
_citation_author.ordinal 
_citation_author.identifier_ORCID 
primary 'Nikiforov, P.O.' 1 ? 
primary 'Surade, S.'      2 ? 
primary 'Blaszczyk, M.'   3 ? 
primary 'Delorme, V.'     4 ? 
primary 'Brodin, P.'      5 ? 
primary 'Baulard, A.R.'   6 ? 
primary 'Blundell, T.L.'  7 ? 
primary 'Abell, C.'       8 ? 
# 
loop_
_entity.id 
_entity.type 
_entity.src_method 
_entity.pdbx_description 
_entity.formula_weight 
_entity.pdbx_number_of_molecules 
_entity.pdbx_ec 
_entity.pdbx_mutation 
_entity.pdbx_fragment 
_entity.details 
1 polymer     man 'HTH-type transcriptional regulator EthR'                                         25259.254 1  ? ? ? ? 
2 non-polymer syn '3-cyclopentyl-1-[3-[4-(methylaminomethyl)phenyl]-1,3-diazinan-1-yl]propan-1-one' 329.480   1  ? ? ? ? 
3 non-polymer syn 'SULFATE ION'                                                                     96.063    2  ? ? ? ? 
4 non-polymer syn GLYCEROL                                                                          92.094    1  ? ? ? ? 
5 non-polymer syn 1,2-ETHANEDIOL                                                                    62.068    1  ? ? ? ? 
6 water       nat water                                                                             18.015    73 ? ? ? ? 
# 
_entity_poly.entity_id                      1 
_entity_poly.type                           'polypeptide(L)' 
_entity_poly.nstd_linkage                   no 
_entity_poly.nstd_monomer                   no 
_entity_poly.pdbx_seq_one_letter_code       
;MDIEFTTSAASQASLPRGRRTARPSGDDRELAILATAENLLEDRPLADISVDDLAKGAGISRPTFYFYFPSKEAVLLTLL
DRVVNQADMALQTLAENPADTDRENMWRTGINVFFETFGSHKAVTRAGQAARATSVEVAELWSTFMQKWIAYTAAVIDAE
RDRGAAPRTLPAHELATALNLMNERTLFASFAGEQPSVPEARVLDTLVHIWVTSIYGENRGSHHHHHH
;
_entity_poly.pdbx_seq_one_letter_code_can   
;MDIEFTTSAASQASLPRGRRTARPSGDDRELAILATAENLLEDRPLADISVDDLAKGAGISRPTFYFYFPSKEAVLLTLL
DRVVNQADMALQTLAENPADTDRENMWRTGINVFFETFGSHKAVTRAGQAARATSVEVAELWSTFMQKWIAYTAAVIDAE
RDRGAAPRTLPAHELATALNLMNERTLFASFAGEQPSVPEARVLDTLVHIWVTSIYGENRGSHHHHHH
;
_entity_poly.pdbx_strand_id                 A 
_entity_poly.pdbx_target_identifier         ? 
# 
loop_
_pdbx_entity_nonpoly.entity_id 
_pdbx_entity_nonpoly.name 
_pdbx_entity_nonpoly.comp_id 
2 '3-cyclopentyl-1-[3-[4-(methylaminomethyl)phenyl]-1,3-diazinan-1-yl]propan-1-one' 5TB 
3 'SULFATE ION'                                                                     SO4 
4 GLYCEROL                                                                          GOL 
5 1,2-ETHANEDIOL                                                                    EDO 
6 water                                                                             HOH 
# 
loop_
_entity_poly_seq.entity_id 
_entity_poly_seq.num 
_entity_poly_seq.mon_id 
_entity_poly_seq.hetero 
1 1   MET n 
1 2   ASP n 
1 3   ILE n 
1 4   GLU n 
1 5   PHE n 
1 6   THR n 
1 7   THR n 
1 8   SER n 
1 9   ALA n 
1 10  ALA n 
1 11  SER n 
1 12  GLN n 
1 13  ALA n 
1 14  SER n 
1 15  LEU n 
1 16  PRO n 
1 17  ARG n 
1 18  GLY n 
1 19  ARG n 
1 20  ARG n 
1 21  THR n 
1 22  ALA n 
1 23  ARG n 
1 24  PRO n 
1 25  SER n 
1 26  GLY n 
1 27  ASP n 
1 28  ASP n 
1 29  ARG n 
1 30  GLU n 
1 31  LEU n 
1 32  ALA n 
1 33  ILE n 
1 34  LEU n 
1 35  ALA n 
1 36  THR n 
1 37  ALA n 
1 38  GLU n 
1 39  ASN n 
1 40  LEU n 
1 41  LEU n 
1 42  GLU n 
1 43  ASP n 
1 44  ARG n 
1 45  PRO n 
1 46  LEU n 
1 47  ALA n 
1 48  ASP n 
1 49  ILE n 
1 50  SER n 
1 51  VAL n 
1 52  ASP n 
1 53  ASP n 
1 54  LEU n 
1 55  ALA n 
1 56  LYS n 
1 57  GLY n 
1 58  ALA n 
1 59  GLY n 
1 60  ILE n 
1 61  SER n 
1 62  ARG n 
1 63  PRO n 
1 64  THR n 
1 65  PHE n 
1 66  TYR n 
1 67  PHE n 
1 68  TYR n 
1 69  PHE n 
1 70  PRO n 
1 71  SER n 
1 72  LYS n 
1 73  GLU n 
1 74  ALA n 
1 75  VAL n 
1 76  LEU n 
1 77  LEU n 
1 78  THR n 
1 79  LEU n 
1 80  LEU n 
1 81  ASP n 
1 82  ARG n 
1 83  VAL n 
1 84  VAL n 
1 85  ASN n 
1 86  GLN n 
1 87  ALA n 
1 88  ASP n 
1 89  MET n 
1 90  ALA n 
1 91  LEU n 
1 92  GLN n 
1 93  THR n 
1 94  LEU n 
1 95  ALA n 
1 96  GLU n 
1 97  ASN n 
1 98  PRO n 
1 99  ALA n 
1 100 ASP n 
1 101 THR n 
1 102 ASP n 
1 103 ARG n 
1 104 GLU n 
1 105 ASN n 
1 106 MET n 
1 107 TRP n 
1 108 ARG n 
1 109 THR n 
1 110 GLY n 
1 111 ILE n 
1 112 ASN n 
1 113 VAL n 
1 114 PHE n 
1 115 PHE n 
1 116 GLU n 
1 117 THR n 
1 118 PHE n 
1 119 GLY n 
1 120 SER n 
1 121 HIS n 
1 122 LYS n 
1 123 ALA n 
1 124 VAL n 
1 125 THR n 
1 126 ARG n 
1 127 ALA n 
1 128 GLY n 
1 129 GLN n 
1 130 ALA n 
1 131 ALA n 
1 132 ARG n 
1 133 ALA n 
1 134 THR n 
1 135 SER n 
1 136 VAL n 
1 137 GLU n 
1 138 VAL n 
1 139 ALA n 
1 140 GLU n 
1 141 LEU n 
1 142 TRP n 
1 143 SER n 
1 144 THR n 
1 145 PHE n 
1 146 MET n 
1 147 GLN n 
1 148 LYS n 
1 149 TRP n 
1 150 ILE n 
1 151 ALA n 
1 152 TYR n 
1 153 THR n 
1 154 ALA n 
1 155 ALA n 
1 156 VAL n 
1 157 ILE n 
1 158 ASP n 
1 159 ALA n 
1 160 GLU n 
1 161 ARG n 
1 162 ASP n 
1 163 ARG n 
1 164 GLY n 
1 165 ALA n 
1 166 ALA n 
1 167 PRO n 
1 168 ARG n 
1 169 THR n 
1 170 LEU n 
1 171 PRO n 
1 172 ALA n 
1 173 HIS n 
1 174 GLU n 
1 175 LEU n 
1 176 ALA n 
1 177 THR n 
1 178 ALA n 
1 179 LEU n 
1 180 ASN n 
1 181 LEU n 
1 182 MET n 
1 183 ASN n 
1 184 GLU n 
1 185 ARG n 
1 186 THR n 
1 187 LEU n 
1 188 PHE n 
1 189 ALA n 
1 190 SER n 
1 191 PHE n 
1 192 ALA n 
1 193 GLY n 
1 194 GLU n 
1 195 GLN n 
1 196 PRO n 
1 197 SER n 
1 198 VAL n 
1 199 PRO n 
1 200 GLU n 
1 201 ALA n 
1 202 ARG n 
1 203 VAL n 
1 204 LEU n 
1 205 ASP n 
1 206 THR n 
1 207 LEU n 
1 208 VAL n 
1 209 HIS n 
1 210 ILE n 
1 211 TRP n 
1 212 VAL n 
1 213 THR n 
1 214 SER n 
1 215 ILE n 
1 216 TYR n 
1 217 GLY n 
1 218 GLU n 
1 219 ASN n 
1 220 ARG n 
1 221 GLY n 
1 222 SER n 
1 223 HIS n 
1 224 HIS n 
1 225 HIS n 
1 226 HIS n 
1 227 HIS n 
1 228 HIS n 
# 
_entity_src_gen.entity_id                          1 
_entity_src_gen.pdbx_src_id                        1 
_entity_src_gen.pdbx_alt_source_flag               sample 
_entity_src_gen.pdbx_seq_type                      'Biological sequence' 
_entity_src_gen.pdbx_beg_seq_num                   1 
_entity_src_gen.pdbx_end_seq_num                   228 
_entity_src_gen.gene_src_common_name               ? 
_entity_src_gen.gene_src_genus                     ? 
_entity_src_gen.pdbx_gene_src_gene                 'ethR, etaR, MT3970' 
_entity_src_gen.gene_src_species                   ? 
_entity_src_gen.gene_src_strain                    ? 
_entity_src_gen.gene_src_tissue                    ? 
_entity_src_gen.gene_src_tissue_fraction           ? 
_entity_src_gen.gene_src_details                   ? 
_entity_src_gen.pdbx_gene_src_fragment             ? 
_entity_src_gen.pdbx_gene_src_scientific_name      'Mycobacterium tuberculosis' 
_entity_src_gen.pdbx_gene_src_ncbi_taxonomy_id     83331 
_entity_src_gen.pdbx_gene_src_variant              ? 
_entity_src_gen.pdbx_gene_src_cell_line            ? 
_entity_src_gen.pdbx_gene_src_atcc                 ? 
_entity_src_gen.pdbx_gene_src_organ                ? 
_entity_src_gen.pdbx_gene_src_organelle            ? 
_entity_src_gen.pdbx_gene_src_cell                 ? 
_entity_src_gen.pdbx_gene_src_cellular_location    ? 
_entity_src_gen.host_org_common_name               ? 
_entity_src_gen.pdbx_host_org_scientific_name      'Escherichia coli' 
_entity_src_gen.pdbx_host_org_ncbi_taxonomy_id     562 
_entity_src_gen.host_org_genus                     ? 
_entity_src_gen.pdbx_host_org_gene                 ? 
_entity_src_gen.pdbx_host_org_organ                ? 
_entity_src_gen.host_org_species                   ? 
_entity_src_gen.pdbx_host_org_tissue               ? 
_entity_src_gen.pdbx_host_org_tissue_fraction      ? 
_entity_src_gen.pdbx_host_org_strain               ? 
_entity_src_gen.pdbx_host_org_variant              ? 
_entity_src_gen.pdbx_host_org_cell_line            ? 
_entity_src_gen.pdbx_host_org_atcc                 ? 
_entity_src_gen.pdbx_host_org_culture_collection   ? 
_entity_src_gen.pdbx_host_org_cell                 ? 
_entity_src_gen.pdbx_host_org_organelle            ? 
_entity_src_gen.pdbx_host_org_cellular_location    ? 
_entity_src_gen.pdbx_host_org_vector_type          ? 
_entity_src_gen.pdbx_host_org_vector               ? 
_entity_src_gen.host_org_details                   ? 
_entity_src_gen.expression_system_id               ? 
_entity_src_gen.plasmid_name                       ? 
_entity_src_gen.plasmid_details                    ? 
_entity_src_gen.pdbx_description                   ? 
# 
loop_
_chem_comp.id 
_chem_comp.type 
_chem_comp.mon_nstd_flag 
_chem_comp.name 
_chem_comp.pdbx_synonyms 
_chem_comp.formula 
_chem_comp.formula_weight 
5TB non-polymer         . '3-cyclopentyl-1-[3-[4-(methylaminomethyl)phenyl]-1,3-diazinan-1-yl]propan-1-one' ? 'C20 H31 N3 O'   
329.480 
ALA 'L-peptide linking' y ALANINE                                                                           ? 'C3 H7 N O2'     
89.093  
ARG 'L-peptide linking' y ARGININE                                                                          ? 'C6 H15 N4 O2 1' 
175.209 
ASN 'L-peptide linking' y ASPARAGINE                                                                        ? 'C4 H8 N2 O3'    
132.118 
ASP 'L-peptide linking' y 'ASPARTIC ACID'                                                                   ? 'C4 H7 N O4'     
133.103 
EDO non-polymer         . 1,2-ETHANEDIOL                                                                    'ETHYLENE GLYCOL' 
'C2 H6 O2'       62.068  
GLN 'L-peptide linking' y GLUTAMINE                                                                         ? 'C5 H10 N2 O3'   
146.144 
GLU 'L-peptide linking' y 'GLUTAMIC ACID'                                                                   ? 'C5 H9 N O4'     
147.129 
GLY 'peptide linking'   y GLYCINE                                                                           ? 'C2 H5 N O2'     
75.067  
GOL non-polymer         . GLYCEROL                                                                          
'GLYCERIN; PROPANE-1,2,3-TRIOL' 'C3 H8 O3'       92.094  
HIS 'L-peptide linking' y HISTIDINE                                                                         ? 'C6 H10 N3 O2 1' 
156.162 
HOH non-polymer         . WATER                                                                             ? 'H2 O'           
18.015  
ILE 'L-peptide linking' y ISOLEUCINE                                                                        ? 'C6 H13 N O2'    
131.173 
LEU 'L-peptide linking' y LEUCINE                                                                           ? 'C6 H13 N O2'    
131.173 
LYS 'L-peptide linking' y LYSINE                                                                            ? 'C6 H15 N2 O2 1' 
147.195 
MET 'L-peptide linking' y METHIONINE                                                                        ? 'C5 H11 N O2 S'  
149.211 
PHE 'L-peptide linking' y PHENYLALANINE                                                                     ? 'C9 H11 N O2'    
165.189 
PRO 'L-peptide linking' y PROLINE                                                                           ? 'C5 H9 N O2'     
115.130 
SER 'L-peptide linking' y SERINE                                                                            ? 'C3 H7 N O3'     
105.093 
SO4 non-polymer         . 'SULFATE ION'                                                                     ? 'O4 S -2'        
96.063  
THR 'L-peptide linking' y THREONINE                                                                         ? 'C4 H9 N O3'     
119.119 
TRP 'L-peptide linking' y TRYPTOPHAN                                                                        ? 'C11 H12 N2 O2'  
204.225 
TYR 'L-peptide linking' y TYROSINE                                                                          ? 'C9 H11 N O3'    
181.189 
VAL 'L-peptide linking' y VALINE                                                                            ? 'C5 H11 N O2'    
117.146 
# 
loop_
_pdbx_poly_seq_scheme.asym_id 
_pdbx_poly_seq_scheme.entity_id 
_pdbx_poly_seq_scheme.seq_id 
_pdbx_poly_seq_scheme.mon_id 
_pdbx_poly_seq_scheme.ndb_seq_num 
_pdbx_poly_seq_scheme.pdb_seq_num 
_pdbx_poly_seq_scheme.auth_seq_num 
_pdbx_poly_seq_scheme.pdb_mon_id 
_pdbx_poly_seq_scheme.auth_mon_id 
_pdbx_poly_seq_scheme.pdb_strand_id 
_pdbx_poly_seq_scheme.pdb_ins_code 
_pdbx_poly_seq_scheme.hetero 
A 1 1   MET 1   -3  ?   ?   ?   A . n 
A 1 2   ASP 2   -2  ?   ?   ?   A . n 
A 1 3   ILE 3   -1  ?   ?   ?   A . n 
A 1 4   GLU 4   0   ?   ?   ?   A . n 
A 1 5   PHE 5   1   ?   ?   ?   A . n 
A 1 6   THR 6   2   ?   ?   ?   A . n 
A 1 7   THR 7   3   ?   ?   ?   A . n 
A 1 8   SER 8   4   ?   ?   ?   A . n 
A 1 9   ALA 9   5   ?   ?   ?   A . n 
A 1 10  ALA 10  6   ?   ?   ?   A . n 
A 1 11  SER 11  7   ?   ?   ?   A . n 
A 1 12  GLN 12  8   ?   ?   ?   A . n 
A 1 13  ALA 13  9   ?   ?   ?   A . n 
A 1 14  SER 14  10  ?   ?   ?   A . n 
A 1 15  LEU 15  11  ?   ?   ?   A . n 
A 1 16  PRO 16  12  ?   ?   ?   A . n 
A 1 17  ARG 17  13  ?   ?   ?   A . n 
A 1 18  GLY 18  14  ?   ?   ?   A . n 
A 1 19  ARG 19  15  ?   ?   ?   A . n 
A 1 20  ARG 20  16  ?   ?   ?   A . n 
A 1 21  THR 21  17  ?   ?   ?   A . n 
A 1 22  ALA 22  18  ?   ?   ?   A . n 
A 1 23  ARG 23  19  ?   ?   ?   A . n 
A 1 24  PRO 24  20  ?   ?   ?   A . n 
A 1 25  SER 25  21  ?   ?   ?   A . n 
A 1 26  GLY 26  22  ?   ?   ?   A . n 
A 1 27  ASP 27  23  ?   ?   ?   A . n 
A 1 28  ASP 28  24  24  ASP ASP A . n 
A 1 29  ARG 29  25  25  ARG ARG A . n 
A 1 30  GLU 30  26  26  GLU GLU A . n 
A 1 31  LEU 31  27  27  LEU LEU A . n 
A 1 32  ALA 32  28  28  ALA ALA A . n 
A 1 33  ILE 33  29  29  ILE ILE A . n 
A 1 34  LEU 34  30  30  LEU LEU A . n 
A 1 35  ALA 35  31  31  ALA ALA A . n 
A 1 36  THR 36  32  32  THR THR A . n 
A 1 37  ALA 37  33  33  ALA ALA A . n 
A 1 38  GLU 38  34  34  GLU GLU A . n 
A 1 39  ASN 39  35  35  ASN ASN A . n 
A 1 40  LEU 40  36  36  LEU LEU A . n 
A 1 41  LEU 41  37  37  LEU LEU A . n 
A 1 42  GLU 42  38  38  GLU GLU A . n 
A 1 43  ASP 43  39  39  ASP ASP A . n 
A 1 44  ARG 44  40  40  ARG ARG A . n 
A 1 45  PRO 45  41  41  PRO PRO A . n 
A 1 46  LEU 46  42  42  LEU LEU A . n 
A 1 47  ALA 47  43  43  ALA ALA A . n 
A 1 48  ASP 48  44  44  ASP ASP A . n 
A 1 49  ILE 49  45  45  ILE ILE A . n 
A 1 50  SER 50  46  46  SER SER A . n 
A 1 51  VAL 51  47  47  VAL VAL A . n 
A 1 52  ASP 52  48  48  ASP ASP A . n 
A 1 53  ASP 53  49  49  ASP ASP A . n 
A 1 54  LEU 54  50  50  LEU LEU A . n 
A 1 55  ALA 55  51  51  ALA ALA A . n 
A 1 56  LYS 56  52  52  LYS LYS A . n 
A 1 57  GLY 57  53  53  GLY GLY A . n 
A 1 58  ALA 58  54  54  ALA ALA A . n 
A 1 59  GLY 59  55  55  GLY GLY A . n 
A 1 60  ILE 60  56  56  ILE ILE A . n 
A 1 61  SER 61  57  57  SER SER A . n 
A 1 62  ARG 62  58  58  ARG ARG A . n 
A 1 63  PRO 63  59  59  PRO PRO A . n 
A 1 64  THR 64  60  60  THR THR A . n 
A 1 65  PHE 65  61  61  PHE PHE A . n 
A 1 66  TYR 66  62  62  TYR TYR A . n 
A 1 67  PHE 67  63  63  PHE PHE A . n 
A 1 68  TYR 68  64  64  TYR TYR A . n 
A 1 69  PHE 69  65  65  PHE PHE A . n 
A 1 70  PRO 70  66  66  PRO PRO A . n 
A 1 71  SER 71  67  67  SER SER A . n 
A 1 72  LYS 72  68  68  LYS LYS A . n 
A 1 73  GLU 73  69  69  GLU GLU A . n 
A 1 74  ALA 74  70  70  ALA ALA A . n 
A 1 75  VAL 75  71  71  VAL VAL A . n 
A 1 76  LEU 76  72  72  LEU LEU A . n 
A 1 77  LEU 77  73  73  LEU LEU A . n 
A 1 78  THR 78  74  74  THR THR A . n 
A 1 79  LEU 79  75  75  LEU LEU A . n 
A 1 80  LEU 80  76  76  LEU LEU A . n 
A 1 81  ASP 81  77  77  ASP ASP A . n 
A 1 82  ARG 82  78  78  ARG ARG A . n 
A 1 83  VAL 83  79  79  VAL VAL A . n 
A 1 84  VAL 84  80  80  VAL VAL A . n 
A 1 85  ASN 85  81  81  ASN ASN A . n 
A 1 86  GLN 86  82  82  GLN GLN A . n 
A 1 87  ALA 87  83  83  ALA ALA A . n 
A 1 88  ASP 88  84  84  ASP ASP A . n 
A 1 89  MET 89  85  85  MET MET A . n 
A 1 90  ALA 90  86  86  ALA ALA A . n 
A 1 91  LEU 91  87  87  LEU LEU A . n 
A 1 92  GLN 92  88  88  GLN GLN A . n 
A 1 93  THR 93  89  89  THR THR A . n 
A 1 94  LEU 94  90  90  LEU LEU A . n 
A 1 95  ALA 95  91  91  ALA ALA A . n 
A 1 96  GLU 96  92  92  GLU GLU A . n 
A 1 97  ASN 97  93  93  ASN ASN A . n 
A 1 98  PRO 98  94  94  PRO PRO A . n 
A 1 99  ALA 99  95  95  ALA ALA A . n 
A 1 100 ASP 100 96  96  ASP ASP A . n 
A 1 101 THR 101 97  97  THR THR A . n 
A 1 102 ASP 102 98  98  ASP ASP A . n 
A 1 103 ARG 103 99  99  ARG ARG A . n 
A 1 104 GLU 104 100 100 GLU GLU A . n 
A 1 105 ASN 105 101 101 ASN ASN A . n 
A 1 106 MET 106 102 102 MET MET A . n 
A 1 107 TRP 107 103 103 TRP TRP A . n 
A 1 108 ARG 108 104 104 ARG ARG A . n 
A 1 109 THR 109 105 105 THR THR A . n 
A 1 110 GLY 110 106 106 GLY GLY A . n 
A 1 111 ILE 111 107 107 ILE ILE A . n 
A 1 112 ASN 112 108 108 ASN ASN A . n 
A 1 113 VAL 113 109 109 VAL VAL A . n 
A 1 114 PHE 114 110 110 PHE PHE A . n 
A 1 115 PHE 115 111 111 PHE PHE A . n 
A 1 116 GLU 116 112 112 GLU GLU A . n 
A 1 117 THR 117 113 113 THR THR A . n 
A 1 118 PHE 118 114 114 PHE PHE A . n 
A 1 119 GLY 119 115 115 GLY GLY A . n 
A 1 120 SER 120 116 116 SER SER A . n 
A 1 121 HIS 121 117 117 HIS HIS A . n 
A 1 122 LYS 122 118 118 LYS LYS A . n 
A 1 123 ALA 123 119 119 ALA ALA A . n 
A 1 124 VAL 124 120 120 VAL VAL A . n 
A 1 125 THR 125 121 121 THR THR A . n 
A 1 126 ARG 126 122 122 ARG ARG A . n 
A 1 127 ALA 127 123 123 ALA ALA A . n 
A 1 128 GLY 128 124 124 GLY GLY A . n 
A 1 129 GLN 129 125 125 GLN GLN A . n 
A 1 130 ALA 130 126 126 ALA ALA A . n 
A 1 131 ALA 131 127 127 ALA ALA A . n 
A 1 132 ARG 132 128 128 ARG ARG A . n 
A 1 133 ALA 133 129 129 ALA ALA A . n 
A 1 134 THR 134 130 130 THR THR A . n 
A 1 135 SER 135 131 131 SER SER A . n 
A 1 136 VAL 136 132 132 VAL VAL A . n 
A 1 137 GLU 137 133 133 GLU GLU A . n 
A 1 138 VAL 138 134 134 VAL VAL A . n 
A 1 139 ALA 139 135 135 ALA ALA A . n 
A 1 140 GLU 140 136 136 GLU GLU A . n 
A 1 141 LEU 141 137 137 LEU LEU A . n 
A 1 142 TRP 142 138 138 TRP TRP A . n 
A 1 143 SER 143 139 139 SER SER A . n 
A 1 144 THR 144 140 140 THR THR A . n 
A 1 145 PHE 145 141 141 PHE PHE A . n 
A 1 146 MET 146 142 142 MET MET A . n 
A 1 147 GLN 147 143 143 GLN GLN A . n 
A 1 148 LYS 148 144 144 LYS LYS A . n 
A 1 149 TRP 149 145 145 TRP TRP A . n 
A 1 150 ILE 150 146 146 ILE ILE A . n 
A 1 151 ALA 151 147 147 ALA ALA A . n 
A 1 152 TYR 152 148 148 TYR TYR A . n 
A 1 153 THR 153 149 149 THR THR A . n 
A 1 154 ALA 154 150 150 ALA ALA A . n 
A 1 155 ALA 155 151 151 ALA ALA A . n 
A 1 156 VAL 156 152 152 VAL VAL A . n 
A 1 157 ILE 157 153 153 ILE ILE A . n 
A 1 158 ASP 158 154 154 ASP ASP A . n 
A 1 159 ALA 159 155 155 ALA ALA A . n 
A 1 160 GLU 160 156 156 GLU GLU A . n 
A 1 161 ARG 161 157 157 ARG ARG A . n 
A 1 162 ASP 162 158 158 ASP ASP A . n 
A 1 163 ARG 163 159 159 ARG ARG A . n 
A 1 164 GLY 164 160 160 GLY GLY A . n 
A 1 165 ALA 165 161 161 ALA ALA A . n 
A 1 166 ALA 166 162 162 ALA ALA A . n 
A 1 167 PRO 167 163 163 PRO PRO A . n 
A 1 168 ARG 168 164 164 ARG ARG A . n 
A 1 169 THR 169 165 165 THR THR A . n 
A 1 170 LEU 170 166 166 LEU LEU A . n 
A 1 171 PRO 171 167 167 PRO PRO A . n 
A 1 172 ALA 172 168 168 ALA ALA A . n 
A 1 173 HIS 173 169 169 HIS HIS A . n 
A 1 174 GLU 174 170 170 GLU GLU A . n 
A 1 175 LEU 175 171 171 LEU LEU A . n 
A 1 176 ALA 176 172 172 ALA ALA A . n 
A 1 177 THR 177 173 173 THR THR A . n 
A 1 178 ALA 178 174 174 ALA ALA A . n 
A 1 179 LEU 179 175 175 LEU LEU A . n 
A 1 180 ASN 180 176 176 ASN ASN A . n 
A 1 181 LEU 181 177 177 LEU LEU A . n 
A 1 182 MET 182 178 178 MET MET A . n 
A 1 183 ASN 183 179 179 ASN ASN A . n 
A 1 184 GLU 184 180 180 GLU GLU A . n 
A 1 185 ARG 185 181 181 ARG ARG A . n 
A 1 186 THR 186 182 182 THR THR A . n 
A 1 187 LEU 187 183 183 LEU LEU A . n 
A 1 188 PHE 188 184 184 PHE PHE A . n 
A 1 189 ALA 189 185 185 ALA ALA A . n 
A 1 190 SER 190 186 186 SER SER A . n 
A 1 191 PHE 191 187 187 PHE PHE A . n 
A 1 192 ALA 192 188 188 ALA ALA A . n 
A 1 193 GLY 193 189 189 GLY GLY A . n 
A 1 194 GLU 194 190 190 GLU GLU A . n 
A 1 195 GLN 195 191 191 GLN GLN A . n 
A 1 196 PRO 196 192 192 PRO PRO A . n 
A 1 197 SER 197 193 193 SER SER A . n 
A 1 198 VAL 198 194 194 VAL VAL A . n 
A 1 199 PRO 199 195 195 PRO PRO A . n 
A 1 200 GLU 200 196 196 GLU GLU A . n 
A 1 201 ALA 201 197 197 ALA ALA A . n 
A 1 202 ARG 202 198 198 ARG ARG A . n 
A 1 203 VAL 203 199 199 VAL VAL A . n 
A 1 204 LEU 204 200 200 LEU LEU A . n 
A 1 205 ASP 205 201 201 ASP ASP A . n 
A 1 206 THR 206 202 202 THR THR A . n 
A 1 207 LEU 207 203 203 LEU LEU A . n 
A 1 208 VAL 208 204 204 VAL VAL A . n 
A 1 209 HIS 209 205 205 HIS HIS A . n 
A 1 210 ILE 210 206 206 ILE ILE A . n 
A 1 211 TRP 211 207 207 TRP TRP A . n 
A 1 212 VAL 212 208 208 VAL VAL A . n 
A 1 213 THR 213 209 209 THR THR A . n 
A 1 214 SER 214 210 210 SER SER A . n 
A 1 215 ILE 215 211 211 ILE ILE A . n 
A 1 216 TYR 216 212 212 TYR TYR A . n 
A 1 217 GLY 217 213 213 GLY GLY A . n 
A 1 218 GLU 218 214 214 GLU GLU A . n 
A 1 219 ASN 219 215 ?   ?   ?   A . n 
A 1 220 ARG 220 216 ?   ?   ?   A . n 
A 1 221 GLY 221 217 ?   ?   ?   A . n 
A 1 222 SER 222 218 ?   ?   ?   A . n 
A 1 223 HIS 223 219 ?   ?   ?   A . n 
A 1 224 HIS 224 220 ?   ?   ?   A . n 
A 1 225 HIS 225 221 ?   ?   ?   A . n 
A 1 226 HIS 226 222 ?   ?   ?   A . n 
A 1 227 HIS 227 223 ?   ?   ?   A . n 
A 1 228 HIS 228 224 ?   ?   ?   A . n 
# 
loop_
_pdbx_nonpoly_scheme.asym_id 
_pdbx_nonpoly_scheme.entity_id 
_pdbx_nonpoly_scheme.mon_id 
_pdbx_nonpoly_scheme.ndb_seq_num 
_pdbx_nonpoly_scheme.pdb_seq_num 
_pdbx_nonpoly_scheme.auth_seq_num 
_pdbx_nonpoly_scheme.pdb_mon_id 
_pdbx_nonpoly_scheme.auth_mon_id 
_pdbx_nonpoly_scheme.pdb_strand_id 
_pdbx_nonpoly_scheme.pdb_ins_code 
B 2 5TB 1  301 1  5TB 173 A . 
C 3 SO4 1  302 1  SO4 SO4 A . 
D 3 SO4 1  303 3  SO4 SO4 A . 
E 4 GOL 1  304 1  GOL GOL A . 
F 5 EDO 1  305 1  EDO EDO A . 
G 6 HOH 1  401 73 HOH HOH A . 
G 6 HOH 2  402 51 HOH HOH A . 
G 6 HOH 3  403 23 HOH HOH A . 
G 6 HOH 4  404 19 HOH HOH A . 
G 6 HOH 5  405 22 HOH HOH A . 
G 6 HOH 6  406 18 HOH HOH A . 
G 6 HOH 7  407 14 HOH HOH A . 
G 6 HOH 8  408 32 HOH HOH A . 
G 6 HOH 9  409 12 HOH HOH A . 
G 6 HOH 10 410 33 HOH HOH A . 
G 6 HOH 11 411 13 HOH HOH A . 
G 6 HOH 12 412 10 HOH HOH A . 
G 6 HOH 13 413 31 HOH HOH A . 
G 6 HOH 14 414 7  HOH HOH A . 
G 6 HOH 15 415 1  HOH HOH A . 
G 6 HOH 16 416 36 HOH HOH A . 
G 6 HOH 17 417 24 HOH HOH A . 
G 6 HOH 18 418 3  HOH HOH A . 
G 6 HOH 19 419 69 HOH HOH A . 
G 6 HOH 20 420 25 HOH HOH A . 
G 6 HOH 21 421 20 HOH HOH A . 
G 6 HOH 22 422 28 HOH HOH A . 
G 6 HOH 23 423 8  HOH HOH A . 
G 6 HOH 24 424 49 HOH HOH A . 
G 6 HOH 25 425 4  HOH HOH A . 
G 6 HOH 26 426 35 HOH HOH A . 
G 6 HOH 27 427 2  HOH HOH A . 
G 6 HOH 28 428 21 HOH HOH A . 
G 6 HOH 29 429 37 HOH HOH A . 
G 6 HOH 30 430 34 HOH HOH A . 
G 6 HOH 31 431 40 HOH HOH A . 
G 6 HOH 32 432 57 HOH HOH A . 
G 6 HOH 33 433 17 HOH HOH A . 
G 6 HOH 34 434 15 HOH HOH A . 
G 6 HOH 35 435 5  HOH HOH A . 
G 6 HOH 36 436 9  HOH HOH A . 
G 6 HOH 37 437 43 HOH HOH A . 
G 6 HOH 38 438 39 HOH HOH A . 
G 6 HOH 39 439 11 HOH HOH A . 
G 6 HOH 40 440 67 HOH HOH A . 
G 6 HOH 41 441 60 HOH HOH A . 
G 6 HOH 42 442 44 HOH HOH A . 
G 6 HOH 43 443 6  HOH HOH A . 
G 6 HOH 44 444 42 HOH HOH A . 
G 6 HOH 45 445 16 HOH HOH A . 
G 6 HOH 46 446 38 HOH HOH A . 
G 6 HOH 47 447 26 HOH HOH A . 
G 6 HOH 48 448 58 HOH HOH A . 
G 6 HOH 49 449 41 HOH HOH A . 
G 6 HOH 50 450 30 HOH HOH A . 
G 6 HOH 51 451 61 HOH HOH A . 
G 6 HOH 52 452 72 HOH HOH A . 
G 6 HOH 53 453 62 HOH HOH A . 
G 6 HOH 54 454 66 HOH HOH A . 
G 6 HOH 55 455 63 HOH HOH A . 
G 6 HOH 56 456 70 HOH HOH A . 
G 6 HOH 57 457 56 HOH HOH A . 
G 6 HOH 58 458 64 HOH HOH A . 
G 6 HOH 59 459 52 HOH HOH A . 
G 6 HOH 60 460 48 HOH HOH A . 
G 6 HOH 61 461 54 HOH HOH A . 
G 6 HOH 62 462 47 HOH HOH A . 
G 6 HOH 63 463 50 HOH HOH A . 
G 6 HOH 64 464 59 HOH HOH A . 
G 6 HOH 65 465 71 HOH HOH A . 
G 6 HOH 66 466 46 HOH HOH A . 
G 6 HOH 67 467 53 HOH HOH A . 
G 6 HOH 68 468 29 HOH HOH A . 
G 6 HOH 69 469 45 HOH HOH A . 
G 6 HOH 70 470 65 HOH HOH A . 
G 6 HOH 71 471 27 HOH HOH A . 
G 6 HOH 72 472 68 HOH HOH A . 
G 6 HOH 73 473 55 HOH HOH A . 
# 
loop_
_pdbx_unobs_or_zero_occ_atoms.id 
_pdbx_unobs_or_zero_occ_atoms.PDB_model_num 
_pdbx_unobs_or_zero_occ_atoms.polymer_flag 
_pdbx_unobs_or_zero_occ_atoms.occupancy_flag 
_pdbx_unobs_or_zero_occ_atoms.auth_asym_id 
_pdbx_unobs_or_zero_occ_atoms.auth_comp_id 
_pdbx_unobs_or_zero_occ_atoms.auth_seq_id 
_pdbx_unobs_or_zero_occ_atoms.PDB_ins_code 
_pdbx_unobs_or_zero_occ_atoms.auth_atom_id 
_pdbx_unobs_or_zero_occ_atoms.label_alt_id 
_pdbx_unobs_or_zero_occ_atoms.label_asym_id 
_pdbx_unobs_or_zero_occ_atoms.label_comp_id 
_pdbx_unobs_or_zero_occ_atoms.label_seq_id 
_pdbx_unobs_or_zero_occ_atoms.label_atom_id 
1  1 Y 1 A ARG 25  ? CD  ? A ARG 29  CD  
2  1 Y 1 A ARG 25  ? NE  ? A ARG 29  NE  
3  1 Y 1 A ARG 25  ? CZ  ? A ARG 29  CZ  
4  1 Y 1 A ARG 25  ? NH1 ? A ARG 29  NH1 
5  1 Y 1 A ARG 25  ? NH2 ? A ARG 29  NH2 
6  1 Y 1 A LYS 52  ? CG  ? A LYS 56  CG  
7  1 Y 1 A LYS 52  ? CD  ? A LYS 56  CD  
8  1 Y 1 A LYS 52  ? CE  ? A LYS 56  CE  
9  1 Y 1 A LYS 52  ? NZ  ? A LYS 56  NZ  
10 1 Y 1 A GLU 214 ? CD  ? A GLU 218 CD  
11 1 Y 1 A GLU 214 ? OE1 ? A GLU 218 OE1 
12 1 Y 1 A GLU 214 ? OE2 ? A GLU 218 OE2 
# 
loop_
_software.citation_id 
_software.classification 
_software.compiler_name 
_software.compiler_version 
_software.contact_author 
_software.contact_author_email 
_software.date 
_software.description 
_software.dependencies 
_software.hardware 
_software.language 
_software.location 
_software.mods 
_software.name 
_software.os 
_software.os_version 
_software.type 
_software.version 
_software.pdbx_ordinal 
? refinement        ? ? ? ? ? ? ? ? ? ? ? PHENIX      ? ? ? '(1.10.1_2155: ???)' 1 
? 'data scaling'    ? ? ? ? ? ? ? ? ? ? ? Aimless     ? ? ? 0.1.29               2 
? phasing           ? ? ? ? ? ? ? ? ? ? ? PHASER      ? ? ? 2.3.0                3 
? 'data extraction' ? ? ? ? ? ? ? ? ? ? ? PDB_EXTRACT ? ? ? 3.15                 4 
? 'data reduction'  ? ? ? ? ? ? ? ? ? ? ? xia2        ? ? ? .                    5 
? phasing           ? ? ? ? ? ? ? ? ? ? ? PHASER      ? ? ? .                    6 
# 
_cell.angle_alpha                  90.000 
_cell.angle_alpha_esd              ? 
_cell.angle_beta                   90.000 
_cell.angle_beta_esd               ? 
_cell.angle_gamma                  90.000 
_cell.angle_gamma_esd              ? 
_cell.entry_id                     5F04 
_cell.details                      ? 
_cell.formula_units_Z              ? 
_cell.length_a                     121.790 
_cell.length_a_esd                 ? 
_cell.length_b                     121.790 
_cell.length_b_esd                 ? 
_cell.length_c                     33.840 
_cell.length_c_esd                 ? 
_cell.volume                       ? 
_cell.volume_esd                   ? 
_cell.Z_PDB                        8 
_cell.reciprocal_angle_alpha       ? 
_cell.reciprocal_angle_beta        ? 
_cell.reciprocal_angle_gamma       ? 
_cell.reciprocal_angle_alpha_esd   ? 
_cell.reciprocal_angle_beta_esd    ? 
_cell.reciprocal_angle_gamma_esd   ? 
_cell.reciprocal_length_a          ? 
_cell.reciprocal_length_b          ? 
_cell.reciprocal_length_c          ? 
_cell.reciprocal_length_a_esd      ? 
_cell.reciprocal_length_b_esd      ? 
_cell.reciprocal_length_c_esd      ? 
_cell.pdbx_unique_axis             ? 
# 
_symmetry.entry_id                         5F04 
_symmetry.cell_setting                     ? 
_symmetry.Int_Tables_number                92 
_symmetry.space_group_name_Hall            ? 
_symmetry.space_group_name_H-M             'P 41 21 2' 
_symmetry.pdbx_full_space_group_name_H-M   ? 
# 
_exptl.absorpt_coefficient_mu     ? 
_exptl.absorpt_correction_T_max   ? 
_exptl.absorpt_correction_T_min   ? 
_exptl.absorpt_correction_type    ? 
_exptl.absorpt_process_details    ? 
_exptl.entry_id                   5F04 
_exptl.crystals_number            1 
_exptl.details                    ? 
_exptl.method                     'X-RAY DIFFRACTION' 
_exptl.method_details             ? 
# 
_exptl_crystal.colour                      ? 
_exptl_crystal.density_diffrn              ? 
_exptl_crystal.density_Matthews            2.48 
_exptl_crystal.density_method              ? 
_exptl_crystal.density_percent_sol         50.48 
_exptl_crystal.description                 ? 
_exptl_crystal.F_000                       ? 
_exptl_crystal.id                          1 
_exptl_crystal.preparation                 ? 
_exptl_crystal.size_max                    ? 
_exptl_crystal.size_mid                    ? 
_exptl_crystal.size_min                    ? 
_exptl_crystal.size_rad                    ? 
_exptl_crystal.colour_lustre               ? 
_exptl_crystal.colour_modifier             ? 
_exptl_crystal.colour_primary              ? 
_exptl_crystal.density_meas                ? 
_exptl_crystal.density_meas_esd            ? 
_exptl_crystal.density_meas_gt             ? 
_exptl_crystal.density_meas_lt             ? 
_exptl_crystal.density_meas_temp           ? 
_exptl_crystal.density_meas_temp_esd       ? 
_exptl_crystal.density_meas_temp_gt        ? 
_exptl_crystal.density_meas_temp_lt        ? 
_exptl_crystal.pdbx_crystal_image_url      ? 
_exptl_crystal.pdbx_crystal_image_format   ? 
_exptl_crystal.pdbx_mosaicity              ? 
_exptl_crystal.pdbx_mosaicity_esd          ? 
# 
_exptl_crystal_grow.apparatus       ? 
_exptl_crystal_grow.atmosphere      ? 
_exptl_crystal_grow.crystal_id      1 
_exptl_crystal_grow.details         ? 
_exptl_crystal_grow.method          'VAPOR DIFFUSION, SITTING DROP' 
_exptl_crystal_grow.method_ref      ? 
_exptl_crystal_grow.pH              6.5 
_exptl_crystal_grow.pressure        ? 
_exptl_crystal_grow.pressure_esd    ? 
_exptl_crystal_grow.seeding         ? 
_exptl_crystal_grow.seeding_ref     ? 
_exptl_crystal_grow.temp            298 
_exptl_crystal_grow.temp_details    ? 
_exptl_crystal_grow.temp_esd        ? 
_exptl_crystal_grow.time            ? 
_exptl_crystal_grow.pdbx_details    'Ammonium sulphate, Glycerol, MES' 
_exptl_crystal_grow.pdbx_pH_range   '6.3 - 6.5' 
# 
_diffrn.ambient_environment    ? 
_diffrn.ambient_temp           100 
_diffrn.ambient_temp_details   ? 
_diffrn.ambient_temp_esd       ? 
_diffrn.crystal_id             1 
_diffrn.crystal_support        ? 
_diffrn.crystal_treatment      ? 
_diffrn.details                ? 
_diffrn.id                     1 
_diffrn.ambient_pressure       ? 
_diffrn.ambient_pressure_esd   ? 
_diffrn.ambient_pressure_gt    ? 
_diffrn.ambient_pressure_lt    ? 
_diffrn.ambient_temp_gt        ? 
_diffrn.ambient_temp_lt        ? 
# 
_diffrn_detector.details                      ? 
_diffrn_detector.detector                     PIXEL 
_diffrn_detector.diffrn_id                    1 
_diffrn_detector.type                         'DECTRIS PILATUS 6M' 
_diffrn_detector.area_resol_mean              ? 
_diffrn_detector.dtime                        ? 
_diffrn_detector.pdbx_frames_total            ? 
_diffrn_detector.pdbx_collection_time_total   ? 
_diffrn_detector.pdbx_collection_date         2013-12-11 
# 
_diffrn_radiation.collimation                      ? 
_diffrn_radiation.diffrn_id                        1 
_diffrn_radiation.filter_edge                      ? 
_diffrn_radiation.inhomogeneity                    ? 
_diffrn_radiation.monochromator                    ? 
_diffrn_radiation.polarisn_norm                    ? 
_diffrn_radiation.polarisn_ratio                   ? 
_diffrn_radiation.probe                            ? 
_diffrn_radiation.type                             ? 
_diffrn_radiation.xray_symbol                      ? 
_diffrn_radiation.wavelength_id                    1 
_diffrn_radiation.pdbx_monochromatic_or_laue_m_l   M 
_diffrn_radiation.pdbx_wavelength_list             ? 
_diffrn_radiation.pdbx_wavelength                  ? 
_diffrn_radiation.pdbx_diffrn_protocol             'SINGLE WAVELENGTH' 
_diffrn_radiation.pdbx_analyzer                    ? 
_diffrn_radiation.pdbx_scattering_type             x-ray 
# 
_diffrn_radiation_wavelength.id           1 
_diffrn_radiation_wavelength.wavelength   0.97943 
_diffrn_radiation_wavelength.wt           1.0 
# 
_diffrn_source.current                     ? 
_diffrn_source.details                     ? 
_diffrn_source.diffrn_id                   1 
_diffrn_source.power                       ? 
_diffrn_source.size                        ? 
_diffrn_source.source                      SYNCHROTRON 
_diffrn_source.target                      ? 
_diffrn_source.type                        'DIAMOND BEAMLINE I04' 
_diffrn_source.voltage                     ? 
_diffrn_source.take-off_angle              ? 
_diffrn_source.pdbx_wavelength_list        0.97943 
_diffrn_source.pdbx_wavelength             ? 
_diffrn_source.pdbx_synchrotron_beamline   I04 
_diffrn_source.pdbx_synchrotron_site       Diamond 
# 
_reflns.B_iso_Wilson_estimate            ? 
_reflns.entry_id                         5F04 
_reflns.data_reduction_details           ? 
_reflns.data_reduction_method            ? 
_reflns.d_resolution_high                1.840 
_reflns.d_resolution_low                 86.120 
_reflns.details                          ? 
_reflns.limit_h_max                      ? 
_reflns.limit_h_min                      ? 
_reflns.limit_k_max                      ? 
_reflns.limit_k_min                      ? 
_reflns.limit_l_max                      ? 
_reflns.limit_l_min                      ? 
_reflns.number_all                       ? 
_reflns.number_obs                       22766 
_reflns.observed_criterion               ? 
_reflns.observed_criterion_F_max         ? 
_reflns.observed_criterion_F_min         ? 
_reflns.observed_criterion_I_max         ? 
_reflns.observed_criterion_I_min         ? 
_reflns.observed_criterion_sigma_F       ? 
_reflns.observed_criterion_sigma_I       ? 
_reflns.percent_possible_obs             99.800 
_reflns.R_free_details                   ? 
_reflns.Rmerge_F_all                     ? 
_reflns.Rmerge_F_obs                     ? 
_reflns.Friedel_coverage                 ? 
_reflns.number_gt                        ? 
_reflns.threshold_expression             ? 
_reflns.pdbx_redundancy                  12.600 
_reflns.pdbx_Rmerge_I_obs                0.055 
_reflns.pdbx_Rmerge_I_all                ? 
_reflns.pdbx_Rsym_value                  ? 
_reflns.pdbx_netI_over_av_sigmaI         ? 
_reflns.pdbx_netI_over_sigmaI            27.900 
_reflns.pdbx_res_netI_over_av_sigmaI_2   ? 
_reflns.pdbx_res_netI_over_sigmaI_2      ? 
_reflns.pdbx_chi_squared                 ? 
_reflns.pdbx_scaling_rejects             ? 
_reflns.pdbx_d_res_high_opt              ? 
_reflns.pdbx_d_res_low_opt               ? 
_reflns.pdbx_d_res_opt_method            ? 
_reflns.phase_calculation_details        ? 
_reflns.pdbx_Rrim_I_all                  ? 
_reflns.pdbx_Rpim_I_all                  0.016 
_reflns.pdbx_d_opt                       ? 
_reflns.pdbx_number_measured_all         286725 
_reflns.pdbx_diffrn_id                   1 
_reflns.pdbx_ordinal                     1 
_reflns.pdbx_CC_half                     0.999 
_reflns.pdbx_R_split                     ? 
# 
loop_
_reflns_shell.d_res_high 
_reflns_shell.d_res_low 
_reflns_shell.meanI_over_sigI_all 
_reflns_shell.meanI_over_sigI_obs 
_reflns_shell.number_measured_all 
_reflns_shell.number_measured_obs 
_reflns_shell.number_possible 
_reflns_shell.number_unique_all 
_reflns_shell.number_unique_obs 
_reflns_shell.percent_possible_all 
_reflns_shell.percent_possible_obs 
_reflns_shell.Rmerge_F_all 
_reflns_shell.Rmerge_F_obs 
_reflns_shell.Rmerge_I_all 
_reflns_shell.Rmerge_I_obs 
_reflns_shell.meanI_over_sigI_gt 
_reflns_shell.meanI_over_uI_all 
_reflns_shell.meanI_over_uI_gt 
_reflns_shell.number_measured_gt 
_reflns_shell.number_unique_gt 
_reflns_shell.percent_possible_gt 
_reflns_shell.Rmerge_F_gt 
_reflns_shell.Rmerge_I_gt 
_reflns_shell.pdbx_redundancy 
_reflns_shell.pdbx_Rsym_value 
_reflns_shell.pdbx_chi_squared 
_reflns_shell.pdbx_netI_over_sigmaI_all 
_reflns_shell.pdbx_netI_over_sigmaI_obs 
_reflns_shell.pdbx_Rrim_I_all 
_reflns_shell.pdbx_Rpim_I_all 
_reflns_shell.pdbx_rejects 
_reflns_shell.pdbx_ordinal 
_reflns_shell.pdbx_diffrn_id 
_reflns_shell.pdbx_CC_half 
_reflns_shell.pdbx_R_split 
1.840 1.890  ? 4.100  22201 ? ? 1665 ? 99.200 ? ? ? ? 0.908 ? ? ? ? ? ? ? ? 13.300 ? ? ? ? ? 0.254 0 1 1 0.926 ? 
8.230 86.120 ? 66.300 2937  ? ? 319  ? 99.000 ? ? ? ? 0.023 ? ? ? ? ? ? ? ? 9.200  ? ? ? ? ? 0.008 0 2 1 0.999 ? 
# 
_refine.aniso_B[1][1]                            ? 
_refine.aniso_B[1][2]                            ? 
_refine.aniso_B[1][3]                            ? 
_refine.aniso_B[2][2]                            ? 
_refine.aniso_B[2][3]                            ? 
_refine.aniso_B[3][3]                            ? 
_refine.B_iso_max                                83.330 
_refine.B_iso_mean                               34.8161 
_refine.B_iso_min                                14.670 
_refine.correlation_coeff_Fo_to_Fc               ? 
_refine.correlation_coeff_Fo_to_Fc_free          ? 
_refine.details                                  ? 
_refine.diff_density_max                         ? 
_refine.diff_density_max_esd                     ? 
_refine.diff_density_min                         ? 
_refine.diff_density_min_esd                     ? 
_refine.diff_density_rms                         ? 
_refine.diff_density_rms_esd                     ? 
_refine.entry_id                                 5F04 
_refine.pdbx_refine_id                           'X-RAY DIFFRACTION' 
_refine.ls_abs_structure_details                 ? 
_refine.ls_abs_structure_Flack                   ? 
_refine.ls_abs_structure_Flack_esd               ? 
_refine.ls_abs_structure_Rogers                  ? 
_refine.ls_abs_structure_Rogers_esd              ? 
_refine.ls_d_res_high                            1.8400 
_refine.ls_d_res_low                             54.4660 
_refine.ls_extinction_coef                       ? 
_refine.ls_extinction_coef_esd                   ? 
_refine.ls_extinction_expression                 ? 
_refine.ls_extinction_method                     ? 
_refine.ls_goodness_of_fit_all                   ? 
_refine.ls_goodness_of_fit_all_esd               ? 
_refine.ls_goodness_of_fit_obs                   ? 
_refine.ls_goodness_of_fit_obs_esd               ? 
_refine.ls_hydrogen_treatment                    ? 
_refine.ls_matrix_type                           ? 
_refine.ls_number_constraints                    ? 
_refine.ls_number_parameters                     ? 
_refine.ls_number_reflns_all                     ? 
_refine.ls_number_reflns_obs                     22719 
_refine.ls_number_reflns_R_free                  1162 
_refine.ls_number_reflns_R_work                  21557 
_refine.ls_number_restraints                     ? 
_refine.ls_percent_reflns_obs                    99.7900 
_refine.ls_percent_reflns_R_free                 5.1100 
_refine.ls_R_factor_all                          ? 
_refine.ls_R_factor_obs                          0.1932 
_refine.ls_R_factor_R_free                       0.2196 
_refine.ls_R_factor_R_free_error                 ? 
_refine.ls_R_factor_R_free_error_details         ? 
_refine.ls_R_factor_R_work                       0.1918 
_refine.ls_R_Fsqd_factor_obs                     ? 
_refine.ls_R_I_factor_obs                        ? 
_refine.ls_redundancy_reflns_all                 ? 
_refine.ls_redundancy_reflns_obs                 ? 
_refine.ls_restrained_S_all                      ? 
_refine.ls_restrained_S_obs                      ? 
_refine.ls_shift_over_esd_max                    ? 
_refine.ls_shift_over_esd_mean                   ? 
_refine.ls_structure_factor_coef                 ? 
_refine.ls_weighting_details                     ? 
_refine.ls_weighting_scheme                      ? 
_refine.ls_wR_factor_all                         ? 
_refine.ls_wR_factor_obs                         ? 
_refine.ls_wR_factor_R_free                      ? 
_refine.ls_wR_factor_R_work                      ? 
_refine.occupancy_max                            ? 
_refine.occupancy_min                            ? 
_refine.solvent_model_details                    'FLAT BULK SOLVENT MODEL' 
_refine.solvent_model_param_bsol                 ? 
_refine.solvent_model_param_ksol                 ? 
_refine.ls_R_factor_gt                           ? 
_refine.ls_goodness_of_fit_gt                    ? 
_refine.ls_goodness_of_fit_ref                   ? 
_refine.ls_shift_over_su_max                     ? 
_refine.ls_shift_over_su_max_lt                  ? 
_refine.ls_shift_over_su_mean                    ? 
_refine.ls_shift_over_su_mean_lt                 ? 
_refine.pdbx_ls_sigma_I                          ? 
_refine.pdbx_ls_sigma_F                          1.350 
_refine.pdbx_ls_sigma_Fsqd                       ? 
_refine.pdbx_data_cutoff_high_absF               ? 
_refine.pdbx_data_cutoff_high_rms_absF           ? 
_refine.pdbx_data_cutoff_low_absF                ? 
_refine.pdbx_isotropic_thermal_model             ? 
_refine.pdbx_ls_cross_valid_method               'FREE R-VALUE' 
_refine.pdbx_method_to_determine_struct          'MOLECULAR REPLACEMENT' 
_refine.pdbx_starting_model                      1T56 
_refine.pdbx_stereochemistry_target_values       ML 
_refine.pdbx_R_Free_selection_details            ? 
_refine.pdbx_stereochem_target_val_spec_case     ? 
_refine.pdbx_overall_ESU_R                       ? 
_refine.pdbx_overall_ESU_R_Free                  ? 
_refine.pdbx_solvent_vdw_probe_radii             1.1100 
_refine.pdbx_solvent_ion_probe_radii             ? 
_refine.pdbx_solvent_shrinkage_radii             0.9000 
_refine.pdbx_real_space_R                        ? 
_refine.pdbx_density_correlation                 ? 
_refine.pdbx_pd_number_of_powder_patterns        ? 
_refine.pdbx_pd_number_of_points                 ? 
_refine.pdbx_pd_meas_number_of_points            ? 
_refine.pdbx_pd_proc_ls_prof_R_factor            ? 
_refine.pdbx_pd_proc_ls_prof_wR_factor           ? 
_refine.pdbx_pd_Marquardt_correlation_coeff      ? 
_refine.pdbx_pd_Fsqrd_R_factor                   ? 
_refine.pdbx_pd_ls_matrix_band_width             ? 
_refine.pdbx_overall_phase_error                 21.2600 
_refine.pdbx_overall_SU_R_free_Cruickshank_DPI   ? 
_refine.pdbx_overall_SU_R_free_Blow_DPI          ? 
_refine.pdbx_overall_SU_R_Blow_DPI               ? 
_refine.pdbx_TLS_residual_ADP_flag               ? 
_refine.pdbx_diffrn_id                           1 
_refine.overall_SU_B                             ? 
_refine.overall_SU_ML                            0.2000 
_refine.overall_SU_R_Cruickshank_DPI             ? 
_refine.overall_SU_R_free                        ? 
_refine.overall_FOM_free_R_set                   ? 
_refine.overall_FOM_work_R_set                   ? 
_refine.pdbx_average_fsc_overall                 ? 
_refine.pdbx_average_fsc_work                    ? 
_refine.pdbx_average_fsc_free                    ? 
# 
_refine_hist.cycle_id                         final 
_refine_hist.pdbx_refine_id                   'X-RAY DIFFRACTION' 
_refine_hist.d_res_high                       1.8400 
_refine_hist.d_res_low                        54.4660 
_refine_hist.pdbx_number_atoms_ligand         44 
_refine_hist.number_atoms_solvent             73 
_refine_hist.number_atoms_total               1595 
_refine_hist.pdbx_number_residues_total       191 
_refine_hist.pdbx_B_iso_mean_ligand           49.54 
_refine_hist.pdbx_B_iso_mean_solvent          43.55 
_refine_hist.pdbx_number_atoms_protein        1478 
_refine_hist.pdbx_number_atoms_nucleic_acid   0 
# 
loop_
_refine_ls_restr.pdbx_refine_id 
_refine_ls_restr.criterion 
_refine_ls_restr.dev_ideal 
_refine_ls_restr.dev_ideal_target 
_refine_ls_restr.number 
_refine_ls_restr.rejects 
_refine_ls_restr.type 
_refine_ls_restr.weight 
_refine_ls_restr.pdbx_restraint_function 
'X-RAY DIFFRACTION' ? 0.007  ? 1581 ? f_bond_d           ? ? 
'X-RAY DIFFRACTION' ? 0.884  ? 2159 ? f_angle_d          ? ? 
'X-RAY DIFFRACTION' ? 0.049  ? 244  ? f_chiral_restr     ? ? 
'X-RAY DIFFRACTION' ? 0.005  ? 277  ? f_plane_restr      ? ? 
'X-RAY DIFFRACTION' ? 12.515 ? 937  ? f_dihedral_angle_d ? ? 
# 
loop_
_refine_ls_shell.pdbx_refine_id 
_refine_ls_shell.d_res_high 
_refine_ls_shell.d_res_low 
_refine_ls_shell.number_reflns_all 
_refine_ls_shell.number_reflns_obs 
_refine_ls_shell.number_reflns_R_free 
_refine_ls_shell.number_reflns_R_work 
_refine_ls_shell.percent_reflns_obs 
_refine_ls_shell.percent_reflns_R_free 
_refine_ls_shell.R_factor_all 
_refine_ls_shell.R_factor_obs 
_refine_ls_shell.R_factor_R_free 
_refine_ls_shell.R_factor_R_free_error 
_refine_ls_shell.R_factor_R_work 
_refine_ls_shell.redundancy_reflns_all 
_refine_ls_shell.redundancy_reflns_obs 
_refine_ls_shell.wR_factor_all 
_refine_ls_shell.wR_factor_obs 
_refine_ls_shell.wR_factor_R_free 
_refine_ls_shell.wR_factor_R_work 
_refine_ls_shell.pdbx_total_number_of_bins_used 
_refine_ls_shell.pdbx_phase_error 
_refine_ls_shell.pdbx_fsc_work 
_refine_ls_shell.pdbx_fsc_free 
'X-RAY DIFFRACTION' 1.8400 1.9238  2751 . 145 2606 99.0000  . . . 0.2885 . 0.2379 . . . . . . 8 . . . 
'X-RAY DIFFRACTION' 1.9238 2.0252  2785 . 125 2660 100.0000 . . . 0.2850 . 0.2130 . . . . . . 8 . . . 
'X-RAY DIFFRACTION' 2.0252 2.1521  2802 . 161 2641 100.0000 . . . 0.2454 . 0.2023 . . . . . . 8 . . . 
'X-RAY DIFFRACTION' 2.1521 2.3183  2788 . 144 2644 100.0000 . . . 0.2251 . 0.2042 . . . . . . 8 . . . 
'X-RAY DIFFRACTION' 2.3183 2.5516  2818 . 164 2654 100.0000 . . . 0.2409 . 0.1961 . . . . . . 8 . . . 
'X-RAY DIFFRACTION' 2.5516 2.9208  2847 . 140 2707 100.0000 . . . 0.2237 . 0.1931 . . . . . . 8 . . . 
'X-RAY DIFFRACTION' 2.9208 3.6797  2885 . 159 2726 100.0000 . . . 0.2067 . 0.1875 . . . . . . 8 . . . 
'X-RAY DIFFRACTION' 3.6797 54.4900 3043 . 124 2919 100.0000 . . . 0.1964 . 0.1824 . . . . . . 8 . . . 
# 
_struct.entry_id                     5F04 
_struct.title                        
;Structure of Transcriptional Regulatory Repressor Protein - EthR from Mycobacterium Tuberculosis in complex with compound 3 at 1.84A resolution
;
_struct.pdbx_model_details           ? 
_struct.pdbx_formula_weight          ? 
_struct.pdbx_formula_weight_method   ? 
_struct.pdbx_model_type_details      ? 
_struct.pdbx_CASP_flag               ? 
# 
_struct_keywords.entry_id        5F04 
_struct_keywords.text            'EthR, transcription, repressor, Mycobacterium tuberculosis' 
_struct_keywords.pdbx_keywords   TRANSCRIPTION 
# 
loop_
_struct_asym.id 
_struct_asym.pdbx_blank_PDB_chainid_flag 
_struct_asym.pdbx_modified 
_struct_asym.entity_id 
_struct_asym.details 
A N N 1 ? 
B N N 2 ? 
C N N 3 ? 
D N N 3 ? 
E N N 4 ? 
F N N 5 ? 
G N N 6 ? 
# 
_struct_ref.id                         1 
_struct_ref.db_name                    UNP 
_struct_ref.db_code                    ETHR_MYCTO 
_struct_ref.pdbx_db_accession          P9WMC0 
_struct_ref.pdbx_db_isoform            ? 
_struct_ref.entity_id                  1 
_struct_ref.pdbx_seq_one_letter_code   
;TTSAASQASLPRGRRTARPSGDDRELAILATAENLLEDRPLADISVDDLAKGAGISRPTFYFYFPSKEAVLLTLLDRVVN
QADMALQTLAENPADTDRENMWRTGINVFFETFGSHKAVTRAGQAARATSVEVAELWSTFMQKWIAYTAAVIDAERDRGA
APRTLPAHELATALNLMNERTLFASFAGEQPSVPEARVLDTLVHIWVTSIYGENR
;
_struct_ref.pdbx_align_begin           2 
# 
_struct_ref_seq.align_id                      1 
_struct_ref_seq.ref_id                        1 
_struct_ref_seq.pdbx_PDB_id_code              5F04 
_struct_ref_seq.pdbx_strand_id                A 
_struct_ref_seq.seq_align_beg                 6 
_struct_ref_seq.pdbx_seq_align_beg_ins_code   ? 
_struct_ref_seq.seq_align_end                 220 
_struct_ref_seq.pdbx_seq_align_end_ins_code   ? 
_struct_ref_seq.pdbx_db_accession             P9WMC0 
_struct_ref_seq.db_align_beg                  2 
_struct_ref_seq.pdbx_db_align_beg_ins_code    ? 
_struct_ref_seq.db_align_end                  216 
_struct_ref_seq.pdbx_db_align_end_ins_code    ? 
_struct_ref_seq.pdbx_auth_seq_align_beg       2 
_struct_ref_seq.pdbx_auth_seq_align_end       216 
# 
loop_
_struct_ref_seq_dif.align_id 
_struct_ref_seq_dif.pdbx_pdb_id_code 
_struct_ref_seq_dif.mon_id 
_struct_ref_seq_dif.pdbx_pdb_strand_id 
_struct_ref_seq_dif.seq_num 
_struct_ref_seq_dif.pdbx_pdb_ins_code 
_struct_ref_seq_dif.pdbx_seq_db_name 
_struct_ref_seq_dif.pdbx_seq_db_accession_code 
_struct_ref_seq_dif.db_mon_id 
_struct_ref_seq_dif.pdbx_seq_db_seq_num 
_struct_ref_seq_dif.details 
_struct_ref_seq_dif.pdbx_auth_seq_num 
_struct_ref_seq_dif.pdbx_ordinal 
1 5F04 MET A 1   ? UNP P9WMC0 ? ? 'initiating methionine' -3  1  
1 5F04 ASP A 2   ? UNP P9WMC0 ? ? 'expression tag'        -2  2  
1 5F04 ILE A 3   ? UNP P9WMC0 ? ? 'expression tag'        -1  3  
1 5F04 GLU A 4   ? UNP P9WMC0 ? ? 'expression tag'        0   4  
1 5F04 PHE A 5   ? UNP P9WMC0 ? ? 'expression tag'        1   5  
1 5F04 GLY A 221 ? UNP P9WMC0 ? ? 'expression tag'        217 6  
1 5F04 SER A 222 ? UNP P9WMC0 ? ? 'expression tag'        218 7  
1 5F04 HIS A 223 ? UNP P9WMC0 ? ? 'expression tag'        219 8  
1 5F04 HIS A 224 ? UNP P9WMC0 ? ? 'expression tag'        220 9  
1 5F04 HIS A 225 ? UNP P9WMC0 ? ? 'expression tag'        221 10 
1 5F04 HIS A 226 ? UNP P9WMC0 ? ? 'expression tag'        222 11 
1 5F04 HIS A 227 ? UNP P9WMC0 ? ? 'expression tag'        223 12 
1 5F04 HIS A 228 ? UNP P9WMC0 ? ? 'expression tag'        224 13 
# 
_pdbx_struct_assembly.id                   1 
_pdbx_struct_assembly.details              software_defined_assembly 
_pdbx_struct_assembly.method_details       PISA 
_pdbx_struct_assembly.oligomeric_details   dimeric 
_pdbx_struct_assembly.oligomeric_count     2 
# 
loop_
_pdbx_struct_assembly_prop.biol_id 
_pdbx_struct_assembly_prop.type 
_pdbx_struct_assembly_prop.value 
_pdbx_struct_assembly_prop.details 
1 'ABSA (A^2)' 4160  ? 
1 MORE         -70   ? 
1 'SSA (A^2)'  17330 ? 
# 
_pdbx_struct_assembly_gen.assembly_id       1 
_pdbx_struct_assembly_gen.oper_expression   1,2 
_pdbx_struct_assembly_gen.asym_id_list      A,B,C,D,E,F,G 
# 
loop_
_pdbx_struct_oper_list.id 
_pdbx_struct_oper_list.type 
_pdbx_struct_oper_list.name 
_pdbx_struct_oper_list.symmetry_operation 
_pdbx_struct_oper_list.matrix[1][1] 
_pdbx_struct_oper_list.matrix[1][2] 
_pdbx_struct_oper_list.matrix[1][3] 
_pdbx_struct_oper_list.vector[1] 
_pdbx_struct_oper_list.matrix[2][1] 
_pdbx_struct_oper_list.matrix[2][2] 
_pdbx_struct_oper_list.matrix[2][3] 
_pdbx_struct_oper_list.vector[2] 
_pdbx_struct_oper_list.matrix[3][1] 
_pdbx_struct_oper_list.matrix[3][2] 
_pdbx_struct_oper_list.matrix[3][3] 
_pdbx_struct_oper_list.vector[3] 
1 'identity operation'         1_555 x,y,z  1.0000000000  0.0000000000  0.0000000000  0.0000000000 0.0000000000  1.0000000000 0.0000000000 0.0000000000  0.0000000000  0.0000000000 1.0000000000  0.0000000000  
2 'crystal symmetry operation' 7_555 y,x,-z -0.9836292594 -0.1616725926 -0.0795955578 7.2872465016 -0.1616725926 0.5966307121 0.7860621897 -9.9681901567 -0.0795955578 0.7860621897 -0.6130014527 21.7459468308 
# 
loop_
_struct_conf.conf_type_id 
_struct_conf.id 
_struct_conf.pdbx_PDB_helix_id 
_struct_conf.beg_label_comp_id 
_struct_conf.beg_label_asym_id 
_struct_conf.beg_label_seq_id 
_struct_conf.pdbx_beg_PDB_ins_code 
_struct_conf.end_label_comp_id 
_struct_conf.end_label_asym_id 
_struct_conf.end_label_seq_id 
_struct_conf.pdbx_end_PDB_ins_code 
_struct_conf.beg_auth_comp_id 
_struct_conf.beg_auth_asym_id 
_struct_conf.beg_auth_seq_id 
_struct_conf.end_auth_comp_id 
_struct_conf.end_auth_asym_id 
_struct_conf.end_auth_seq_id 
_struct_conf.pdbx_PDB_helix_class 
_struct_conf.details 
_struct_conf.pdbx_PDB_helix_length 
HELX_P HELX_P1  AA1 ASP A 28  ? ARG A 44  ? ASP A 24  ARG A 40  1 ? 17 
HELX_P HELX_P2  AA2 PRO A 45  ? ILE A 49  ? PRO A 41  ILE A 45  5 ? 5  
HELX_P HELX_P3  AA3 SER A 50  ? GLY A 59  ? SER A 46  GLY A 55  1 ? 10 
HELX_P HELX_P4  AA4 SER A 61  ? PHE A 69  ? SER A 57  PHE A 65  1 ? 9  
HELX_P HELX_P5  AA5 SER A 71  ? ASN A 97  ? SER A 67  ASN A 93  1 ? 27 
HELX_P HELX_P6  AA6 ASP A 102 ? SER A 120 ? ASP A 98  SER A 116 1 ? 19 
HELX_P HELX_P7  AA7 HIS A 121 ? ARG A 132 ? HIS A 117 ARG A 128 1 ? 12 
HELX_P HELX_P8  AA8 SER A 135 ? ARG A 163 ? SER A 131 ARG A 159 1 ? 29 
HELX_P HELX_P9  AA9 PRO A 171 ? GLY A 193 ? PRO A 167 GLY A 189 1 ? 23 
HELX_P HELX_P10 AB1 PRO A 199 ? GLY A 217 ? PRO A 195 GLY A 213 1 ? 19 
# 
_struct_conf_type.id          HELX_P 
_struct_conf_type.criteria    ? 
_struct_conf_type.reference   ? 
# 
_struct_mon_prot_cis.pdbx_id                1 
_struct_mon_prot_cis.label_comp_id          GLN 
_struct_mon_prot_cis.label_seq_id           195 
_struct_mon_prot_cis.label_asym_id          A 
_struct_mon_prot_cis.label_alt_id           . 
_struct_mon_prot_cis.pdbx_PDB_ins_code      ? 
_struct_mon_prot_cis.auth_comp_id           GLN 
_struct_mon_prot_cis.auth_seq_id            191 
_struct_mon_prot_cis.auth_asym_id           A 
_struct_mon_prot_cis.pdbx_label_comp_id_2   PRO 
_struct_mon_prot_cis.pdbx_label_seq_id_2    196 
_struct_mon_prot_cis.pdbx_label_asym_id_2   A 
_struct_mon_prot_cis.pdbx_PDB_ins_code_2    ? 
_struct_mon_prot_cis.pdbx_auth_comp_id_2    PRO 
_struct_mon_prot_cis.pdbx_auth_seq_id_2     192 
_struct_mon_prot_cis.pdbx_auth_asym_id_2    A 
_struct_mon_prot_cis.pdbx_PDB_model_num     1 
_struct_mon_prot_cis.pdbx_omega_angle       1.59 
# 
loop_
_struct_site.id 
_struct_site.pdbx_evidence_code 
_struct_site.pdbx_auth_asym_id 
_struct_site.pdbx_auth_comp_id 
_struct_site.pdbx_auth_seq_id 
_struct_site.pdbx_auth_ins_code 
_struct_site.pdbx_num_residues 
_struct_site.details 
AC1 Software A 5TB 301 ? 14 'binding site for residue 5TB A 301' 
AC2 Software A SO4 302 ? 3  'binding site for residue SO4 A 302' 
AC3 Software A SO4 303 ? 3  'binding site for residue SO4 A 303' 
AC4 Software A GOL 304 ? 6  'binding site for residue GOL A 304' 
AC5 Software A EDO 305 ? 5  'binding site for residue EDO A 305' 
# 
loop_
_struct_site_gen.id 
_struct_site_gen.site_id 
_struct_site_gen.pdbx_num_res 
_struct_site_gen.label_comp_id 
_struct_site_gen.label_asym_id 
_struct_site_gen.label_seq_id 
_struct_site_gen.pdbx_auth_ins_code 
_struct_site_gen.auth_comp_id 
_struct_site_gen.auth_asym_id 
_struct_site_gen.auth_seq_id 
_struct_site_gen.label_atom_id 
_struct_site_gen.label_alt_id 
_struct_site_gen.symmetry 
_struct_site_gen.details 
1  AC1 14 PHE A 114 ? PHE A 110 . ? 1_555 ? 
2  AC1 14 PHE A 118 ? PHE A 114 . ? 1_555 ? 
3  AC1 14 THR A 125 ? THR A 121 . ? 1_555 ? 
4  AC1 14 GLN A 129 ? GLN A 125 . ? 1_555 ? 
5  AC1 14 MET A 146 ? MET A 142 . ? 1_555 ? 
6  AC1 14 TRP A 149 ? TRP A 145 . ? 1_555 ? 
7  AC1 14 TYR A 152 ? TYR A 148 . ? 1_555 ? 
8  AC1 14 THR A 153 ? THR A 149 . ? 1_555 ? 
9  AC1 14 ASN A 180 ? ASN A 176 . ? 1_555 ? 
10 AC1 14 ASN A 183 ? ASN A 179 . ? 1_555 ? 
11 AC1 14 GLU A 184 ? GLU A 180 . ? 1_555 ? 
12 AC1 14 LEU A 187 ? LEU A 183 . ? 1_555 ? 
13 AC1 14 PHE A 188 ? PHE A 184 . ? 1_555 ? 
14 AC1 14 TRP A 211 ? TRP A 207 . ? 1_555 ? 
15 AC2 3  ASP A 102 ? ASP A 98  . ? 1_555 ? 
16 AC2 3  ARG A 103 ? ARG A 99  . ? 1_555 ? 
17 AC2 3  HOH G .   ? HOH A 403 . ? 1_555 ? 
18 AC3 3  MET A 106 ? MET A 102 . ? 1_555 ? 
19 AC3 3  TRP A 107 ? TRP A 103 . ? 1_555 ? 
20 AC3 3  VAL A 156 ? VAL A 152 . ? 1_555 ? 
21 AC4 6  ASP A 158 ? ASP A 154 . ? 1_555 ? 
22 AC4 6  ARG A 161 ? ARG A 157 . ? 1_555 ? 
23 AC4 6  ARG A 168 ? ARG A 164 . ? 1_555 ? 
24 AC4 6  ARG A 168 ? ARG A 164 . ? 7_554 ? 
25 AC4 6  PRO A 171 ? PRO A 167 . ? 1_555 ? 
26 AC4 6  ALA A 172 ? ALA A 168 . ? 1_555 ? 
27 AC5 5  PRO A 45  ? PRO A 41  . ? 1_555 ? 
28 AC5 5  LEU A 46  ? LEU A 42  . ? 1_555 ? 
29 AC5 5  ARG A 126 ? ARG A 122 . ? 1_555 ? 
30 AC5 5  ALA A 127 ? ALA A 123 . ? 1_555 ? 
31 AC5 5  HOH G .   ? HOH A 407 . ? 1_555 ? 
# 
loop_
_pdbx_validate_close_contact.id 
_pdbx_validate_close_contact.PDB_model_num 
_pdbx_validate_close_contact.auth_atom_id_1 
_pdbx_validate_close_contact.auth_asym_id_1 
_pdbx_validate_close_contact.auth_comp_id_1 
_pdbx_validate_close_contact.auth_seq_id_1 
_pdbx_validate_close_contact.PDB_ins_code_1 
_pdbx_validate_close_contact.label_alt_id_1 
_pdbx_validate_close_contact.auth_atom_id_2 
_pdbx_validate_close_contact.auth_asym_id_2 
_pdbx_validate_close_contact.auth_comp_id_2 
_pdbx_validate_close_contact.auth_seq_id_2 
_pdbx_validate_close_contact.PDB_ins_code_2 
_pdbx_validate_close_contact.label_alt_id_2 
_pdbx_validate_close_contact.dist 
1 1 OD2 A ASP 24  ? ? O A HOH 401 ? ? 1.95 
2 1 ND2 A ASN 179 ? ? O A 5TB 301 ? ? 2.06 
3 1 OD2 A ASP 201 ? ? O A HOH 402 ? ? 2.15 
# 
loop_
_pdbx_validate_symm_contact.id 
_pdbx_validate_symm_contact.PDB_model_num 
_pdbx_validate_symm_contact.auth_atom_id_1 
_pdbx_validate_symm_contact.auth_asym_id_1 
_pdbx_validate_symm_contact.auth_comp_id_1 
_pdbx_validate_symm_contact.auth_seq_id_1 
_pdbx_validate_symm_contact.PDB_ins_code_1 
_pdbx_validate_symm_contact.label_alt_id_1 
_pdbx_validate_symm_contact.site_symmetry_1 
_pdbx_validate_symm_contact.auth_atom_id_2 
_pdbx_validate_symm_contact.auth_asym_id_2 
_pdbx_validate_symm_contact.auth_comp_id_2 
_pdbx_validate_symm_contact.auth_seq_id_2 
_pdbx_validate_symm_contact.PDB_ins_code_2 
_pdbx_validate_symm_contact.label_alt_id_2 
_pdbx_validate_symm_contact.site_symmetry_2 
_pdbx_validate_symm_contact.dist 
1 1 O A HOH 465 ? ? 1_555 O A HOH 472 ? ? 1_554 2.04 
2 1 O A HOH 413 ? ? 1_555 O A HOH 431 ? ? 1_554 2.15 
# 
_pdbx_validate_torsion.id              1 
_pdbx_validate_torsion.PDB_model_num   1 
_pdbx_validate_torsion.auth_comp_id    THR 
_pdbx_validate_torsion.auth_asym_id    A 
_pdbx_validate_torsion.auth_seq_id     165 
_pdbx_validate_torsion.PDB_ins_code    ? 
_pdbx_validate_torsion.label_alt_id    ? 
_pdbx_validate_torsion.phi             -110.05 
_pdbx_validate_torsion.psi             -103.17 
# 
loop_
_pdbx_struct_special_symmetry.id 
_pdbx_struct_special_symmetry.PDB_model_num 
_pdbx_struct_special_symmetry.auth_asym_id 
_pdbx_struct_special_symmetry.auth_comp_id 
_pdbx_struct_special_symmetry.auth_seq_id 
_pdbx_struct_special_symmetry.PDB_ins_code 
_pdbx_struct_special_symmetry.label_asym_id 
_pdbx_struct_special_symmetry.label_comp_id 
_pdbx_struct_special_symmetry.label_seq_id 
1 1 A HOH 438 ? G HOH . 
2 1 A HOH 460 ? G HOH . 
3 1 A HOH 469 ? G HOH . 
# 
_pdbx_phasing_MR.entry_id                     5F04 
_pdbx_phasing_MR.method_rotation              ? 
_pdbx_phasing_MR.method_translation           ? 
_pdbx_phasing_MR.model_details                'Phaser MODE: MR_AUTO' 
_pdbx_phasing_MR.R_factor                     ? 
_pdbx_phasing_MR.R_rigid_body                 ? 
_pdbx_phasing_MR.correlation_coeff_Fo_to_Fc   ? 
_pdbx_phasing_MR.correlation_coeff_Io_to_Ic   ? 
_pdbx_phasing_MR.d_res_high_rotation          2.500 
_pdbx_phasing_MR.d_res_low_rotation           86.120 
_pdbx_phasing_MR.d_res_high_translation       2.500 
_pdbx_phasing_MR.d_res_low_translation        86.120 
_pdbx_phasing_MR.packing                      ? 
_pdbx_phasing_MR.reflns_percent_rotation      ? 
_pdbx_phasing_MR.reflns_percent_translation   ? 
_pdbx_phasing_MR.sigma_F_rotation             ? 
_pdbx_phasing_MR.sigma_F_translation          ? 
_pdbx_phasing_MR.sigma_I_rotation             ? 
_pdbx_phasing_MR.sigma_I_translation          ? 
# 
_phasing.method   MR 
# 
loop_
_pdbx_unobs_or_zero_occ_residues.id 
_pdbx_unobs_or_zero_occ_residues.PDB_model_num 
_pdbx_unobs_or_zero_occ_residues.polymer_flag 
_pdbx_unobs_or_zero_occ_residues.occupancy_flag 
_pdbx_unobs_or_zero_occ_residues.auth_asym_id 
_pdbx_unobs_or_zero_occ_residues.auth_comp_id 
_pdbx_unobs_or_zero_occ_residues.auth_seq_id 
_pdbx_unobs_or_zero_occ_residues.PDB_ins_code 
_pdbx_unobs_or_zero_occ_residues.label_asym_id 
_pdbx_unobs_or_zero_occ_residues.label_comp_id 
_pdbx_unobs_or_zero_occ_residues.label_seq_id 
1  1 Y 1 A MET -3  ? A MET 1   
2  1 Y 1 A ASP -2  ? A ASP 2   
3  1 Y 1 A ILE -1  ? A ILE 3   
4  1 Y 1 A GLU 0   ? A GLU 4   
5  1 Y 1 A PHE 1   ? A PHE 5   
6  1 Y 1 A THR 2   ? A THR 6   
7  1 Y 1 A THR 3   ? A THR 7   
8  1 Y 1 A SER 4   ? A SER 8   
9  1 Y 1 A ALA 5   ? A ALA 9   
10 1 Y 1 A ALA 6   ? A ALA 10  
11 1 Y 1 A SER 7   ? A SER 11  
12 1 Y 1 A GLN 8   ? A GLN 12  
13 1 Y 1 A ALA 9   ? A ALA 13  
14 1 Y 1 A SER 10  ? A SER 14  
15 1 Y 1 A LEU 11  ? A LEU 15  
16 1 Y 1 A PRO 12  ? A PRO 16  
17 1 Y 1 A ARG 13  ? A ARG 17  
18 1 Y 1 A GLY 14  ? A GLY 18  
19 1 Y 1 A ARG 15  ? A ARG 19  
20 1 Y 1 A ARG 16  ? A ARG 20  
21 1 Y 1 A THR 17  ? A THR 21  
22 1 Y 1 A ALA 18  ? A ALA 22  
23 1 Y 1 A ARG 19  ? A ARG 23  
24 1 Y 1 A PRO 20  ? A PRO 24  
25 1 Y 1 A SER 21  ? A SER 25  
26 1 Y 1 A GLY 22  ? A GLY 26  
27 1 Y 1 A ASP 23  ? A ASP 27  
28 1 Y 1 A ASN 215 ? A ASN 219 
29 1 Y 1 A ARG 216 ? A ARG 220 
30 1 Y 1 A GLY 217 ? A GLY 221 
31 1 Y 1 A SER 218 ? A SER 222 
32 1 Y 1 A HIS 219 ? A HIS 223 
33 1 Y 1 A HIS 220 ? A HIS 224 
34 1 Y 1 A HIS 221 ? A HIS 225 
35 1 Y 1 A HIS 222 ? A HIS 226 
36 1 Y 1 A HIS 223 ? A HIS 227 
37 1 Y 1 A HIS 224 ? A HIS 228 
# 
loop_
_chem_comp_atom.comp_id 
_chem_comp_atom.atom_id 
_chem_comp_atom.type_symbol 
_chem_comp_atom.pdbx_aromatic_flag 
_chem_comp_atom.pdbx_stereo_config 
_chem_comp_atom.pdbx_ordinal 
5TB C1   C N N 1   
5TB C2   C N N 2   
5TB C3   C N N 3   
5TB O    O N N 4   
5TB C7   C N N 5   
5TB C6   C N N 6   
5TB C5   C N N 7   
5TB C4   C N N 8   
5TB C    C N N 9   
5TB N    N N N 10  
5TB C11  C N N 11  
5TB N1   N N N 12  
5TB C10  C N N 13  
5TB C9   C N N 14  
5TB C8   C N N 15  
5TB C12  C Y N 16  
5TB C17  C Y N 17  
5TB C16  C Y N 18  
5TB C15  C Y N 19  
5TB C14  C Y N 20  
5TB C13  C Y N 21  
5TB C18  C N N 22  
5TB N2   N N N 23  
5TB C19  C N N 24  
5TB H1   H N N 25  
5TB H2   H N N 26  
5TB H3   H N N 27  
5TB H4   H N N 28  
5TB H5   H N N 29  
5TB H6   H N N 30  
5TB H7   H N N 31  
5TB H8   H N N 32  
5TB H9   H N N 33  
5TB H10  H N N 34  
5TB H11  H N N 35  
5TB H12  H N N 36  
5TB H13  H N N 37  
5TB H14  H N N 38  
5TB H15  H N N 39  
5TB H16  H N N 40  
5TB H17  H N N 41  
5TB H18  H N N 42  
5TB H19  H N N 43  
5TB H20  H N N 44  
5TB H21  H N N 45  
5TB H22  H N N 46  
5TB H23  H N N 47  
5TB H24  H N N 48  
5TB H25  H N N 49  
5TB H26  H N N 50  
5TB H27  H N N 51  
5TB H28  H N N 52  
5TB H30  H N N 53  
5TB H31  H N N 54  
5TB H32  H N N 55  
ALA N    N N N 56  
ALA CA   C N S 57  
ALA C    C N N 58  
ALA O    O N N 59  
ALA CB   C N N 60  
ALA OXT  O N N 61  
ALA H    H N N 62  
ALA H2   H N N 63  
ALA HA   H N N 64  
ALA HB1  H N N 65  
ALA HB2  H N N 66  
ALA HB3  H N N 67  
ALA HXT  H N N 68  
ARG N    N N N 69  
ARG CA   C N S 70  
ARG C    C N N 71  
ARG O    O N N 72  
ARG CB   C N N 73  
ARG CG   C N N 74  
ARG CD   C N N 75  
ARG NE   N N N 76  
ARG CZ   C N N 77  
ARG NH1  N N N 78  
ARG NH2  N N N 79  
ARG OXT  O N N 80  
ARG H    H N N 81  
ARG H2   H N N 82  
ARG HA   H N N 83  
ARG HB2  H N N 84  
ARG HB3  H N N 85  
ARG HG2  H N N 86  
ARG HG3  H N N 87  
ARG HD2  H N N 88  
ARG HD3  H N N 89  
ARG HE   H N N 90  
ARG HH11 H N N 91  
ARG HH12 H N N 92  
ARG HH21 H N N 93  
ARG HH22 H N N 94  
ARG HXT  H N N 95  
ASN N    N N N 96  
ASN CA   C N S 97  
ASN C    C N N 98  
ASN O    O N N 99  
ASN CB   C N N 100 
ASN CG   C N N 101 
ASN OD1  O N N 102 
ASN ND2  N N N 103 
ASN OXT  O N N 104 
ASN H    H N N 105 
ASN H2   H N N 106 
ASN HA   H N N 107 
ASN HB2  H N N 108 
ASN HB3  H N N 109 
ASN HD21 H N N 110 
ASN HD22 H N N 111 
ASN HXT  H N N 112 
ASP N    N N N 113 
ASP CA   C N S 114 
ASP C    C N N 115 
ASP O    O N N 116 
ASP CB   C N N 117 
ASP CG   C N N 118 
ASP OD1  O N N 119 
ASP OD2  O N N 120 
ASP OXT  O N N 121 
ASP H    H N N 122 
ASP H2   H N N 123 
ASP HA   H N N 124 
ASP HB2  H N N 125 
ASP HB3  H N N 126 
ASP HD2  H N N 127 
ASP HXT  H N N 128 
EDO C1   C N N 129 
EDO O1   O N N 130 
EDO C2   C N N 131 
EDO O2   O N N 132 
EDO H11  H N N 133 
EDO H12  H N N 134 
EDO HO1  H N N 135 
EDO H21  H N N 136 
EDO H22  H N N 137 
EDO HO2  H N N 138 
GLN N    N N N 139 
GLN CA   C N S 140 
GLN C    C N N 141 
GLN O    O N N 142 
GLN CB   C N N 143 
GLN CG   C N N 144 
GLN CD   C N N 145 
GLN OE1  O N N 146 
GLN NE2  N N N 147 
GLN OXT  O N N 148 
GLN H    H N N 149 
GLN H2   H N N 150 
GLN HA   H N N 151 
GLN HB2  H N N 152 
GLN HB3  H N N 153 
GLN HG2  H N N 154 
GLN HG3  H N N 155 
GLN HE21 H N N 156 
GLN HE22 H N N 157 
GLN HXT  H N N 158 
GLU N    N N N 159 
GLU CA   C N S 160 
GLU C    C N N 161 
GLU O    O N N 162 
GLU CB   C N N 163 
GLU CG   C N N 164 
GLU CD   C N N 165 
GLU OE1  O N N 166 
GLU OE2  O N N 167 
GLU OXT  O N N 168 
GLU H    H N N 169 
GLU H2   H N N 170 
GLU HA   H N N 171 
GLU HB2  H N N 172 
GLU HB3  H N N 173 
GLU HG2  H N N 174 
GLU HG3  H N N 175 
GLU HE2  H N N 176 
GLU HXT  H N N 177 
GLY N    N N N 178 
GLY CA   C N N 179 
GLY C    C N N 180 
GLY O    O N N 181 
GLY OXT  O N N 182 
GLY H    H N N 183 
GLY H2   H N N 184 
GLY HA2  H N N 185 
GLY HA3  H N N 186 
GLY HXT  H N N 187 
GOL C1   C N N 188 
GOL O1   O N N 189 
GOL C2   C N N 190 
GOL O2   O N N 191 
GOL C3   C N N 192 
GOL O3   O N N 193 
GOL H11  H N N 194 
GOL H12  H N N 195 
GOL HO1  H N N 196 
GOL H2   H N N 197 
GOL HO2  H N N 198 
GOL H31  H N N 199 
GOL H32  H N N 200 
GOL HO3  H N N 201 
HIS N    N N N 202 
HIS CA   C N S 203 
HIS C    C N N 204 
HIS O    O N N 205 
HIS CB   C N N 206 
HIS CG   C Y N 207 
HIS ND1  N Y N 208 
HIS CD2  C Y N 209 
HIS CE1  C Y N 210 
HIS NE2  N Y N 211 
HIS OXT  O N N 212 
HIS H    H N N 213 
HIS H2   H N N 214 
HIS HA   H N N 215 
HIS HB2  H N N 216 
HIS HB3  H N N 217 
HIS HD1  H N N 218 
HIS HD2  H N N 219 
HIS HE1  H N N 220 
HIS HE2  H N N 221 
HIS HXT  H N N 222 
HOH O    O N N 223 
HOH H1   H N N 224 
HOH H2   H N N 225 
ILE N    N N N 226 
ILE CA   C N S 227 
ILE C    C N N 228 
ILE O    O N N 229 
ILE CB   C N S 230 
ILE CG1  C N N 231 
ILE CG2  C N N 232 
ILE CD1  C N N 233 
ILE OXT  O N N 234 
ILE H    H N N 235 
ILE H2   H N N 236 
ILE HA   H N N 237 
ILE HB   H N N 238 
ILE HG12 H N N 239 
ILE HG13 H N N 240 
ILE HG21 H N N 241 
ILE HG22 H N N 242 
ILE HG23 H N N 243 
ILE HD11 H N N 244 
ILE HD12 H N N 245 
ILE HD13 H N N 246 
ILE HXT  H N N 247 
LEU N    N N N 248 
LEU CA   C N S 249 
LEU C    C N N 250 
LEU O    O N N 251 
LEU CB   C N N 252 
LEU CG   C N N 253 
LEU CD1  C N N 254 
LEU CD2  C N N 255 
LEU OXT  O N N 256 
LEU H    H N N 257 
LEU H2   H N N 258 
LEU HA   H N N 259 
LEU HB2  H N N 260 
LEU HB3  H N N 261 
LEU HG   H N N 262 
LEU HD11 H N N 263 
LEU HD12 H N N 264 
LEU HD13 H N N 265 
LEU HD21 H N N 266 
LEU HD22 H N N 267 
LEU HD23 H N N 268 
LEU HXT  H N N 269 
LYS N    N N N 270 
LYS CA   C N S 271 
LYS C    C N N 272 
LYS O    O N N 273 
LYS CB   C N N 274 
LYS CG   C N N 275 
LYS CD   C N N 276 
LYS CE   C N N 277 
LYS NZ   N N N 278 
LYS OXT  O N N 279 
LYS H    H N N 280 
LYS H2   H N N 281 
LYS HA   H N N 282 
LYS HB2  H N N 283 
LYS HB3  H N N 284 
LYS HG2  H N N 285 
LYS HG3  H N N 286 
LYS HD2  H N N 287 
LYS HD3  H N N 288 
LYS HE2  H N N 289 
LYS HE3  H N N 290 
LYS HZ1  H N N 291 
LYS HZ2  H N N 292 
LYS HZ3  H N N 293 
LYS HXT  H N N 294 
MET N    N N N 295 
MET CA   C N S 296 
MET C    C N N 297 
MET O    O N N 298 
MET CB   C N N 299 
MET CG   C N N 300 
MET SD   S N N 301 
MET CE   C N N 302 
MET OXT  O N N 303 
MET H    H N N 304 
MET H2   H N N 305 
MET HA   H N N 306 
MET HB2  H N N 307 
MET HB3  H N N 308 
MET HG2  H N N 309 
MET HG3  H N N 310 
MET HE1  H N N 311 
MET HE2  H N N 312 
MET HE3  H N N 313 
MET HXT  H N N 314 
PHE N    N N N 315 
PHE CA   C N S 316 
PHE C    C N N 317 
PHE O    O N N 318 
PHE CB   C N N 319 
PHE CG   C Y N 320 
PHE CD1  C Y N 321 
PHE CD2  C Y N 322 
PHE CE1  C Y N 323 
PHE CE2  C Y N 324 
PHE CZ   C Y N 325 
PHE OXT  O N N 326 
PHE H    H N N 327 
PHE H2   H N N 328 
PHE HA   H N N 329 
PHE HB2  H N N 330 
PHE HB3  H N N 331 
PHE HD1  H N N 332 
PHE HD2  H N N 333 
PHE HE1  H N N 334 
PHE HE2  H N N 335 
PHE HZ   H N N 336 
PHE HXT  H N N 337 
PRO N    N N N 338 
PRO CA   C N S 339 
PRO C    C N N 340 
PRO O    O N N 341 
PRO CB   C N N 342 
PRO CG   C N N 343 
PRO CD   C N N 344 
PRO OXT  O N N 345 
PRO H    H N N 346 
PRO HA   H N N 347 
PRO HB2  H N N 348 
PRO HB3  H N N 349 
PRO HG2  H N N 350 
PRO HG3  H N N 351 
PRO HD2  H N N 352 
PRO HD3  H N N 353 
PRO HXT  H N N 354 
SER N    N N N 355 
SER CA   C N S 356 
SER C    C N N 357 
SER O    O N N 358 
SER CB   C N N 359 
SER OG   O N N 360 
SER OXT  O N N 361 
SER H    H N N 362 
SER H2   H N N 363 
SER HA   H N N 364 
SER HB2  H N N 365 
SER HB3  H N N 366 
SER HG   H N N 367 
SER HXT  H N N 368 
SO4 S    S N N 369 
SO4 O1   O N N 370 
SO4 O2   O N N 371 
SO4 O3   O N N 372 
SO4 O4   O N N 373 
THR N    N N N 374 
THR CA   C N S 375 
THR C    C N N 376 
THR O    O N N 377 
THR CB   C N R 378 
THR OG1  O N N 379 
THR CG2  C N N 380 
THR OXT  O N N 381 
THR H    H N N 382 
THR H2   H N N 383 
THR HA   H N N 384 
THR HB   H N N 385 
THR HG1  H N N 386 
THR HG21 H N N 387 
THR HG22 H N N 388 
THR HG23 H N N 389 
THR HXT  H N N 390 
TRP N    N N N 391 
TRP CA   C N S 392 
TRP C    C N N 393 
TRP O    O N N 394 
TRP CB   C N N 395 
TRP CG   C Y N 396 
TRP CD1  C Y N 397 
TRP CD2  C Y N 398 
TRP NE1  N Y N 399 
TRP CE2  C Y N 400 
TRP CE3  C Y N 401 
TRP CZ2  C Y N 402 
TRP CZ3  C Y N 403 
TRP CH2  C Y N 404 
TRP OXT  O N N 405 
TRP H    H N N 406 
TRP H2   H N N 407 
TRP HA   H N N 408 
TRP HB2  H N N 409 
TRP HB3  H N N 410 
TRP HD1  H N N 411 
TRP HE1  H N N 412 
TRP HE3  H N N 413 
TRP HZ2  H N N 414 
TRP HZ3  H N N 415 
TRP HH2  H N N 416 
TRP HXT  H N N 417 
TYR N    N N N 418 
TYR CA   C N S 419 
TYR C    C N N 420 
TYR O    O N N 421 
TYR CB   C N N 422 
TYR CG   C Y N 423 
TYR CD1  C Y N 424 
TYR CD2  C Y N 425 
TYR CE1  C Y N 426 
TYR CE2  C Y N 427 
TYR CZ   C Y N 428 
TYR OH   O N N 429 
TYR OXT  O N N 430 
TYR H    H N N 431 
TYR H2   H N N 432 
TYR HA   H N N 433 
TYR HB2  H N N 434 
TYR HB3  H N N 435 
TYR HD1  H N N 436 
TYR HD2  H N N 437 
TYR HE1  H N N 438 
TYR HE2  H N N 439 
TYR HH   H N N 440 
TYR HXT  H N N 441 
VAL N    N N N 442 
VAL CA   C N S 443 
VAL C    C N N 444 
VAL O    O N N 445 
VAL CB   C N N 446 
VAL CG1  C N N 447 
VAL CG2  C N N 448 
VAL OXT  O N N 449 
VAL H    H N N 450 
VAL H2   H N N 451 
VAL HA   H N N 452 
VAL HB   H N N 453 
VAL HG11 H N N 454 
VAL HG12 H N N 455 
VAL HG13 H N N 456 
VAL HG21 H N N 457 
VAL HG22 H N N 458 
VAL HG23 H N N 459 
VAL HXT  H N N 460 
# 
loop_
_chem_comp_bond.comp_id 
_chem_comp_bond.atom_id_1 
_chem_comp_bond.atom_id_2 
_chem_comp_bond.value_order 
_chem_comp_bond.pdbx_aromatic_flag 
_chem_comp_bond.pdbx_stereo_config 
_chem_comp_bond.pdbx_ordinal 
5TB C3  C2   sing N N 1   
5TB C3  C4   sing N N 2   
5TB C2  C1   sing N N 3   
5TB C4  C    sing N N 4   
5TB C9  C8   sing N N 5   
5TB C9  C10  sing N N 6   
5TB C8  N    sing N N 7   
5TB C6  C5   sing N N 8   
5TB C6  C7   sing N N 9   
5TB C1  C    sing N N 10  
5TB C1  C5   sing N N 11  
5TB C10 N1   sing N N 12  
5TB N   C7   sing N N 13  
5TB N   C11  sing N N 14  
5TB C7  O    doub N N 15  
5TB N1  C11  sing N N 16  
5TB N1  C12  sing N N 17  
5TB C17 C12  doub Y N 18  
5TB C17 C16  sing Y N 19  
5TB C12 C13  sing Y N 20  
5TB C16 C15  doub Y N 21  
5TB C13 C14  doub Y N 22  
5TB C15 C14  sing Y N 23  
5TB C15 C18  sing N N 24  
5TB C19 N2   sing N N 25  
5TB C18 N2   sing N N 26  
5TB C1  H1   sing N N 27  
5TB C2  H2   sing N N 28  
5TB C2  H3   sing N N 29  
5TB C3  H4   sing N N 30  
5TB C3  H5   sing N N 31  
5TB C6  H6   sing N N 32  
5TB C6  H7   sing N N 33  
5TB C5  H8   sing N N 34  
5TB C5  H9   sing N N 35  
5TB C4  H10  sing N N 36  
5TB C4  H11  sing N N 37  
5TB C   H12  sing N N 38  
5TB C   H13  sing N N 39  
5TB C11 H14  sing N N 40  
5TB C11 H15  sing N N 41  
5TB C10 H16  sing N N 42  
5TB C10 H17  sing N N 43  
5TB C9  H18  sing N N 44  
5TB C9  H19  sing N N 45  
5TB C8  H20  sing N N 46  
5TB C8  H21  sing N N 47  
5TB C17 H22  sing N N 48  
5TB C16 H23  sing N N 49  
5TB C14 H24  sing N N 50  
5TB C13 H25  sing N N 51  
5TB C18 H26  sing N N 52  
5TB C18 H27  sing N N 53  
5TB N2  H28  sing N N 54  
5TB C19 H30  sing N N 55  
5TB C19 H31  sing N N 56  
5TB C19 H32  sing N N 57  
ALA N   CA   sing N N 58  
ALA N   H    sing N N 59  
ALA N   H2   sing N N 60  
ALA CA  C    sing N N 61  
ALA CA  CB   sing N N 62  
ALA CA  HA   sing N N 63  
ALA C   O    doub N N 64  
ALA C   OXT  sing N N 65  
ALA CB  HB1  sing N N 66  
ALA CB  HB2  sing N N 67  
ALA CB  HB3  sing N N 68  
ALA OXT HXT  sing N N 69  
ARG N   CA   sing N N 70  
ARG N   H    sing N N 71  
ARG N   H2   sing N N 72  
ARG CA  C    sing N N 73  
ARG CA  CB   sing N N 74  
ARG CA  HA   sing N N 75  
ARG C   O    doub N N 76  
ARG C   OXT  sing N N 77  
ARG CB  CG   sing N N 78  
ARG CB  HB2  sing N N 79  
ARG CB  HB3  sing N N 80  
ARG CG  CD   sing N N 81  
ARG CG  HG2  sing N N 82  
ARG CG  HG3  sing N N 83  
ARG CD  NE   sing N N 84  
ARG CD  HD2  sing N N 85  
ARG CD  HD3  sing N N 86  
ARG NE  CZ   sing N N 87  
ARG NE  HE   sing N N 88  
ARG CZ  NH1  sing N N 89  
ARG CZ  NH2  doub N N 90  
ARG NH1 HH11 sing N N 91  
ARG NH1 HH12 sing N N 92  
ARG NH2 HH21 sing N N 93  
ARG NH2 HH22 sing N N 94  
ARG OXT HXT  sing N N 95  
ASN N   CA   sing N N 96  
ASN N   H    sing N N 97  
ASN N   H2   sing N N 98  
ASN CA  C    sing N N 99  
ASN CA  CB   sing N N 100 
ASN CA  HA   sing N N 101 
ASN C   O    doub N N 102 
ASN C   OXT  sing N N 103 
ASN CB  CG   sing N N 104 
ASN CB  HB2  sing N N 105 
ASN CB  HB3  sing N N 106 
ASN CG  OD1  doub N N 107 
ASN CG  ND2  sing N N 108 
ASN ND2 HD21 sing N N 109 
ASN ND2 HD22 sing N N 110 
ASN OXT HXT  sing N N 111 
ASP N   CA   sing N N 112 
ASP N   H    sing N N 113 
ASP N   H2   sing N N 114 
ASP CA  C    sing N N 115 
ASP CA  CB   sing N N 116 
ASP CA  HA   sing N N 117 
ASP C   O    doub N N 118 
ASP C   OXT  sing N N 119 
ASP CB  CG   sing N N 120 
ASP CB  HB2  sing N N 121 
ASP CB  HB3  sing N N 122 
ASP CG  OD1  doub N N 123 
ASP CG  OD2  sing N N 124 
ASP OD2 HD2  sing N N 125 
ASP OXT HXT  sing N N 126 
EDO C1  O1   sing N N 127 
EDO C1  C2   sing N N 128 
EDO C1  H11  sing N N 129 
EDO C1  H12  sing N N 130 
EDO O1  HO1  sing N N 131 
EDO C2  O2   sing N N 132 
EDO C2  H21  sing N N 133 
EDO C2  H22  sing N N 134 
EDO O2  HO2  sing N N 135 
GLN N   CA   sing N N 136 
GLN N   H    sing N N 137 
GLN N   H2   sing N N 138 
GLN CA  C    sing N N 139 
GLN CA  CB   sing N N 140 
GLN CA  HA   sing N N 141 
GLN C   O    doub N N 142 
GLN C   OXT  sing N N 143 
GLN CB  CG   sing N N 144 
GLN CB  HB2  sing N N 145 
GLN CB  HB3  sing N N 146 
GLN CG  CD   sing N N 147 
GLN CG  HG2  sing N N 148 
GLN CG  HG3  sing N N 149 
GLN CD  OE1  doub N N 150 
GLN CD  NE2  sing N N 151 
GLN NE2 HE21 sing N N 152 
GLN NE2 HE22 sing N N 153 
GLN OXT HXT  sing N N 154 
GLU N   CA   sing N N 155 
GLU N   H    sing N N 156 
GLU N   H2   sing N N 157 
GLU CA  C    sing N N 158 
GLU CA  CB   sing N N 159 
GLU CA  HA   sing N N 160 
GLU C   O    doub N N 161 
GLU C   OXT  sing N N 162 
GLU CB  CG   sing N N 163 
GLU CB  HB2  sing N N 164 
GLU CB  HB3  sing N N 165 
GLU CG  CD   sing N N 166 
GLU CG  HG2  sing N N 167 
GLU CG  HG3  sing N N 168 
GLU CD  OE1  doub N N 169 
GLU CD  OE2  sing N N 170 
GLU OE2 HE2  sing N N 171 
GLU OXT HXT  sing N N 172 
GLY N   CA   sing N N 173 
GLY N   H    sing N N 174 
GLY N   H2   sing N N 175 
GLY CA  C    sing N N 176 
GLY CA  HA2  sing N N 177 
GLY CA  HA3  sing N N 178 
GLY C   O    doub N N 179 
GLY C   OXT  sing N N 180 
GLY OXT HXT  sing N N 181 
GOL C1  O1   sing N N 182 
GOL C1  C2   sing N N 183 
GOL C1  H11  sing N N 184 
GOL C1  H12  sing N N 185 
GOL O1  HO1  sing N N 186 
GOL C2  O2   sing N N 187 
GOL C2  C3   sing N N 188 
GOL C2  H2   sing N N 189 
GOL O2  HO2  sing N N 190 
GOL C3  O3   sing N N 191 
GOL C3  H31  sing N N 192 
GOL C3  H32  sing N N 193 
GOL O3  HO3  sing N N 194 
HIS N   CA   sing N N 195 
HIS N   H    sing N N 196 
HIS N   H2   sing N N 197 
HIS CA  C    sing N N 198 
HIS CA  CB   sing N N 199 
HIS CA  HA   sing N N 200 
HIS C   O    doub N N 201 
HIS C   OXT  sing N N 202 
HIS CB  CG   sing N N 203 
HIS CB  HB2  sing N N 204 
HIS CB  HB3  sing N N 205 
HIS CG  ND1  sing Y N 206 
HIS CG  CD2  doub Y N 207 
HIS ND1 CE1  doub Y N 208 
HIS ND1 HD1  sing N N 209 
HIS CD2 NE2  sing Y N 210 
HIS CD2 HD2  sing N N 211 
HIS CE1 NE2  sing Y N 212 
HIS CE1 HE1  sing N N 213 
HIS NE2 HE2  sing N N 214 
HIS OXT HXT  sing N N 215 
HOH O   H1   sing N N 216 
HOH O   H2   sing N N 217 
ILE N   CA   sing N N 218 
ILE N   H    sing N N 219 
ILE N   H2   sing N N 220 
ILE CA  C    sing N N 221 
ILE CA  CB   sing N N 222 
ILE CA  HA   sing N N 223 
ILE C   O    doub N N 224 
ILE C   OXT  sing N N 225 
ILE CB  CG1  sing N N 226 
ILE CB  CG2  sing N N 227 
ILE CB  HB   sing N N 228 
ILE CG1 CD1  sing N N 229 
ILE CG1 HG12 sing N N 230 
ILE CG1 HG13 sing N N 231 
ILE CG2 HG21 sing N N 232 
ILE CG2 HG22 sing N N 233 
ILE CG2 HG23 sing N N 234 
ILE CD1 HD11 sing N N 235 
ILE CD1 HD12 sing N N 236 
ILE CD1 HD13 sing N N 237 
ILE OXT HXT  sing N N 238 
LEU N   CA   sing N N 239 
LEU N   H    sing N N 240 
LEU N   H2   sing N N 241 
LEU CA  C    sing N N 242 
LEU CA  CB   sing N N 243 
LEU CA  HA   sing N N 244 
LEU C   O    doub N N 245 
LEU C   OXT  sing N N 246 
LEU CB  CG   sing N N 247 
LEU CB  HB2  sing N N 248 
LEU CB  HB3  sing N N 249 
LEU CG  CD1  sing N N 250 
LEU CG  CD2  sing N N 251 
LEU CG  HG   sing N N 252 
LEU CD1 HD11 sing N N 253 
LEU CD1 HD12 sing N N 254 
LEU CD1 HD13 sing N N 255 
LEU CD2 HD21 sing N N 256 
LEU CD2 HD22 sing N N 257 
LEU CD2 HD23 sing N N 258 
LEU OXT HXT  sing N N 259 
LYS N   CA   sing N N 260 
LYS N   H    sing N N 261 
LYS N   H2   sing N N 262 
LYS CA  C    sing N N 263 
LYS CA  CB   sing N N 264 
LYS CA  HA   sing N N 265 
LYS C   O    doub N N 266 
LYS C   OXT  sing N N 267 
LYS CB  CG   sing N N 268 
LYS CB  HB2  sing N N 269 
LYS CB  HB3  sing N N 270 
LYS CG  CD   sing N N 271 
LYS CG  HG2  sing N N 272 
LYS CG  HG3  sing N N 273 
LYS CD  CE   sing N N 274 
LYS CD  HD2  sing N N 275 
LYS CD  HD3  sing N N 276 
LYS CE  NZ   sing N N 277 
LYS CE  HE2  sing N N 278 
LYS CE  HE3  sing N N 279 
LYS NZ  HZ1  sing N N 280 
LYS NZ  HZ2  sing N N 281 
LYS NZ  HZ3  sing N N 282 
LYS OXT HXT  sing N N 283 
MET N   CA   sing N N 284 
MET N   H    sing N N 285 
MET N   H2   sing N N 286 
MET CA  C    sing N N 287 
MET CA  CB   sing N N 288 
MET CA  HA   sing N N 289 
MET C   O    doub N N 290 
MET C   OXT  sing N N 291 
MET CB  CG   sing N N 292 
MET CB  HB2  sing N N 293 
MET CB  HB3  sing N N 294 
MET CG  SD   sing N N 295 
MET CG  HG2  sing N N 296 
MET CG  HG3  sing N N 297 
MET SD  CE   sing N N 298 
MET CE  HE1  sing N N 299 
MET CE  HE2  sing N N 300 
MET CE  HE3  sing N N 301 
MET OXT HXT  sing N N 302 
PHE N   CA   sing N N 303 
PHE N   H    sing N N 304 
PHE N   H2   sing N N 305 
PHE CA  C    sing N N 306 
PHE CA  CB   sing N N 307 
PHE CA  HA   sing N N 308 
PHE C   O    doub N N 309 
PHE C   OXT  sing N N 310 
PHE CB  CG   sing N N 311 
PHE CB  HB2  sing N N 312 
PHE CB  HB3  sing N N 313 
PHE CG  CD1  doub Y N 314 
PHE CG  CD2  sing Y N 315 
PHE CD1 CE1  sing Y N 316 
PHE CD1 HD1  sing N N 317 
PHE CD2 CE2  doub Y N 318 
PHE CD2 HD2  sing N N 319 
PHE CE1 CZ   doub Y N 320 
PHE CE1 HE1  sing N N 321 
PHE CE2 CZ   sing Y N 322 
PHE CE2 HE2  sing N N 323 
PHE CZ  HZ   sing N N 324 
PHE OXT HXT  sing N N 325 
PRO N   CA   sing N N 326 
PRO N   CD   sing N N 327 
PRO N   H    sing N N 328 
PRO CA  C    sing N N 329 
PRO CA  CB   sing N N 330 
PRO CA  HA   sing N N 331 
PRO C   O    doub N N 332 
PRO C   OXT  sing N N 333 
PRO CB  CG   sing N N 334 
PRO CB  HB2  sing N N 335 
PRO CB  HB3  sing N N 336 
PRO CG  CD   sing N N 337 
PRO CG  HG2  sing N N 338 
PRO CG  HG3  sing N N 339 
PRO CD  HD2  sing N N 340 
PRO CD  HD3  sing N N 341 
PRO OXT HXT  sing N N 342 
SER N   CA   sing N N 343 
SER N   H    sing N N 344 
SER N   H2   sing N N 345 
SER CA  C    sing N N 346 
SER CA  CB   sing N N 347 
SER CA  HA   sing N N 348 
SER C   O    doub N N 349 
SER C   OXT  sing N N 350 
SER CB  OG   sing N N 351 
SER CB  HB2  sing N N 352 
SER CB  HB3  sing N N 353 
SER OG  HG   sing N N 354 
SER OXT HXT  sing N N 355 
SO4 S   O1   doub N N 356 
SO4 S   O2   doub N N 357 
SO4 S   O3   sing N N 358 
SO4 S   O4   sing N N 359 
THR N   CA   sing N N 360 
THR N   H    sing N N 361 
THR N   H2   sing N N 362 
THR CA  C    sing N N 363 
THR CA  CB   sing N N 364 
THR CA  HA   sing N N 365 
THR C   O    doub N N 366 
THR C   OXT  sing N N 367 
THR CB  OG1  sing N N 368 
THR CB  CG2  sing N N 369 
THR CB  HB   sing N N 370 
THR OG1 HG1  sing N N 371 
THR CG2 HG21 sing N N 372 
THR CG2 HG22 sing N N 373 
THR CG2 HG23 sing N N 374 
THR OXT HXT  sing N N 375 
TRP N   CA   sing N N 376 
TRP N   H    sing N N 377 
TRP N   H2   sing N N 378 
TRP CA  C    sing N N 379 
TRP CA  CB   sing N N 380 
TRP CA  HA   sing N N 381 
TRP C   O    doub N N 382 
TRP C   OXT  sing N N 383 
TRP CB  CG   sing N N 384 
TRP CB  HB2  sing N N 385 
TRP CB  HB3  sing N N 386 
TRP CG  CD1  doub Y N 387 
TRP CG  CD2  sing Y N 388 
TRP CD1 NE1  sing Y N 389 
TRP CD1 HD1  sing N N 390 
TRP CD2 CE2  doub Y N 391 
TRP CD2 CE3  sing Y N 392 
TRP NE1 CE2  sing Y N 393 
TRP NE1 HE1  sing N N 394 
TRP CE2 CZ2  sing Y N 395 
TRP CE3 CZ3  doub Y N 396 
TRP CE3 HE3  sing N N 397 
TRP CZ2 CH2  doub Y N 398 
TRP CZ2 HZ2  sing N N 399 
TRP CZ3 CH2  sing Y N 400 
TRP CZ3 HZ3  sing N N 401 
TRP CH2 HH2  sing N N 402 
TRP OXT HXT  sing N N 403 
TYR N   CA   sing N N 404 
TYR N   H    sing N N 405 
TYR N   H2   sing N N 406 
TYR CA  C    sing N N 407 
TYR CA  CB   sing N N 408 
TYR CA  HA   sing N N 409 
TYR C   O    doub N N 410 
TYR C   OXT  sing N N 411 
TYR CB  CG   sing N N 412 
TYR CB  HB2  sing N N 413 
TYR CB  HB3  sing N N 414 
TYR CG  CD1  doub Y N 415 
TYR CG  CD2  sing Y N 416 
TYR CD1 CE1  sing Y N 417 
TYR CD1 HD1  sing N N 418 
TYR CD2 CE2  doub Y N 419 
TYR CD2 HD2  sing N N 420 
TYR CE1 CZ   doub Y N 421 
TYR CE1 HE1  sing N N 422 
TYR CE2 CZ   sing Y N 423 
TYR CE2 HE2  sing N N 424 
TYR CZ  OH   sing N N 425 
TYR OH  HH   sing N N 426 
TYR OXT HXT  sing N N 427 
VAL N   CA   sing N N 428 
VAL N   H    sing N N 429 
VAL N   H2   sing N N 430 
VAL CA  C    sing N N 431 
VAL CA  CB   sing N N 432 
VAL CA  HA   sing N N 433 
VAL C   O    doub N N 434 
VAL C   OXT  sing N N 435 
VAL CB  CG1  sing N N 436 
VAL CB  CG2  sing N N 437 
VAL CB  HB   sing N N 438 
VAL CG1 HG11 sing N N 439 
VAL CG1 HG12 sing N N 440 
VAL CG1 HG13 sing N N 441 
VAL CG2 HG21 sing N N 442 
VAL CG2 HG22 sing N N 443 
VAL CG2 HG23 sing N N 444 
VAL OXT HXT  sing N N 445 
# 
loop_
_pdbx_audit_support.funding_organization 
_pdbx_audit_support.country 
_pdbx_audit_support.grant_number 
_pdbx_audit_support.ordinal 
'Engineering and Physical Sciences Research Council' 'United Kingdom' ? 1 
'Bill & Melinda Gates Foundation'                    'United States'  ? 2 
'European Union'                                     ?                ? 3 
# 
_pdbx_initial_refinement_model.id               1 
_pdbx_initial_refinement_model.entity_id_list   ? 
_pdbx_initial_refinement_model.type             'experimental model' 
_pdbx_initial_refinement_model.source_name      PDB 
_pdbx_initial_refinement_model.accession_code   1T56 
_pdbx_initial_refinement_model.details          ? 
# 
_atom_sites.entry_id                    5F04 
_atom_sites.fract_transf_matrix[1][1]   -0.00205985 
_atom_sites.fract_transf_matrix[1][2]   0.00753510 
_atom_sites.fract_transf_matrix[1][3]   -0.00252977 
_atom_sites.fract_transf_matrix[2][1]   0.00100927 
_atom_sites.fract_transf_matrix[2][2]   0.00284014 
_atom_sites.fract_transf_matrix[2][3]   0.00763777 
_atom_sites.fract_transf_matrix[3][1]   0.02837447 
_atom_sites.fract_transf_matrix[3][2]   0.00577667 
_atom_sites.fract_transf_matrix[3][3]   -0.00589754 
_atom_sites.fract_transf_vector[1]      0.284949 
_atom_sites.fract_transf_vector[2]      0.139814 
_atom_sites.fract_transf_vector[3]      -0.010471 
# 
loop_
_atom_type.symbol 
C 
H 
N 
O 
S 
# 
loop_
_atom_site.group_PDB 
_atom_site.id 
_atom_site.type_symbol 
_atom_site.label_atom_id 
_atom_site.label_alt_id 
_atom_site.label_comp_id 
_atom_site.label_asym_id 
_atom_site.label_entity_id 
_atom_site.label_seq_id 
_atom_site.pdbx_PDB_ins_code 
_atom_site.Cartn_x 
_atom_site.Cartn_y 
_atom_site.Cartn_z 
_atom_site.occupancy 
_atom_site.B_iso_or_equiv 
_atom_site.pdbx_formal_charge 
_atom_site.auth_seq_id 
_atom_site.auth_comp_id 
_atom_site.auth_asym_id 
_atom_site.auth_atom_id 
_atom_site.pdbx_PDB_model_num 
ATOM   1    N N   . ASP A 1 28  ? -5.019  22.063  -10.074 1.00 59.34 ? 24  ASP A N   1 
ATOM   2    C CA  . ASP A 1 28  ? -5.263  23.426  -9.623  1.00 60.58 ? 24  ASP A CA  1 
ATOM   3    C C   . ASP A 1 28  ? -4.217  23.810  -8.578  1.00 54.16 ? 24  ASP A C   1 
ATOM   4    O O   . ASP A 1 28  ? -3.092  23.300  -8.589  1.00 49.89 ? 24  ASP A O   1 
ATOM   5    C CB  . ASP A 1 28  ? -6.687  23.548  -9.052  1.00 64.24 ? 24  ASP A CB  1 
ATOM   6    C CG  . ASP A 1 28  ? -7.201  24.983  -9.040  1.00 67.32 ? 24  ASP A CG  1 
ATOM   7    O OD1 . ASP A 1 28  ? -8.128  25.274  -8.253  1.00 63.54 ? 24  ASP A OD1 1 
ATOM   8    O OD2 . ASP A 1 28  ? -6.676  25.817  -9.814  1.00 67.49 ? 24  ASP A OD2 1 
ATOM   9    N N   . ARG A 1 29  ? -4.596  24.723  -7.679  1.00 53.62 ? 25  ARG A N   1 
ATOM   10   C CA  . ARG A 1 29  ? -3.811  24.946  -6.472  1.00 52.78 ? 25  ARG A CA  1 
ATOM   11   C C   . ARG A 1 29  ? -3.805  23.704  -5.587  1.00 43.64 ? 25  ARG A C   1 
ATOM   12   O O   . ARG A 1 29  ? -2.868  23.497  -4.806  1.00 39.46 ? 25  ARG A O   1 
ATOM   13   C CB  . ARG A 1 29  ? -4.368  26.148  -5.703  1.00 49.24 ? 25  ARG A CB  1 
ATOM   14   C CG  . ARG A 1 29  ? -4.216  27.481  -6.426  1.00 52.15 ? 25  ARG A CG  1 
ATOM   15   N N   . GLU A 1 30  ? -4.841  22.873  -5.695  1.00 42.88 ? 26  GLU A N   1 
ATOM   16   C CA  . GLU A 1 30  ? -4.901  21.658  -4.890  1.00 41.41 ? 26  GLU A CA  1 
ATOM   17   C C   . GLU A 1 30  ? -3.727  20.736  -5.199  1.00 40.28 ? 26  GLU A C   1 
ATOM   18   O O   . GLU A 1 30  ? -3.087  20.206  -4.281  1.00 37.67 ? 26  GLU A O   1 
ATOM   19   C CB  . GLU A 1 30  ? -6.235  20.954  -5.127  1.00 40.75 ? 26  GLU A CB  1 
ATOM   20   C CG  . GLU A 1 30  ? -6.532  19.865  -4.133  1.00 46.47 ? 26  GLU A CG  1 
ATOM   21   C CD  . GLU A 1 30  ? -7.917  19.286  -4.302  1.00 57.16 ? 26  GLU A CD  1 
ATOM   22   O OE1 . GLU A 1 30  ? -8.774  19.955  -4.920  1.00 62.38 ? 26  GLU A OE1 1 
ATOM   23   O OE2 . GLU A 1 30  ? -8.145  18.156  -3.821  1.00 60.36 ? 26  GLU A OE2 1 
ATOM   24   N N   . LEU A 1 31  ? -3.402  20.563  -6.484  1.00 40.52 ? 27  LEU A N   1 
ATOM   25   C CA  . LEU A 1 31  ? -2.275  19.708  -6.858  1.00 43.76 ? 27  LEU A CA  1 
ATOM   26   C C   . LEU A 1 31  ? -0.953  20.267  -6.347  1.00 39.89 ? 27  LEU A C   1 
ATOM   27   O O   . LEU A 1 31  ? -0.053  19.505  -5.969  1.00 41.17 ? 27  LEU A O   1 
ATOM   28   C CB  . LEU A 1 31  ? -2.237  19.529  -8.375  1.00 44.97 ? 27  LEU A CB  1 
ATOM   29   C CG  . LEU A 1 31  ? -3.385  18.676  -8.898  1.00 48.79 ? 27  LEU A CG  1 
ATOM   30   C CD1 . LEU A 1 31  ? -3.471  18.707  -10.394 1.00 59.25 ? 27  LEU A CD1 1 
ATOM   31   C CD2 . LEU A 1 31  ? -3.217  17.254  -8.430  1.00 55.18 ? 27  LEU A CD2 1 
ATOM   32   N N   . ALA A 1 32  ? -0.809  21.598  -6.341  1.00 37.81 ? 28  ALA A N   1 
ATOM   33   C CA  . ALA A 1 32  ? 0.411   22.211  -5.828  1.00 38.90 ? 28  ALA A CA  1 
ATOM   34   C C   . ALA A 1 32  ? 0.570   21.979  -4.327  1.00 37.14 ? 28  ALA A C   1 
ATOM   35   O O   . ALA A 1 32  ? 1.690   21.776  -3.839  1.00 33.73 ? 28  ALA A O   1 
ATOM   36   C CB  . ALA A 1 32  ? 0.414   23.708  -6.142  1.00 42.18 ? 28  ALA A CB  1 
ATOM   37   N N   . ILE A 1 33  ? -0.533  22.030  -3.574  1.00 33.58 ? 29  ILE A N   1 
ATOM   38   C CA  . ILE A 1 33  ? -0.473  21.718  -2.147  1.00 28.74 ? 29  ILE A CA  1 
ATOM   39   C C   . ILE A 1 33  ? -0.032  20.272  -1.946  1.00 31.56 ? 29  ILE A C   1 
ATOM   40   O O   . ILE A 1 33  ? 0.831   19.970  -1.112  1.00 29.05 ? 29  ILE A O   1 
ATOM   41   C CB  . ILE A 1 33  ? -1.844  21.974  -1.491  1.00 31.60 ? 29  ILE A CB  1 
ATOM   42   C CG1 . ILE A 1 33  ? -2.212  23.463  -1.552  1.00 29.73 ? 29  ILE A CG1 1 
ATOM   43   C CG2 . ILE A 1 33  ? -1.846  21.477  -0.061  1.00 28.53 ? 29  ILE A CG2 1 
ATOM   44   C CD1 . ILE A 1 33  ? -3.634  23.753  -1.048  1.00 32.87 ? 29  ILE A CD1 1 
ATOM   45   N N   . LEU A 1 34  ? -0.639  19.353  -2.703  1.00 31.16 ? 30  LEU A N   1 
ATOM   46   C CA  . LEU A 1 34  ? -0.332  17.930  -2.566  1.00 29.90 ? 30  LEU A CA  1 
ATOM   47   C C   . LEU A 1 34  ? 1.126   17.640  -2.915  1.00 32.42 ? 30  LEU A C   1 
ATOM   48   O O   . LEU A 1 34  ? 1.819   16.913  -2.194  1.00 30.05 ? 30  LEU A O   1 
ATOM   49   C CB  . LEU A 1 34  ? -1.270  17.120  -3.454  1.00 31.26 ? 30  LEU A CB  1 
ATOM   50   C CG  . LEU A 1 34  ? -2.738  17.079  -3.017  1.00 33.72 ? 30  LEU A CG  1 
ATOM   51   C CD1 . LEU A 1 34  ? -3.612  16.513  -4.119  1.00 37.83 ? 30  LEU A CD1 1 
ATOM   52   C CD2 . LEU A 1 34  ? -2.886  16.258  -1.737  1.00 32.34 ? 30  LEU A CD2 1 
ATOM   53   N N   . ALA A 1 35  ? 1.605   18.205  -4.023  1.00 31.27 ? 31  ALA A N   1 
ATOM   54   C CA  . ALA A 1 35  ? 2.995   18.003  -4.421  1.00 32.21 ? 31  ALA A CA  1 
ATOM   55   C C   . ALA A 1 35  ? 3.952   18.617  -3.409  1.00 38.42 ? 31  ALA A C   1 
ATOM   56   O O   . ALA A 1 35  ? 5.013   18.047  -3.121  1.00 35.42 ? 31  ALA A O   1 
ATOM   57   C CB  . ALA A 1 35  ? 3.226   18.589  -5.812  1.00 38.85 ? 31  ALA A CB  1 
ATOM   58   N N   . THR A 1 36  ? 3.597   19.781  -2.851  1.00 31.64 ? 32  THR A N   1 
ATOM   59   C CA  . THR A 1 36  ? 4.428   20.376  -1.810  1.00 33.31 ? 32  THR A CA  1 
ATOM   60   C C   . THR A 1 36  ? 4.514   19.464  -0.598  1.00 33.86 ? 32  THR A C   1 
ATOM   61   O O   . THR A 1 36  ? 5.602   19.219  -0.063  1.00 33.71 ? 32  THR A O   1 
ATOM   62   C CB  . THR A 1 36  ? 3.885   21.751  -1.408  1.00 32.62 ? 32  THR A CB  1 
ATOM   63   O OG1 . THR A 1 36  ? 3.966   22.633  -2.530  1.00 36.43 ? 32  THR A OG1 1 
ATOM   64   C CG2 . THR A 1 36  ? 4.673   22.331  -0.236  1.00 32.85 ? 32  THR A CG2 1 
ATOM   65   N N   . ALA A 1 37  ? 3.364   18.956  -0.145  1.00 31.32 ? 33  ALA A N   1 
ATOM   66   C CA  . ALA A 1 37  ? 3.351   18.083  1.021   1.00 32.21 ? 33  ALA A CA  1 
ATOM   67   C C   . ALA A 1 37  ? 4.179   16.826  0.780   1.00 29.37 ? 33  ALA A C   1 
ATOM   68   O O   . ALA A 1 37  ? 4.944   16.405  1.656   1.00 33.34 ? 33  ALA A O   1 
ATOM   69   C CB  . ALA A 1 37  ? 1.911   17.712  1.374   1.00 28.71 ? 33  ALA A CB  1 
ATOM   70   N N   . GLU A 1 38  ? 4.045   16.214  -0.402  1.00 29.26 ? 34  GLU A N   1 
ATOM   71   C CA  . GLU A 1 38  ? 4.807   14.996  -0.674  1.00 31.27 ? 34  GLU A CA  1 
ATOM   72   C C   . GLU A 1 38  ? 6.301   15.285  -0.712  1.00 37.20 ? 34  GLU A C   1 
ATOM   73   O O   . GLU A 1 38  ? 7.105   14.499  -0.191  1.00 33.78 ? 34  GLU A O   1 
ATOM   74   C CB  . GLU A 1 38  ? 4.341   14.344  -1.976  1.00 35.20 ? 34  GLU A CB  1 
ATOM   75   C CG  . GLU A 1 38  ? 5.047   13.010  -2.260  1.00 38.19 ? 34  GLU A CG  1 
ATOM   76   C CD  . GLU A 1 38  ? 4.294   12.111  -3.239  1.00 48.77 ? 34  GLU A CD  1 
ATOM   77   O OE1 . GLU A 1 38  ? 3.518   12.631  -4.071  1.00 45.80 ? 34  GLU A OE1 1 
ATOM   78   O OE2 . GLU A 1 38  ? 4.487   10.872  -3.169  1.00 43.74 ? 34  GLU A OE2 1 
ATOM   79   N N   . ASN A 1 39  ? 6.693   16.432  -1.275  1.00 34.58 ? 35  ASN A N   1 
ATOM   80   C CA  . ASN A 1 39  ? 8.109   16.796  -1.288  1.00 37.62 ? 35  ASN A CA  1 
ATOM   81   C C   . ASN A 1 39  ? 8.634   17.045  0.122   1.00 37.42 ? 35  ASN A C   1 
ATOM   82   O O   . ASN A 1 39  ? 9.722   16.584  0.480   1.00 39.91 ? 35  ASN A O   1 
ATOM   83   C CB  . ASN A 1 39  ? 8.339   18.023  -2.169  1.00 42.30 ? 35  ASN A CB  1 
ATOM   84   C CG  . ASN A 1 39  ? 8.116   17.734  -3.634  1.00 50.75 ? 35  ASN A CG  1 
ATOM   85   O OD1 . ASN A 1 39  ? 8.191   16.584  -4.070  1.00 59.97 ? 35  ASN A OD1 1 
ATOM   86   N ND2 . ASN A 1 39  ? 7.843   18.778  -4.410  1.00 50.42 ? 35  ASN A ND2 1 
ATOM   87   N N   . LEU A 1 40  ? 7.883   17.784  0.937   1.00 34.23 ? 36  LEU A N   1 
ATOM   88   C CA  . LEU A 1 40  ? 8.344   18.069  2.291   1.00 28.90 ? 36  LEU A CA  1 
ATOM   89   C C   . LEU A 1 40  ? 8.409   16.813  3.154   1.00 38.19 ? 36  LEU A C   1 
ATOM   90   O O   . LEU A 1 40  ? 9.266   16.723  4.041   1.00 37.83 ? 36  LEU A O   1 
ATOM   91   C CB  . LEU A 1 40  ? 7.442   19.118  2.943   1.00 38.39 ? 36  LEU A CB  1 
ATOM   92   C CG  . LEU A 1 40  ? 7.387   20.497  2.286   1.00 40.16 ? 36  LEU A CG  1 
ATOM   93   C CD1 . LEU A 1 40  ? 6.591   21.447  3.173   1.00 37.45 ? 36  LEU A CD1 1 
ATOM   94   C CD2 . LEU A 1 40  ? 8.788   21.049  2.017   1.00 42.85 ? 36  LEU A CD2 1 
ATOM   95   N N   . LEU A 1 41  ? 7.515   15.842  2.928   1.00 35.80 ? 37  LEU A N   1 
ATOM   96   C CA  . LEU A 1 41  ? 7.548   14.608  3.705   1.00 34.98 ? 37  LEU A CA  1 
ATOM   97   C C   . LEU A 1 41  ? 8.770   13.745  3.397   1.00 38.78 ? 37  LEU A C   1 
ATOM   98   O O   . LEU A 1 41  ? 9.069   12.838  4.178   1.00 40.41 ? 37  LEU A O   1 
ATOM   99   C CB  . LEU A 1 41  ? 6.266   13.807  3.478   1.00 29.59 ? 37  LEU A CB  1 
ATOM   100  C CG  . LEU A 1 41  ? 5.025   14.353  4.213   1.00 28.68 ? 37  LEU A CG  1 
ATOM   101  C CD1 . LEU A 1 41  ? 3.750   13.701  3.682   1.00 29.64 ? 37  LEU A CD1 1 
ATOM   102  C CD2 . LEU A 1 41  ? 5.139   14.173  5.729   1.00 32.48 ? 37  LEU A CD2 1 
ATOM   103  N N   . GLU A 1 42  ? 9.475   13.998  2.293   1.00 40.83 ? 38  GLU A N   1 
ATOM   104  C CA  . GLU A 1 42  ? 10.758  13.329  2.078   1.00 44.07 ? 38  GLU A CA  1 
ATOM   105  C C   . GLU A 1 42  ? 11.745  13.655  3.189   1.00 50.06 ? 38  GLU A C   1 
ATOM   106  O O   . GLU A 1 42  ? 12.536  12.794  3.586   1.00 52.41 ? 38  GLU A O   1 
ATOM   107  C CB  . GLU A 1 42  ? 11.366  13.729  0.733   1.00 43.64 ? 38  GLU A CB  1 
ATOM   108  C CG  . GLU A 1 42  ? 10.399  13.783  -0.439  1.00 50.63 ? 38  GLU A CG  1 
ATOM   109  C CD  . GLU A 1 42  ? 9.948   12.419  -0.926  1.00 57.81 ? 38  GLU A CD  1 
ATOM   110  O OE1 . GLU A 1 42  ? 10.727  11.447  -0.799  1.00 59.34 ? 38  GLU A OE1 1 
ATOM   111  O OE2 . GLU A 1 42  ? 8.803   12.326  -1.439  1.00 56.05 ? 38  GLU A OE2 1 
ATOM   112  N N   . ASP A 1 43  ? 11.697  14.881  3.718   1.00 50.41 ? 39  ASP A N   1 
ATOM   113  C CA  . ASP A 1 43  ? 12.708  15.395  4.632   1.00 49.30 ? 39  ASP A CA  1 
ATOM   114  C C   . ASP A 1 43  ? 12.275  15.451  6.088   1.00 50.73 ? 39  ASP A C   1 
ATOM   115  O O   . ASP A 1 43  ? 13.107  15.248  6.973   1.00 52.69 ? 39  ASP A O   1 
ATOM   116  C CB  . ASP A 1 43  ? 13.134  16.803  4.199   1.00 53.42 ? 39  ASP A CB  1 
ATOM   117  C CG  . ASP A 1 43  ? 14.018  16.794  2.957   1.00 65.46 ? 39  ASP A CG  1 
ATOM   118  O OD1 . ASP A 1 43  ? 14.735  17.794  2.731   1.00 77.20 ? 39  ASP A OD1 1 
ATOM   119  O OD2 . ASP A 1 43  ? 14.009  15.785  2.212   1.00 63.94 ? 39  ASP A OD2 1 
ATOM   120  N N   . ARG A 1 44  ? 11.008  15.731  6.362   1.00 43.95 ? 40  ARG A N   1 
ATOM   121  C CA  . ARG A 1 44  ? 10.537  15.956  7.716   1.00 45.27 ? 40  ARG A CA  1 
ATOM   122  C C   . ARG A 1 44  ? 9.300   15.114  7.972   1.00 46.40 ? 40  ARG A C   1 
ATOM   123  O O   . ARG A 1 44  ? 8.568   14.784  7.036   1.00 43.51 ? 40  ARG A O   1 
ATOM   124  C CB  . ARG A 1 44  ? 10.177  17.432  7.937   1.00 52.50 ? 40  ARG A CB  1 
ATOM   125  C CG  . ARG A 1 44  ? 11.017  18.392  7.138   1.00 58.48 ? 40  ARG A CG  1 
ATOM   126  C CD  . ARG A 1 44  ? 11.160  19.711  7.863   1.00 60.24 ? 40  ARG A CD  1 
ATOM   127  N NE  . ARG A 1 44  ? 10.069  20.622  7.542   1.00 60.09 ? 40  ARG A NE  1 
ATOM   128  C CZ  . ARG A 1 44  ? 10.051  21.394  6.461   1.00 57.20 ? 40  ARG A CZ  1 
ATOM   129  N NH1 . ARG A 1 44  ? 11.062  21.350  5.603   1.00 61.40 ? 40  ARG A NH1 1 
ATOM   130  N NH2 . ARG A 1 44  ? 9.025   22.205  6.236   1.00 56.58 ? 40  ARG A NH2 1 
ATOM   131  N N   . PRO A 1 45  ? 9.043   14.763  9.228   1.00 46.89 ? 41  PRO A N   1 
ATOM   132  C CA  . PRO A 1 45  ? 7.749   14.172  9.580   1.00 49.71 ? 41  PRO A CA  1 
ATOM   133  C C   . PRO A 1 45  ? 6.636   15.204  9.483   1.00 50.05 ? 41  PRO A C   1 
ATOM   134  O O   . PRO A 1 45  ? 6.873   16.414  9.425   1.00 47.21 ? 41  PRO A O   1 
ATOM   135  C CB  . PRO A 1 45  ? 7.951   13.710  11.028  1.00 49.86 ? 41  PRO A CB  1 
ATOM   136  C CG  . PRO A 1 45  ? 9.051   14.568  11.546  1.00 48.95 ? 41  PRO A CG  1 
ATOM   137  C CD  . PRO A 1 45  ? 9.960   14.819  10.378  1.00 51.85 ? 41  PRO A CD  1 
ATOM   138  N N   . LEU A 1 46  ? 5.399   14.702  9.475   1.00 43.87 ? 42  LEU A N   1 
ATOM   139  C CA  . LEU A 1 46  ? 4.255   15.597  9.342   1.00 47.29 ? 42  LEU A CA  1 
ATOM   140  C C   . LEU A 1 46  ? 4.185   16.591  10.497  1.00 49.89 ? 42  LEU A C   1 
ATOM   141  O O   . LEU A 1 46  ? 3.752   17.732  10.305  1.00 49.23 ? 42  LEU A O   1 
ATOM   142  C CB  . LEU A 1 46  ? 2.955   14.798  9.250   1.00 43.57 ? 42  LEU A CB  1 
ATOM   143  C CG  . LEU A 1 46  ? 1.721   15.645  8.923   1.00 42.82 ? 42  LEU A CG  1 
ATOM   144  C CD1 . LEU A 1 46  ? 1.920   16.396  7.614   1.00 42.18 ? 42  LEU A CD1 1 
ATOM   145  C CD2 . LEU A 1 46  ? 0.462   14.795  8.860   1.00 44.93 ? 42  LEU A CD2 1 
ATOM   146  N N   . ALA A 1 47  ? 4.617   16.187  11.695  1.00 54.82 ? 43  ALA A N   1 
ATOM   147  C CA  . ALA A 1 47  ? 4.625   17.102  12.832  1.00 53.74 ? 43  ALA A CA  1 
ATOM   148  C C   . ALA A 1 47  ? 5.608   18.252  12.650  1.00 53.94 ? 43  ALA A C   1 
ATOM   149  O O   . ALA A 1 47  ? 5.470   19.282  13.319  1.00 58.64 ? 43  ALA A O   1 
ATOM   150  C CB  . ALA A 1 47  ? 4.948   16.343  14.117  1.00 49.35 ? 43  ALA A CB  1 
ATOM   151  N N   . ASP A 1 48  ? 6.601   18.100  11.775  1.00 53.74 ? 44  ASP A N   1 
ATOM   152  C CA  . ASP A 1 48  ? 7.552   19.161  11.472  1.00 48.43 ? 44  ASP A CA  1 
ATOM   153  C C   . ASP A 1 48  ? 7.127   19.998  10.278  1.00 51.18 ? 44  ASP A C   1 
ATOM   154  O O   . ASP A 1 48  ? 7.912   20.821  9.801   1.00 49.23 ? 44  ASP A O   1 
ATOM   155  C CB  . ASP A 1 48  ? 8.941   18.574  11.214  1.00 54.98 ? 44  ASP A CB  1 
ATOM   156  C CG  . ASP A 1 48  ? 9.612   18.077  12.479  1.00 60.95 ? 44  ASP A CG  1 
ATOM   157  O OD1 . ASP A 1 48  ? 8.900   17.779  13.465  1.00 63.25 ? 44  ASP A OD1 1 
ATOM   158  O OD2 . ASP A 1 48  ? 10.859  17.984  12.487  1.00 71.87 ? 44  ASP A OD2 1 
ATOM   159  N N   . ILE A 1 49  ? 5.916   19.797  9.767   1.00 49.81 ? 45  ILE A N   1 
ATOM   160  C CA  . ILE A 1 49  ? 5.406   20.563  8.641   1.00 48.01 ? 45  ILE A CA  1 
ATOM   161  C C   . ILE A 1 49  ? 4.201   21.354  9.119   1.00 42.88 ? 45  ILE A C   1 
ATOM   162  O O   . ILE A 1 49  ? 3.292   20.795  9.746   1.00 41.56 ? 45  ILE A O   1 
ATOM   163  C CB  . ILE A 1 49  ? 5.036   19.661  7.452   1.00 47.25 ? 45  ILE A CB  1 
ATOM   164  C CG1 . ILE A 1 49  ? 6.205   18.740  7.100   1.00 42.87 ? 45  ILE A CG1 1 
ATOM   165  C CG2 . ILE A 1 49  ? 4.660   20.508  6.249   1.00 41.77 ? 45  ILE A CG2 1 
ATOM   166  C CD1 . ILE A 1 49  ? 5.908   17.807  5.944   1.00 36.63 ? 45  ILE A CD1 1 
ATOM   167  N N   . SER A 1 50  ? 4.204   22.650  8.836   1.00 43.71 ? 46  SER A N   1 
ATOM   168  C CA  . SER A 1 50  ? 3.120   23.542  9.210   1.00 44.87 ? 46  SER A CA  1 
ATOM   169  C C   . SER A 1 50  ? 2.217   23.815  8.014   1.00 42.04 ? 46  SER A C   1 
ATOM   170  O O   . SER A 1 50  ? 2.593   23.611  6.856   1.00 39.75 ? 46  SER A O   1 
ATOM   171  C CB  . SER A 1 50  ? 3.674   24.861  9.745   1.00 44.71 ? 46  SER A CB  1 
ATOM   172  O OG  . SER A 1 50  ? 4.350   25.547  8.708   1.00 44.30 ? 46  SER A OG  1 
ATOM   173  N N   . VAL A 1 51  ? 1.009   24.293  8.308   1.00 44.88 ? 47  VAL A N   1 
ATOM   174  C CA  . VAL A 1 51  ? 0.129   24.744  7.236   1.00 42.42 ? 47  VAL A CA  1 
ATOM   175  C C   . VAL A 1 51  ? 0.793   25.867  6.443   1.00 37.69 ? 47  VAL A C   1 
ATOM   176  O O   . VAL A 1 51  ? 0.674   25.935  5.215   1.00 36.51 ? 47  VAL A O   1 
ATOM   177  C CB  . VAL A 1 51  ? -1.236  25.163  7.816   1.00 39.58 ? 47  VAL A CB  1 
ATOM   178  C CG1 . VAL A 1 51  ? -1.992  26.049  6.838   1.00 38.81 ? 47  VAL A CG1 1 
ATOM   179  C CG2 . VAL A 1 51  ? -2.046  23.919  8.150   1.00 39.51 ? 47  VAL A CG2 1 
ATOM   180  N N   . ASP A 1 52  ? 1.526   26.749  7.128   1.00 43.52 ? 48  ASP A N   1 
ATOM   181  C CA  . ASP A 1 52  ? 2.208   27.833  6.425   1.00 45.21 ? 48  ASP A CA  1 
ATOM   182  C C   . ASP A 1 52  ? 3.209   27.286  5.412   1.00 43.56 ? 48  ASP A C   1 
ATOM   183  O O   . ASP A 1 52  ? 3.339   27.823  4.302   1.00 39.89 ? 48  ASP A O   1 
ATOM   184  C CB  . ASP A 1 52  ? 2.896   28.768  7.429   1.00 49.29 ? 48  ASP A CB  1 
ATOM   185  C CG  . ASP A 1 52  ? 1.904   29.572  8.271   1.00 56.68 ? 48  ASP A CG  1 
ATOM   186  O OD1 . ASP A 1 52  ? 0.834   29.955  7.748   1.00 56.34 ? 48  ASP A OD1 1 
ATOM   187  O OD2 . ASP A 1 52  ? 2.197   29.830  9.458   1.00 61.03 ? 48  ASP A OD2 1 
ATOM   188  N N   . ASP A 1 53  ? 3.904   26.196  5.768   1.00 46.31 ? 49  ASP A N   1 
ATOM   189  C CA  . ASP A 1 53  ? 4.861   25.578  4.849   1.00 41.87 ? 49  ASP A CA  1 
ATOM   190  C C   . ASP A 1 53  ? 4.180   25.104  3.573   1.00 40.50 ? 49  ASP A C   1 
ATOM   191  O O   . ASP A 1 53  ? 4.707   25.295  2.470   1.00 37.76 ? 49  ASP A O   1 
ATOM   192  C CB  . ASP A 1 53  ? 5.560   24.396  5.525   1.00 46.00 ? 49  ASP A CB  1 
ATOM   193  C CG  . ASP A 1 53  ? 6.456   24.814  6.663   1.00 47.30 ? 49  ASP A CG  1 
ATOM   194  O OD1 . ASP A 1 53  ? 6.964   25.954  6.636   1.00 57.28 ? 49  ASP A OD1 1 
ATOM   195  O OD2 . ASP A 1 53  ? 6.664   23.992  7.584   1.00 46.44 ? 49  ASP A OD2 1 
ATOM   196  N N   . LEU A 1 54  ? 3.019   24.460  3.705   1.00 37.24 ? 50  LEU A N   1 
ATOM   197  C CA  . LEU A 1 54  ? 2.311   23.961  2.534   1.00 35.04 ? 50  LEU A CA  1 
ATOM   198  C C   . LEU A 1 54  ? 1.794   25.099  1.669   1.00 36.12 ? 50  LEU A C   1 
ATOM   199  O O   . LEU A 1 54  ? 1.853   25.027  0.435   1.00 36.55 ? 50  LEU A O   1 
ATOM   200  C CB  . LEU A 1 54  ? 1.157   23.063  2.975   1.00 33.10 ? 50  LEU A CB  1 
ATOM   201  C CG  . LEU A 1 54  ? 1.617   21.855  3.786   1.00 34.53 ? 50  LEU A CG  1 
ATOM   202  C CD1 . LEU A 1 54  ? 0.427   21.059  4.294   1.00 34.96 ? 50  LEU A CD1 1 
ATOM   203  C CD2 . LEU A 1 54  ? 2.517   20.989  2.903   1.00 32.73 ? 50  LEU A CD2 1 
ATOM   204  N N   . ALA A 1 55  ? 1.239   26.138  2.297   1.00 39.56 ? 51  ALA A N   1 
ATOM   205  C CA  . ALA A 1 55  ? 0.726   27.273  1.542   1.00 36.53 ? 51  ALA A CA  1 
ATOM   206  C C   . ALA A 1 55  ? 1.852   27.977  0.798   1.00 34.91 ? 51  ALA A C   1 
ATOM   207  O O   . ALA A 1 55  ? 1.737   28.274  -0.399  1.00 38.26 ? 51  ALA A O   1 
ATOM   208  C CB  . ALA A 1 55  ? 0.010   28.239  2.487   1.00 35.56 ? 51  ALA A CB  1 
ATOM   209  N N   . LYS A 1 56  ? 2.950   28.256  1.500   1.00 39.04 ? 52  LYS A N   1 
ATOM   210  C CA  . LYS A 1 56  ? 4.106   28.874  0.858   1.00 42.11 ? 52  LYS A CA  1 
ATOM   211  C C   . LYS A 1 56  ? 4.541   28.072  -0.361  1.00 44.04 ? 52  LYS A C   1 
ATOM   212  O O   . LYS A 1 56  ? 4.614   28.604  -1.475  1.00 44.29 ? 52  LYS A O   1 
ATOM   213  C CB  . LYS A 1 56  ? 5.248   29.006  1.863   1.00 42.65 ? 52  LYS A CB  1 
ATOM   214  N N   . GLY A 1 57  ? 4.782   26.770  -0.179  1.00 45.32 ? 53  GLY A N   1 
ATOM   215  C CA  . GLY A 1 57  ? 5.227   25.947  -1.289  1.00 41.84 ? 53  GLY A CA  1 
ATOM   216  C C   . GLY A 1 57  ? 4.249   25.923  -2.442  1.00 40.60 ? 53  GLY A C   1 
ATOM   217  O O   . GLY A 1 57  ? 4.647   25.773  -3.597  1.00 38.61 ? 53  GLY A O   1 
ATOM   218  N N   . ALA A 1 58  ? 2.964   26.077  -2.155  1.00 38.17 ? 54  ALA A N   1 
ATOM   219  C CA  . ALA A 1 58  ? 1.954   26.093  -3.202  1.00 38.56 ? 54  ALA A CA  1 
ATOM   220  C C   . ALA A 1 58  ? 1.683   27.495  -3.737  1.00 35.34 ? 54  ALA A C   1 
ATOM   221  O O   . ALA A 1 58  ? 0.871   27.647  -4.658  1.00 39.26 ? 54  ALA A O   1 
ATOM   222  C CB  . ALA A 1 58  ? 0.657   25.463  -2.682  1.00 37.69 ? 54  ALA A CB  1 
ATOM   223  N N   . GLY A 1 59  ? 2.334   28.513  -3.182  1.00 38.56 ? 55  GLY A N   1 
ATOM   224  C CA  . GLY A 1 59  ? 2.171   29.867  -3.672  1.00 37.18 ? 55  GLY A CA  1 
ATOM   225  C C   . GLY A 1 59  ? 0.878   30.528  -3.253  1.00 36.55 ? 55  GLY A C   1 
ATOM   226  O O   . GLY A 1 59  ? 0.329   31.331  -4.008  1.00 41.98 ? 55  GLY A O   1 
ATOM   227  N N   . ILE A 1 60  ? 0.362   30.199  -2.072  1.00 36.03 ? 56  ILE A N   1 
ATOM   228  C CA  . ILE A 1 60  ? -0.909  30.731  -1.594  1.00 34.05 ? 56  ILE A CA  1 
ATOM   229  C C   . ILE A 1 60  ? -0.737  31.182  -0.151  1.00 35.86 ? 56  ILE A C   1 
ATOM   230  O O   . ILE A 1 60  ? 0.279   30.911  0.493   1.00 36.65 ? 56  ILE A O   1 
ATOM   231  C CB  . ILE A 1 60  ? -2.048  29.692  -1.705  1.00 31.25 ? 56  ILE A CB  1 
ATOM   232  C CG1 . ILE A 1 60  ? -1.689  28.437  -0.909  1.00 31.78 ? 56  ILE A CG1 1 
ATOM   233  C CG2 . ILE A 1 60  ? -2.349  29.367  -3.157  1.00 32.61 ? 56  ILE A CG2 1 
ATOM   234  C CD1 . ILE A 1 60  ? -2.774  27.353  -0.953  1.00 30.69 ? 56  ILE A CD1 1 
ATOM   235  N N   . SER A 1 61  ? -1.751  31.884  0.355   1.00 34.44 ? 57  SER A N   1 
ATOM   236  C CA  . SER A 1 61  ? -1.780  32.304  1.747   1.00 33.19 ? 57  SER A CA  1 
ATOM   237  C C   . SER A 1 61  ? -2.322  31.184  2.625   1.00 31.24 ? 57  SER A C   1 
ATOM   238  O O   . SER A 1 61  ? -2.965  30.247  2.150   1.00 30.74 ? 57  SER A O   1 
ATOM   239  C CB  . SER A 1 61  ? -2.656  33.545  1.914   1.00 33.15 ? 57  SER A CB  1 
ATOM   240  O OG  . SER A 1 61  ? -4.004  33.177  1.703   1.00 29.22 ? 57  SER A OG  1 
ATOM   241  N N   . ARG A 1 62  ? -2.083  31.310  3.924   1.00 29.14 ? 58  ARG A N   1 
ATOM   242  C CA  . ARG A 1 62  ? -2.667  30.357  4.864   1.00 34.25 ? 58  ARG A CA  1 
ATOM   243  C C   . ARG A 1 62  ? -4.192  30.288  4.790   1.00 32.01 ? 58  ARG A C   1 
ATOM   244  O O   . ARG A 1 62  ? -4.726  29.167  4.726   1.00 28.63 ? 58  ARG A O   1 
ATOM   245  C CB  . ARG A 1 62  ? -2.170  30.666  6.280   1.00 36.44 ? 58  ARG A CB  1 
ATOM   246  C CG  . ARG A 1 62  ? -2.855  29.862  7.383   1.00 42.71 ? 58  ARG A CG  1 
ATOM   247  C CD  . ARG A 1 62  ? -2.058  29.949  8.682   1.00 53.67 ? 58  ARG A CD  1 
ATOM   248  N NE  . ARG A 1 62  ? -2.726  30.738  9.704   1.00 56.43 ? 58  ARG A NE  1 
ATOM   249  C CZ  . ARG A 1 62  ? -2.091  31.479  10.609  1.00 58.45 ? 58  ARG A CZ  1 
ATOM   250  N NH1 . ARG A 1 62  ? -0.763  31.528  10.617  1.00 55.31 ? 58  ARG A NH1 1 
ATOM   251  N NH2 . ARG A 1 62  ? -2.786  32.169  11.507  1.00 53.17 ? 58  ARG A NH2 1 
ATOM   252  N N   . PRO A 1 63  ? -4.956  31.393  4.792   1.00 33.27 ? 59  PRO A N   1 
ATOM   253  C CA  . PRO A 1 63  ? -6.421  31.223  4.693   1.00 27.67 ? 59  PRO A CA  1 
ATOM   254  C C   . PRO A 1 63  ? -6.861  30.614  3.373   1.00 23.33 ? 59  PRO A C   1 
ATOM   255  O O   . PRO A 1 63  ? -7.863  29.895  3.339   1.00 26.89 ? 59  PRO A O   1 
ATOM   256  C CB  . PRO A 1 63  ? -6.971  32.649  4.882   1.00 26.00 ? 59  PRO A CB  1 
ATOM   257  C CG  . PRO A 1 63  ? -5.823  33.551  4.595   1.00 27.24 ? 59  PRO A CG  1 
ATOM   258  C CD  . PRO A 1 63  ? -4.589  32.801  5.037   1.00 33.16 ? 59  PRO A CD  1 
ATOM   259  N N   . THR A 1 64  ? -6.138  30.867  2.278   1.00 26.81 ? 60  THR A N   1 
ATOM   260  C CA  . THR A 1 64  ? -6.526  30.249  1.010   1.00 26.43 ? 60  THR A CA  1 
ATOM   261  C C   . THR A 1 64  ? -6.321  28.736  1.061   1.00 27.05 ? 60  THR A C   1 
ATOM   262  O O   . THR A 1 64  ? -7.130  27.979  0.517   1.00 27.88 ? 60  THR A O   1 
ATOM   263  C CB  . THR A 1 64  ? -5.736  30.866  -0.148  1.00 30.54 ? 60  THR A CB  1 
ATOM   264  O OG1 . THR A 1 64  ? -6.157  32.224  -0.357  1.00 28.55 ? 60  THR A OG1 1 
ATOM   265  C CG2 . THR A 1 64  ? -5.973  30.098  -1.434  1.00 29.20 ? 60  THR A CG2 1 
ATOM   266  N N   . PHE A 1 65  ? -5.255  28.289  1.727   1.00 27.65 ? 61  PHE A N   1 
ATOM   267  C CA  . PHE A 1 65  ? -5.048  26.861  1.973   1.00 27.13 ? 61  PHE A CA  1 
ATOM   268  C C   . PHE A 1 65  ? -6.274  26.213  2.607   1.00 34.25 ? 61  PHE A C   1 
ATOM   269  O O   . PHE A 1 65  ? -6.703  25.131  2.191   1.00 32.63 ? 61  PHE A O   1 
ATOM   270  C CB  . PHE A 1 65  ? -3.830  26.656  2.877   1.00 28.37 ? 61  PHE A CB  1 
ATOM   271  C CG  . PHE A 1 65  ? -3.678  25.238  3.376   1.00 31.58 ? 61  PHE A CG  1 
ATOM   272  C CD1 . PHE A 1 65  ? -2.931  24.315  2.660   1.00 34.03 ? 61  PHE A CD1 1 
ATOM   273  C CD2 . PHE A 1 65  ? -4.293  24.826  4.558   1.00 32.45 ? 61  PHE A CD2 1 
ATOM   274  C CE1 . PHE A 1 65  ? -2.793  23.006  3.120   1.00 29.27 ? 61  PHE A CE1 1 
ATOM   275  C CE2 . PHE A 1 65  ? -4.171  23.519  5.017   1.00 39.03 ? 61  PHE A CE2 1 
ATOM   276  C CZ  . PHE A 1 65  ? -3.411  22.609  4.297   1.00 35.20 ? 61  PHE A CZ  1 
ATOM   277  N N   . TYR A 1 66  ? -6.834  26.848  3.642   1.00 31.51 ? 62  TYR A N   1 
ATOM   278  C CA  . TYR A 1 66  ? -7.974  26.265  4.338   1.00 32.56 ? 62  TYR A CA  1 
ATOM   279  C C   . TYR A 1 66  ? -9.213  26.182  3.471   1.00 35.23 ? 62  TYR A C   1 
ATOM   280  O O   . TYR A 1 66  ? -10.161 25.476  3.834   1.00 38.31 ? 62  TYR A O   1 
ATOM   281  C CB  . TYR A 1 66  ? -8.259  27.049  5.612   1.00 34.09 ? 62  TYR A CB  1 
ATOM   282  C CG  . TYR A 1 66  ? -7.257  26.749  6.696   1.00 37.13 ? 62  TYR A CG  1 
ATOM   283  C CD1 . TYR A 1 66  ? -7.138  25.459  7.211   1.00 36.34 ? 62  TYR A CD1 1 
ATOM   284  C CD2 . TYR A 1 66  ? -6.435  27.739  7.213   1.00 32.69 ? 62  TYR A CD2 1 
ATOM   285  C CE1 . TYR A 1 66  ? -6.228  25.169  8.202   1.00 33.46 ? 62  TYR A CE1 1 
ATOM   286  C CE2 . TYR A 1 66  ? -5.517  27.453  8.218   1.00 40.29 ? 62  TYR A CE2 1 
ATOM   287  C CZ  . TYR A 1 66  ? -5.425  26.159  8.708   1.00 37.85 ? 62  TYR A CZ  1 
ATOM   288  O OH  . TYR A 1 66  ? -4.523  25.847  9.704   1.00 43.08 ? 62  TYR A OH  1 
ATOM   289  N N   . PHE A 1 67  ? -9.223  26.855  2.324   1.00 35.34 ? 63  PHE A N   1 
ATOM   290  C CA  . PHE A 1 67  ? -10.306 26.641  1.380   1.00 30.28 ? 63  PHE A CA  1 
ATOM   291  C C   . PHE A 1 67  ? -10.177 25.299  0.662   1.00 38.71 ? 63  PHE A C   1 
ATOM   292  O O   . PHE A 1 67  ? -11.190 24.710  0.276   1.00 39.46 ? 63  PHE A O   1 
ATOM   293  C CB  . PHE A 1 67  ? -10.356 27.777  0.366   1.00 34.80 ? 63  PHE A CB  1 
ATOM   294  C CG  . PHE A 1 67  ? -11.390 27.580  -0.687  1.00 35.70 ? 63  PHE A CG  1 
ATOM   295  C CD1 . PHE A 1 67  ? -12.717 27.861  -0.424  1.00 41.65 ? 63  PHE A CD1 1 
ATOM   296  C CD2 . PHE A 1 67  ? -11.045 27.096  -1.937  1.00 39.47 ? 63  PHE A CD2 1 
ATOM   297  C CE1 . PHE A 1 67  ? -13.683 27.663  -1.389  1.00 38.86 ? 63  PHE A CE1 1 
ATOM   298  C CE2 . PHE A 1 67  ? -12.007 26.904  -2.912  1.00 47.33 ? 63  PHE A CE2 1 
ATOM   299  C CZ  . PHE A 1 67  ? -13.330 27.188  -2.633  1.00 37.13 ? 63  PHE A CZ  1 
ATOM   300  N N   . TYR A 1 68  ? -8.953  24.802  0.462   1.00 33.80 ? 64  TYR A N   1 
ATOM   301  C CA  . TYR A 1 68  ? -8.776  23.537  -0.252  1.00 34.25 ? 64  TYR A CA  1 
ATOM   302  C C   . TYR A 1 68  ? -8.746  22.330  0.678   1.00 33.17 ? 64  TYR A C   1 
ATOM   303  O O   . TYR A 1 68  ? -9.244  21.256  0.310   1.00 34.04 ? 64  TYR A O   1 
ATOM   304  C CB  . TYR A 1 68  ? -7.491  23.574  -1.092  1.00 33.93 ? 64  TYR A CB  1 
ATOM   305  C CG  . TYR A 1 68  ? -7.587  24.575  -2.202  1.00 33.85 ? 64  TYR A CG  1 
ATOM   306  C CD1 . TYR A 1 68  ? -8.279  24.276  -3.368  1.00 38.43 ? 64  TYR A CD1 1 
ATOM   307  C CD2 . TYR A 1 68  ? -7.037  25.843  -2.065  1.00 30.67 ? 64  TYR A CD2 1 
ATOM   308  C CE1 . TYR A 1 68  ? -8.400  25.207  -4.384  1.00 45.01 ? 64  TYR A CE1 1 
ATOM   309  C CE2 . TYR A 1 68  ? -7.145  26.783  -3.077  1.00 37.41 ? 64  TYR A CE2 1 
ATOM   310  C CZ  . TYR A 1 68  ? -7.833  26.458  -4.233  1.00 43.71 ? 64  TYR A CZ  1 
ATOM   311  O OH  . TYR A 1 68  ? -7.948  27.382  -5.244  1.00 54.04 ? 64  TYR A OH  1 
ATOM   312  N N   . PHE A 1 69  ? -8.161  22.481  1.868   1.00 31.35 ? 65  PHE A N   1 
ATOM   313  C CA  . PHE A 1 69  ? -8.045  21.417  2.852   1.00 34.22 ? 65  PHE A CA  1 
ATOM   314  C C   . PHE A 1 69  ? -8.314  21.985  4.233   1.00 34.18 ? 65  PHE A C   1 
ATOM   315  O O   . PHE A 1 69  ? -7.893  23.113  4.533   1.00 37.97 ? 65  PHE A O   1 
ATOM   316  C CB  . PHE A 1 69  ? -6.653  20.768  2.843   1.00 31.19 ? 65  PHE A CB  1 
ATOM   317  C CG  . PHE A 1 69  ? -6.334  20.070  1.566   1.00 31.68 ? 65  PHE A CG  1 
ATOM   318  C CD1 . PHE A 1 69  ? -6.683  18.739  1.388   1.00 32.89 ? 65  PHE A CD1 1 
ATOM   319  C CD2 . PHE A 1 69  ? -5.684  20.739  0.538   1.00 32.09 ? 65  PHE A CD2 1 
ATOM   320  C CE1 . PHE A 1 69  ? -6.391  18.090  0.204   1.00 31.85 ? 65  PHE A CE1 1 
ATOM   321  C CE2 . PHE A 1 69  ? -5.396  20.099  -0.647  1.00 32.51 ? 65  PHE A CE2 1 
ATOM   322  C CZ  . PHE A 1 69  ? -5.745  18.773  -0.816  1.00 30.69 ? 65  PHE A CZ  1 
ATOM   323  N N   . PRO A 1 70  ? -8.966  21.220  5.110   1.00 31.72 ? 66  PRO A N   1 
ATOM   324  C CA  . PRO A 1 70  ? -9.195  21.711  6.474   1.00 34.12 ? 66  PRO A CA  1 
ATOM   325  C C   . PRO A 1 70  ? -8.005  21.579  7.404   1.00 38.55 ? 66  PRO A C   1 
ATOM   326  O O   . PRO A 1 70  ? -8.065  22.127  8.509   1.00 36.67 ? 66  PRO A O   1 
ATOM   327  C CB  . PRO A 1 70  ? -10.365 20.849  6.957   1.00 36.25 ? 66  PRO A CB  1 
ATOM   328  C CG  . PRO A 1 70  ? -10.223 19.589  6.189   1.00 36.01 ? 66  PRO A CG  1 
ATOM   329  C CD  . PRO A 1 70  ? -9.697  19.968  4.843   1.00 35.89 ? 66  PRO A CD  1 
ATOM   330  N N   . SER A 1 71  ? -6.927  20.897  7.004   1.00 35.58 ? 67  SER A N   1 
ATOM   331  C CA  . SER A 1 71  ? -5.826  20.602  7.918   1.00 35.81 ? 67  SER A CA  1 
ATOM   332  C C   . SER A 1 71  ? -4.693  19.943  7.140   1.00 33.12 ? 67  SER A C   1 
ATOM   333  O O   . SER A 1 71  ? -4.901  19.413  6.046   1.00 33.92 ? 67  SER A O   1 
ATOM   334  C CB  . SER A 1 71  ? -6.264  19.665  9.042   1.00 41.05 ? 67  SER A CB  1 
ATOM   335  O OG  . SER A 1 71  ? -6.573  18.388  8.498   1.00 39.52 ? 67  SER A OG  1 
ATOM   336  N N   . LYS A 1 72  ? -3.498  19.947  7.735   1.00 36.15 ? 68  LYS A N   1 
ATOM   337  C CA  . LYS A 1 72  ? -2.398  19.219  7.104   1.00 40.58 ? 68  LYS A CA  1 
ATOM   338  C C   . LYS A 1 72  ? -2.656  17.718  7.120   1.00 42.91 ? 68  LYS A C   1 
ATOM   339  O O   . LYS A 1 72  ? -2.268  17.012  6.180   1.00 37.40 ? 68  LYS A O   1 
ATOM   340  C CB  . LYS A 1 72  ? -1.065  19.548  7.781   1.00 39.73 ? 68  LYS A CB  1 
ATOM   341  C CG  . LYS A 1 72  ? -0.860  18.954  9.162   1.00 42.56 ? 68  LYS A CG  1 
ATOM   342  C CD  . LYS A 1 72  ? 0.451   19.459  9.764   1.00 45.61 ? 68  LYS A CD  1 
ATOM   343  C CE  . LYS A 1 72  ? 0.618   19.010  11.208  1.00 48.81 ? 68  LYS A CE  1 
ATOM   344  N NZ  . LYS A 1 72  ? 1.807   19.642  11.844  1.00 52.06 ? 68  LYS A NZ  1 
ATOM   345  N N   . GLU A 1 73  ? -3.330  17.220  8.160   1.00 37.81 ? 69  GLU A N   1 
ATOM   346  C CA  . GLU A 1 73  ? -3.690  15.808  8.205   1.00 37.95 ? 69  GLU A CA  1 
ATOM   347  C C   . GLU A 1 73  ? -4.578  15.437  7.023   1.00 38.57 ? 69  GLU A C   1 
ATOM   348  O O   . GLU A 1 73  ? -4.442  14.351  6.448   1.00 36.36 ? 69  GLU A O   1 
ATOM   349  C CB  . GLU A 1 73  ? -4.388  15.489  9.529   1.00 39.74 ? 69  GLU A CB  1 
ATOM   350  C CG  . GLU A 1 73  ? -3.501  15.591  10.783  1.00 47.08 ? 69  GLU A CG  1 
ATOM   351  C CD  . GLU A 1 73  ? -3.196  17.029  11.229  1.00 53.86 ? 69  GLU A CD  1 
ATOM   352  O OE1 . GLU A 1 73  ? -3.915  17.973  10.824  1.00 51.09 ? 69  GLU A OE1 1 
ATOM   353  O OE2 . GLU A 1 73  ? -2.227  17.213  11.997  1.00 57.33 ? 69  GLU A OE2 1 
ATOM   354  N N   . ALA A 1 74  ? -5.482  16.333  6.629   1.00 34.05 ? 70  ALA A N   1 
ATOM   355  C CA  . ALA A 1 74  ? -6.339  16.041  5.490   1.00 30.90 ? 70  ALA A CA  1 
ATOM   356  C C   . ALA A 1 74  ? -5.547  16.010  4.193   1.00 30.03 ? 70  ALA A C   1 
ATOM   357  O O   . ALA A 1 74  ? -5.943  15.327  3.238   1.00 29.14 ? 70  ALA A O   1 
ATOM   358  C CB  . ALA A 1 74  ? -7.472  17.069  5.397   1.00 35.83 ? 70  ALA A CB  1 
ATOM   359  N N   . VAL A 1 75  ? -4.448  16.757  4.128   1.00 29.29 ? 71  VAL A N   1 
ATOM   360  C CA  . VAL A 1 75  ? -3.588  16.676  2.955   1.00 31.31 ? 71  VAL A CA  1 
ATOM   361  C C   . VAL A 1 75  ? -2.962  15.291  2.872   1.00 28.48 ? 71  VAL A C   1 
ATOM   362  O O   . VAL A 1 75  ? -2.951  14.665  1.805   1.00 28.75 ? 71  VAL A O   1 
ATOM   363  C CB  . VAL A 1 75  ? -2.521  17.784  2.984   1.00 32.55 ? 71  VAL A CB  1 
ATOM   364  C CG1 . VAL A 1 75  ? -1.558  17.624  1.811   1.00 30.44 ? 71  VAL A CG1 1 
ATOM   365  C CG2 . VAL A 1 75  ? -3.202  19.159  2.929   1.00 32.30 ? 71  VAL A CG2 1 
ATOM   366  N N   . LEU A 1 76  ? -2.454  14.789  3.999   1.00 26.95 ? 72  LEU A N   1 
ATOM   367  C CA  . LEU A 1 76  ? -1.868  13.453  4.006   1.00 32.87 ? 72  LEU A CA  1 
ATOM   368  C C   . LEU A 1 76  ? -2.904  12.403  3.642   1.00 31.84 ? 72  LEU A C   1 
ATOM   369  O O   . LEU A 1 76  ? -2.632  11.500  2.843   1.00 32.72 ? 72  LEU A O   1 
ATOM   370  C CB  . LEU A 1 76  ? -1.260  13.153  5.373   1.00 33.20 ? 72  LEU A CB  1 
ATOM   371  C CG  . LEU A 1 76  ? -0.735  11.722  5.570   1.00 32.51 ? 72  LEU A CG  1 
ATOM   372  C CD1 . LEU A 1 76  ? 0.335   11.411  4.538   1.00 29.50 ? 72  LEU A CD1 1 
ATOM   373  C CD2 . LEU A 1 76  ? -0.213  11.517  6.990   1.00 34.94 ? 72  LEU A CD2 1 
ATOM   374  N N   . LEU A 1 77  ? -4.108  12.520  4.205   1.00 31.03 ? 73  LEU A N   1 
ATOM   375  C CA  . LEU A 1 77  ? -5.160  11.561  3.899   1.00 28.46 ? 73  LEU A CA  1 
ATOM   376  C C   . LEU A 1 77  ? -5.431  11.512  2.405   1.00 33.49 ? 73  LEU A C   1 
ATOM   377  O O   . LEU A 1 77  ? -5.633  10.433  1.836   1.00 28.29 ? 73  LEU A O   1 
ATOM   378  C CB  . LEU A 1 77  ? -6.426  11.917  4.678   1.00 30.78 ? 73  LEU A CB  1 
ATOM   379  C CG  . LEU A 1 77  ? -7.659  11.045  4.450   1.00 33.80 ? 73  LEU A CG  1 
ATOM   380  C CD1 . LEU A 1 77  ? -7.365  9.611   4.840   1.00 32.42 ? 73  LEU A CD1 1 
ATOM   381  C CD2 . LEU A 1 77  ? -8.825  11.588  5.257   1.00 38.28 ? 73  LEU A CD2 1 
ATOM   382  N N   . THR A 1 78  ? -5.399  12.668  1.737   1.00 28.65 ? 74  THR A N   1 
ATOM   383  C CA  . THR A 1 78  ? -5.654  12.681  0.303   1.00 23.74 ? 74  THR A CA  1 
ATOM   384  C C   . THR A 1 78  ? -4.504  12.042  -0.466  1.00 28.39 ? 74  THR A C   1 
ATOM   385  O O   . THR A 1 78  ? -4.731  11.254  -1.390  1.00 31.24 ? 74  THR A O   1 
ATOM   386  C CB  . THR A 1 78  ? -5.900  14.112  -0.167  1.00 29.04 ? 74  THR A CB  1 
ATOM   387  O OG1 . THR A 1 78  ? -7.054  14.630  0.514   1.00 34.50 ? 74  THR A OG1 1 
ATOM   388  C CG2 . THR A 1 78  ? -6.146  14.137  -1.671  1.00 29.08 ? 74  THR A CG2 1 
ATOM   389  N N   . LEU A 1 79  ? -3.265  12.368  -0.097  1.00 29.45 ? 75  LEU A N   1 
ATOM   390  C CA  . LEU A 1 79  ? -2.115  11.726  -0.728  1.00 33.93 ? 75  LEU A CA  1 
ATOM   391  C C   . LEU A 1 79  ? -2.199  10.210  -0.592  1.00 30.27 ? 75  LEU A C   1 
ATOM   392  O O   . LEU A 1 79  ? -2.037  9.475   -1.573  1.00 29.95 ? 75  LEU A O   1 
ATOM   393  C CB  . LEU A 1 79  ? -0.825  12.249  -0.109  1.00 29.46 ? 75  LEU A CB  1 
ATOM   394  C CG  . LEU A 1 79  ? -0.384  13.672  -0.470  1.00 35.49 ? 75  LEU A CG  1 
ATOM   395  C CD1 . LEU A 1 79  ? 0.706   14.117  0.488   1.00 31.18 ? 75  LEU A CD1 1 
ATOM   396  C CD2 . LEU A 1 79  ? 0.111   13.765  -1.913  1.00 30.66 ? 75  LEU A CD2 1 
ATOM   397  N N   . LEU A 1 80  ? -2.472  9.731   0.622   1.00 27.94 ? 76  LEU A N   1 
ATOM   398  C CA  . LEU A 1 80  ? -2.528  8.294   0.859   1.00 28.38 ? 76  LEU A CA  1 
ATOM   399  C C   . LEU A 1 80  ? -3.678  7.659   0.096   1.00 33.43 ? 76  LEU A C   1 
ATOM   400  O O   . LEU A 1 80  ? -3.529  6.572   -0.472  1.00 28.95 ? 76  LEU A O   1 
ATOM   401  C CB  . LEU A 1 80  ? -2.658  8.025   2.354   1.00 28.31 ? 76  LEU A CB  1 
ATOM   402  C CG  . LEU A 1 80  ? -2.662  6.554   2.747   1.00 36.64 ? 76  LEU A CG  1 
ATOM   403  C CD1 . LEU A 1 80  ? -1.292  5.933   2.422   1.00 33.40 ? 76  LEU A CD1 1 
ATOM   404  C CD2 . LEU A 1 80  ? -3.019  6.413   4.215   1.00 34.39 ? 76  LEU A CD2 1 
ATOM   405  N N   . ASP A 1 81  ? -4.834  8.334   0.055   1.00 32.40 ? 77  ASP A N   1 
ATOM   406  C CA  . ASP A 1 81  ? -5.961  7.802   -0.700  1.00 28.98 ? 77  ASP A CA  1 
ATOM   407  C C   . ASP A 1 81  ? -5.601  7.647   -2.170  1.00 30.74 ? 77  ASP A C   1 
ATOM   408  O O   . ASP A 1 81  ? -6.013  6.681   -2.819  1.00 31.88 ? 77  ASP A O   1 
ATOM   409  C CB  . ASP A 1 81  ? -7.186  8.711   -0.525  1.00 34.88 ? 77  ASP A CB  1 
ATOM   410  C CG  . ASP A 1 81  ? -8.428  8.171   -1.230  1.00 43.33 ? 77  ASP A CG  1 
ATOM   411  O OD1 . ASP A 1 81  ? -9.117  7.299   -0.661  1.00 43.37 ? 77  ASP A OD1 1 
ATOM   412  O OD2 . ASP A 1 81  ? -8.716  8.625   -2.356  1.00 54.88 ? 77  ASP A OD2 1 
ATOM   413  N N   . ARG A 1 82  ? -4.817  8.581   -2.713  1.00 28.82 ? 78  ARG A N   1 
ATOM   414  C CA  . ARG A 1 82  ? -4.412  8.454   -4.106  1.00 28.98 ? 78  ARG A CA  1 
ATOM   415  C C   . ARG A 1 82  ? -3.462  7.277   -4.311  1.00 33.27 ? 78  ARG A C   1 
ATOM   416  O O   . ARG A 1 82  ? -3.580  6.545   -5.302  1.00 30.79 ? 78  ARG A O   1 
ATOM   417  C CB  . ARG A 1 82  ? -3.786  9.763   -4.578  1.00 34.35 ? 78  ARG A CB  1 
ATOM   418  C CG  . ARG A 1 82  ? -4.836  10.852  -4.747  1.00 38.22 ? 78  ARG A CG  1 
ATOM   419  C CD  . ARG A 1 82  ? -4.270  12.248  -4.551  1.00 41.75 ? 78  ARG A CD  1 
ATOM   420  N NE  . ARG A 1 82  ? -3.306  12.592  -5.590  1.00 46.57 ? 78  ARG A NE  1 
ATOM   421  C CZ  . ARG A 1 82  ? -3.636  12.959  -6.826  1.00 55.35 ? 78  ARG A CZ  1 
ATOM   422  N NH1 . ARG A 1 82  ? -4.909  13.031  -7.187  1.00 51.09 ? 78  ARG A NH1 1 
ATOM   423  N NH2 . ARG A 1 82  ? -2.688  13.254  -7.705  1.00 56.95 ? 78  ARG A NH2 1 
ATOM   424  N N   . VAL A 1 83  ? -2.514  7.078   -3.393  1.00 30.08 ? 79  VAL A N   1 
ATOM   425  C CA  . VAL A 1 83  ? -1.586  5.958   -3.545  1.00 30.71 ? 79  VAL A CA  1 
ATOM   426  C C   . VAL A 1 83  ? -2.325  4.634   -3.408  1.00 28.77 ? 79  VAL A C   1 
ATOM   427  O O   . VAL A 1 83  ? -2.118  3.705   -4.198  1.00 26.63 ? 79  VAL A O   1 
ATOM   428  C CB  . VAL A 1 83  ? -0.429  6.070   -2.533  1.00 32.89 ? 79  VAL A CB  1 
ATOM   429  C CG1 . VAL A 1 83  ? 0.517   4.875   -2.677  1.00 33.09 ? 79  VAL A CG1 1 
ATOM   430  C CG2 . VAL A 1 83  ? 0.327   7.362   -2.738  1.00 34.47 ? 79  VAL A CG2 1 
ATOM   431  N N   . VAL A 1 84  ? -3.223  4.536   -2.426  1.00 28.74 ? 80  VAL A N   1 
ATOM   432  C CA  . VAL A 1 84  ? -3.943  3.288   -2.198  1.00 27.09 ? 80  VAL A CA  1 
ATOM   433  C C   . VAL A 1 84  ? -4.847  2.952   -3.382  1.00 33.03 ? 80  VAL A C   1 
ATOM   434  O O   . VAL A 1 84  ? -4.942  1.791   -3.808  1.00 28.01 ? 80  VAL A O   1 
ATOM   435  C CB  . VAL A 1 84  ? -4.723  3.389   -0.876  1.00 30.67 ? 80  VAL A CB  1 
ATOM   436  C CG1 . VAL A 1 84  ? -5.830  2.404   -0.848  1.00 36.37 ? 80  VAL A CG1 1 
ATOM   437  C CG2 . VAL A 1 84  ? -3.766  3.206   0.299   1.00 31.84 ? 80  VAL A CG2 1 
ATOM   438  N N   . ASN A 1 85  ? -5.518  3.952   -3.951  1.00 31.92 ? 81  ASN A N   1 
ATOM   439  C CA  . ASN A 1 85  ? -6.373  3.637   -5.090  1.00 32.75 ? 81  ASN A CA  1 
ATOM   440  C C   . ASN A 1 85  ? -5.556  3.361   -6.352  1.00 29.21 ? 81  ASN A C   1 
ATOM   441  O O   . ASN A 1 85  ? -5.997  2.602   -7.217  1.00 29.97 ? 81  ASN A O   1 
ATOM   442  C CB  . ASN A 1 85  ? -7.392  4.756   -5.299  1.00 39.85 ? 81  ASN A CB  1 
ATOM   443  C CG  . ASN A 1 85  ? -8.594  4.609   -4.377  1.00 39.99 ? 81  ASN A CG  1 
ATOM   444  O OD1 . ASN A 1 85  ? -9.512  3.825   -4.653  1.00 44.70 ? 81  ASN A OD1 1 
ATOM   445  N ND2 . ASN A 1 85  ? -8.574  5.318   -3.256  1.00 40.52 ? 81  ASN A ND2 1 
ATOM   446  N N   . GLN A 1 86  ? -4.361  3.934   -6.461  1.00 27.01 ? 82  GLN A N   1 
ATOM   447  C CA  . GLN A 1 86  ? -3.483  3.596   -7.575  1.00 27.99 ? 82  GLN A CA  1 
ATOM   448  C C   . GLN A 1 86  ? -3.115  2.114   -7.556  1.00 32.15 ? 82  GLN A C   1 
ATOM   449  O O   . GLN A 1 86  ? -3.151  1.442   -8.595  1.00 27.68 ? 82  GLN A O   1 
ATOM   450  C CB  . GLN A 1 86  ? -2.234  4.468   -7.511  1.00 31.26 ? 82  GLN A CB  1 
ATOM   451  C CG  . GLN A 1 86  ? -1.264  4.272   -8.641  1.00 44.35 ? 82  GLN A CG  1 
ATOM   452  C CD  . GLN A 1 86  ? -0.063  5.197   -8.510  1.00 53.44 ? 82  GLN A CD  1 
ATOM   453  O OE1 . GLN A 1 86  ? -0.174  6.308   -7.977  1.00 55.92 ? 82  GLN A OE1 1 
ATOM   454  N NE2 . GLN A 1 86  ? 1.091   4.739   -8.982  1.00 49.23 ? 82  GLN A NE2 1 
ATOM   455  N N   . ALA A 1 87  ? -2.775  1.588   -6.374  1.00 30.69 ? 83  ALA A N   1 
ATOM   456  C CA  . ALA A 1 87  ? -2.478  0.165   -6.234  1.00 24.75 ? 83  ALA A CA  1 
ATOM   457  C C   . ALA A 1 87  ? -3.708  -0.677  -6.514  1.00 24.72 ? 83  ALA A C   1 
ATOM   458  O O   . ALA A 1 87  ? -3.630  -1.704  -7.193  1.00 26.36 ? 83  ALA A O   1 
ATOM   459  C CB  . ALA A 1 87  ? -1.965  -0.119  -4.817  1.00 28.41 ? 83  ALA A CB  1 
ATOM   460  N N   . ASP A 1 88  ? -4.845  -0.260  -5.963  1.00 26.86 ? 84  ASP A N   1 
ATOM   461  C CA  . ASP A 1 88  ? -6.083  -1.002  -6.133  1.00 28.21 ? 84  ASP A CA  1 
ATOM   462  C C   . ASP A 1 88  ? -6.442  -1.122  -7.608  1.00 30.54 ? 84  ASP A C   1 
ATOM   463  O O   . ASP A 1 88  ? -6.780  -2.208  -8.092  1.00 28.32 ? 84  ASP A O   1 
ATOM   464  C CB  . ASP A 1 88  ? -7.187  -0.302  -5.343  1.00 27.15 ? 84  ASP A CB  1 
ATOM   465  C CG  . ASP A 1 88  ? -8.429  -1.129  -5.243  1.00 38.80 ? 84  ASP A CG  1 
ATOM   466  O OD1 . ASP A 1 88  ? -8.355  -2.160  -4.564  1.00 35.13 ? 84  ASP A OD1 1 
ATOM   467  O OD2 . ASP A 1 88  ? -9.475  -0.750  -5.808  1.00 44.66 ? 84  ASP A OD2 1 
ATOM   468  N N   . MET A 1 89  ? -6.342  -0.011  -8.344  1.00 29.71 ? 85  MET A N   1 
ATOM   469  C CA  . MET A 1 89  ? -6.689  -0.022  -9.761  1.00 32.51 ? 85  MET A CA  1 
ATOM   470  C C   . MET A 1 89  ? -5.711  -0.868  -10.562 1.00 27.71 ? 85  MET A C   1 
ATOM   471  O O   . MET A 1 89  ? -6.101  -1.545  -11.517 1.00 28.07 ? 85  MET A O   1 
ATOM   472  C CB  . MET A 1 89  ? -6.730  1.410   -10.300 1.00 34.47 ? 85  MET A CB  1 
ATOM   473  C CG  . MET A 1 89  ? -7.920  2.214   -9.784  1.00 40.67 ? 85  MET A CG  1 
ATOM   474  S SD  . MET A 1 89  ? -7.936  3.932   -10.350 1.00 61.12 ? 85  MET A SD  1 
ATOM   475  C CE  . MET A 1 89  ? -7.925  3.700   -12.125 1.00 54.82 ? 85  MET A CE  1 
ATOM   476  N N   . ALA A 1 90  ? -4.434  -0.844  -10.188 1.00 27.19 ? 86  ALA A N   1 
ATOM   477  C CA  . ALA A 1 90  ? -3.465  -1.664  -10.898 1.00 30.94 ? 86  ALA A CA  1 
ATOM   478  C C   . ALA A 1 90  ? -3.734  -3.137  -10.654 1.00 27.09 ? 86  ALA A C   1 
ATOM   479  O O   . ALA A 1 90  ? -3.642  -3.958  -11.572 1.00 26.28 ? 86  ALA A O   1 
ATOM   480  C CB  . ALA A 1 90  ? -2.044  -1.298  -10.471 1.00 27.66 ? 86  ALA A CB  1 
ATOM   481  N N   . LEU A 1 91  ? -4.075  -3.492  -9.419  1.00 29.34 ? 87  LEU A N   1 
ATOM   482  C CA  . LEU A 1 91  ? -4.434  -4.876  -9.152  1.00 31.89 ? 87  LEU A CA  1 
ATOM   483  C C   . LEU A 1 91  ? -5.689  -5.267  -9.925  1.00 32.41 ? 87  LEU A C   1 
ATOM   484  O O   . LEU A 1 91  ? -5.765  -6.370  -10.479 1.00 32.17 ? 87  LEU A O   1 
ATOM   485  C CB  . LEU A 1 91  ? -4.614  -5.074  -7.647  1.00 33.56 ? 87  LEU A CB  1 
ATOM   486  C CG  . LEU A 1 91  ? -4.135  -6.415  -7.098  1.00 48.04 ? 87  LEU A CG  1 
ATOM   487  C CD1 . LEU A 1 91  ? -2.732  -6.729  -7.561  1.00 39.21 ? 87  LEU A CD1 1 
ATOM   488  C CD2 . LEU A 1 91  ? -4.146  -6.344  -5.606  1.00 46.68 ? 87  LEU A CD2 1 
ATOM   489  N N   . GLN A 1 92  ? -6.677  -4.365  -9.995  1.00 34.12 ? 88  GLN A N   1 
ATOM   490  C CA  . GLN A 1 92  ? -7.868  -4.624  -10.801 1.00 38.56 ? 88  GLN A CA  1 
ATOM   491  C C   . GLN A 1 92  ? -7.505  -4.882  -12.257 1.00 37.57 ? 88  GLN A C   1 
ATOM   492  O O   . GLN A 1 92  ? -8.045  -5.800  -12.885 1.00 36.90 ? 88  GLN A O   1 
ATOM   493  C CB  . GLN A 1 92  ? -8.847  -3.451  -10.698 1.00 40.67 ? 88  GLN A CB  1 
ATOM   494  C CG  . GLN A 1 92  ? -9.715  -3.451  -9.455  1.00 49.93 ? 88  GLN A CG  1 
ATOM   495  C CD  . GLN A 1 92  ? -10.810 -4.498  -9.516  1.00 57.99 ? 88  GLN A CD  1 
ATOM   496  O OE1 . GLN A 1 92  ? -11.207 -4.933  -10.599 1.00 62.45 ? 88  GLN A OE1 1 
ATOM   497  N NE2 . GLN A 1 92  ? -11.292 -4.921  -8.354  1.00 61.98 ? 88  GLN A NE2 1 
ATOM   498  N N   . THR A 1 93  ? -6.591  -4.081  -12.810 1.00 37.36 ? 89  THR A N   1 
ATOM   499  C CA  . THR A 1 93  ? -6.169  -4.260  -14.196 1.00 38.00 ? 89  THR A CA  1 
ATOM   500  C C   . THR A 1 93  ? -5.539  -5.629  -14.412 1.00 38.45 ? 89  THR A C   1 
ATOM   501  O O   . THR A 1 93  ? -5.832  -6.315  -15.398 1.00 42.98 ? 89  THR A O   1 
ATOM   502  C CB  . THR A 1 93  ? -5.177  -3.167  -14.580 1.00 34.50 ? 89  THR A CB  1 
ATOM   503  O OG1 . THR A 1 93  ? -5.849  -1.903  -14.576 1.00 40.37 ? 89  THR A OG1 1 
ATOM   504  C CG2 . THR A 1 93  ? -4.604  -3.441  -15.959 1.00 39.39 ? 89  THR A CG2 1 
ATOM   505  N N   . LEU A 1 94  ? -4.651  -6.033  -13.506 1.00 29.72 ? 90  LEU A N   1 
ATOM   506  C CA  . LEU A 1 94  ? -4.041  -7.349  -13.614 1.00 33.08 ? 90  LEU A CA  1 
ATOM   507  C C   . LEU A 1 94  ? -5.087  -8.448  -13.592 1.00 36.98 ? 90  LEU A C   1 
ATOM   508  O O   . LEU A 1 94  ? -4.992  -9.423  -14.346 1.00 43.29 ? 90  LEU A O   1 
ATOM   509  C CB  . LEU A 1 94  ? -3.051  -7.563  -12.476 1.00 32.67 ? 90  LEU A CB  1 
ATOM   510  C CG  . LEU A 1 94  ? -1.648  -6.987  -12.597 1.00 39.10 ? 90  LEU A CG  1 
ATOM   511  C CD1 . LEU A 1 94  ? -0.865  -7.492  -11.416 1.00 32.74 ? 90  LEU A CD1 1 
ATOM   512  C CD2 . LEU A 1 94  ? -0.985  -7.412  -13.898 1.00 35.73 ? 90  LEU A CD2 1 
ATOM   513  N N   . ALA A 1 95  ? -6.078  -8.319  -12.710 1.00 40.31 ? 91  ALA A N   1 
ATOM   514  C CA  . ALA A 1 95  ? -7.085  -9.364  -12.577 1.00 49.01 ? 91  ALA A CA  1 
ATOM   515  C C   . ALA A 1 95  ? -7.822  -9.584  -13.890 1.00 50.27 ? 91  ALA A C   1 
ATOM   516  O O   . ALA A 1 95  ? -8.135  -10.723 -14.253 1.00 55.86 ? 91  ALA A O   1 
ATOM   517  C CB  . ALA A 1 95  ? -8.058  -9.005  -11.455 1.00 44.08 ? 91  ALA A CB  1 
ATOM   518  N N   . GLU A 1 96  ? -8.070  -8.511  -14.637 1.00 49.39 ? 92  GLU A N   1 
ATOM   519  C CA  . GLU A 1 96  ? -8.797  -8.603  -15.893 1.00 53.52 ? 92  GLU A CA  1 
ATOM   520  C C   . GLU A 1 96  ? -7.905  -8.954  -17.077 1.00 54.85 ? 92  GLU A C   1 
ATOM   521  O O   . GLU A 1 96  ? -8.426  -9.276  -18.149 1.00 56.78 ? 92  GLU A O   1 
ATOM   522  C CB  . GLU A 1 96  ? -9.529  -7.285  -16.146 1.00 54.56 ? 92  GLU A CB  1 
ATOM   523  C CG  . GLU A 1 96  ? -10.371 -6.849  -14.951 1.00 49.52 ? 92  GLU A CG  1 
ATOM   524  C CD  . GLU A 1 96  ? -10.965 -5.463  -15.117 1.00 57.17 ? 92  GLU A CD  1 
ATOM   525  O OE1 . GLU A 1 96  ? -10.943 -4.942  -16.252 1.00 62.49 ? 92  GLU A OE1 1 
ATOM   526  O OE2 . GLU A 1 96  ? -11.463 -4.901  -14.116 1.00 62.02 ? 92  GLU A OE2 1 
ATOM   527  N N   . ASN A 1 97  ? -6.586  -8.908  -16.913 1.00 54.75 ? 93  ASN A N   1 
ATOM   528  C CA  . ASN A 1 97  ? -5.636  -9.278  -17.960 1.00 50.63 ? 93  ASN A CA  1 
ATOM   529  C C   . ASN A 1 97  ? -4.629  -10.265 -17.386 1.00 53.94 ? 93  ASN A C   1 
ATOM   530  O O   . ASN A 1 97  ? -3.479  -9.905  -17.089 1.00 60.53 ? 93  ASN A O   1 
ATOM   531  C CB  . ASN A 1 97  ? -4.939  -8.049  -18.540 1.00 54.70 ? 93  ASN A CB  1 
ATOM   532  C CG  . ASN A 1 97  ? -5.915  -6.942  -18.893 1.00 61.06 ? 93  ASN A CG  1 
ATOM   533  O OD1 . ASN A 1 97  ? -6.460  -6.263  -18.019 1.00 58.31 ? 93  ASN A OD1 1 
ATOM   534  N ND2 . ASN A 1 97  ? -6.145  -6.762  -20.189 1.00 63.40 ? 93  ASN A ND2 1 
ATOM   535  N N   . PRO A 1 98  ? -5.025  -11.525 -17.228 1.00 55.89 ? 94  PRO A N   1 
ATOM   536  C CA  . PRO A 1 98  ? -4.085  -12.544 -16.745 1.00 55.58 ? 94  PRO A CA  1 
ATOM   537  C C   . PRO A 1 98  ? -2.892  -12.687 -17.680 1.00 53.64 ? 94  PRO A C   1 
ATOM   538  O O   . PRO A 1 98  ? -3.046  -12.845 -18.894 1.00 47.69 ? 94  PRO A O   1 
ATOM   539  C CB  . PRO A 1 98  ? -4.935  -13.820 -16.712 1.00 53.90 ? 94  PRO A CB  1 
ATOM   540  C CG  . PRO A 1 98  ? -6.054  -13.554 -17.676 1.00 59.31 ? 94  PRO A CG  1 
ATOM   541  C CD  . PRO A 1 98  ? -6.344  -12.088 -17.557 1.00 52.85 ? 94  PRO A CD  1 
ATOM   542  N N   . ALA A 1 99  ? -1.697  -12.625 -17.098 1.00 52.81 ? 95  ALA A N   1 
ATOM   543  C CA  . ALA A 1 99  ? -0.470  -12.779 -17.866 1.00 50.16 ? 95  ALA A CA  1 
ATOM   544  C C   . ALA A 1 99  ? -0.255  -14.240 -18.238 1.00 52.07 ? 95  ALA A C   1 
ATOM   545  O O   . ALA A 1 99  ? -0.518  -15.148 -17.441 1.00 51.39 ? 95  ALA A O   1 
ATOM   546  C CB  . ALA A 1 99  ? 0.725   -12.264 -17.065 1.00 46.02 ? 95  ALA A CB  1 
ATOM   547  N N   . ASP A 1 100 ? 0.225   -14.464 -19.460 1.00 45.37 ? 96  ASP A N   1 
ATOM   548  C CA  . ASP A 1 100 ? 0.521   -15.811 -19.953 1.00 47.89 ? 96  ASP A CA  1 
ATOM   549  C C   . ASP A 1 100 ? 1.887   -16.229 -19.422 1.00 49.61 ? 96  ASP A C   1 
ATOM   550  O O   . ASP A 1 100 ? 2.916   -16.099 -20.089 1.00 46.68 ? 96  ASP A O   1 
ATOM   551  C CB  . ASP A 1 100 ? 0.467   -15.855 -21.477 1.00 49.13 ? 96  ASP A CB  1 
ATOM   552  C CG  . ASP A 1 100 ? 0.868   -17.213 -22.038 1.00 60.27 ? 96  ASP A CG  1 
ATOM   553  O OD1 . ASP A 1 100 ? 0.370   -18.239 -21.525 1.00 60.78 ? 96  ASP A OD1 1 
ATOM   554  O OD2 . ASP A 1 100 ? 1.687   -17.257 -22.987 1.00 65.80 ? 96  ASP A OD2 1 
ATOM   555  N N   . THR A 1 101 ? 1.895   -16.738 -18.196 1.00 45.16 ? 97  THR A N   1 
ATOM   556  C CA  . THR A 1 101 ? 3.116   -17.194 -17.550 1.00 39.43 ? 97  THR A CA  1 
ATOM   557  C C   . THR A 1 101 ? 2.706   -18.198 -16.479 1.00 40.42 ? 97  THR A C   1 
ATOM   558  O O   . THR A 1 101 ? 1.520   -18.472 -16.293 1.00 35.26 ? 97  THR A O   1 
ATOM   559  C CB  . THR A 1 101 ? 3.900   -16.007 -16.982 1.00 42.37 ? 97  THR A CB  1 
ATOM   560  O OG1 . THR A 1 101 ? 5.137   -16.463 -16.412 1.00 47.19 ? 97  THR A OG1 1 
ATOM   561  C CG2 . THR A 1 101 ? 3.060   -15.272 -15.934 1.00 44.02 ? 97  THR A CG2 1 
ATOM   562  N N   . ASP A 1 102 ? 3.686   -18.747 -15.771 1.00 41.81 ? 98  ASP A N   1 
ATOM   563  C CA  . ASP A 1 102 ? 3.360   -19.772 -14.792 1.00 39.68 ? 98  ASP A CA  1 
ATOM   564  C C   . ASP A 1 102 ? 2.797   -19.146 -13.514 1.00 40.62 ? 98  ASP A C   1 
ATOM   565  O O   . ASP A 1 102 ? 2.745   -17.920 -13.350 1.00 38.03 ? 98  ASP A O   1 
ATOM   566  C CB  . ASP A 1 102 ? 4.580   -20.643 -14.506 1.00 42.99 ? 98  ASP A CB  1 
ATOM   567  C CG  . ASP A 1 102 ? 5.737   -19.868 -13.916 1.00 46.63 ? 98  ASP A CG  1 
ATOM   568  O OD1 . ASP A 1 102 ? 5.531   -18.798 -13.308 1.00 43.64 ? 98  ASP A OD1 1 
ATOM   569  O OD2 . ASP A 1 102 ? 6.879   -20.350 -14.057 1.00 56.03 ? 98  ASP A OD2 1 
ATOM   570  N N   . ARG A 1 103 ? 2.398   -20.015 -12.580 1.00 39.79 ? 99  ARG A N   1 
ATOM   571  C CA  . ARG A 1 103 ? 1.722   -19.554 -11.373 1.00 36.29 ? 99  ARG A CA  1 
ATOM   572  C C   . ARG A 1 103 ? 2.635   -18.692 -10.515 1.00 29.05 ? 99  ARG A C   1 
ATOM   573  O O   . ARG A 1 103 ? 2.203   -17.656 -9.991  1.00 35.11 ? 99  ARG A O   1 
ATOM   574  C CB  . ARG A 1 103 ? 1.195   -20.748 -10.576 1.00 36.26 ? 99  ARG A CB  1 
ATOM   575  C CG  . ARG A 1 103 ? -0.134  -21.289 -11.116 1.00 38.33 ? 99  ARG A CG  1 
ATOM   576  C CD  . ARG A 1 103 ? -0.517  -22.618 -10.463 1.00 40.95 ? 99  ARG A CD  1 
ATOM   577  N NE  . ARG A 1 103 ? -1.917  -22.940 -10.741 1.00 38.74 ? 99  ARG A NE  1 
ATOM   578  C CZ  . ARG A 1 103 ? -2.334  -23.655 -11.783 1.00 44.64 ? 99  ARG A CZ  1 
ATOM   579  N NH1 . ARG A 1 103 ? -1.459  -24.153 -12.651 1.00 46.23 ? 99  ARG A NH1 1 
ATOM   580  N NH2 . ARG A 1 103 ? -3.630  -23.878 -11.952 1.00 43.63 ? 99  ARG A NH2 1 
ATOM   581  N N   . GLU A 1 104 ? 3.897   -19.094 -10.363 1.00 29.24 ? 100 GLU A N   1 
ATOM   582  C CA  . GLU A 1 104 ? 4.797   -18.311 -9.532  1.00 29.05 ? 100 GLU A CA  1 
ATOM   583  C C   . GLU A 1 104 ? 4.914   -16.892 -10.060 1.00 35.19 ? 100 GLU A C   1 
ATOM   584  O O   . GLU A 1 104 ? 4.853   -15.929 -9.292  1.00 28.48 ? 100 GLU A O   1 
ATOM   585  C CB  . GLU A 1 104 ? 6.173   -18.961 -9.463  1.00 37.13 ? 100 GLU A CB  1 
ATOM   586  C CG  . GLU A 1 104 ? 7.166   -18.099 -8.733  1.00 36.85 ? 100 GLU A CG  1 
ATOM   587  C CD  . GLU A 1 104 ? 8.476   -18.800 -8.454  1.00 49.09 ? 100 GLU A CD  1 
ATOM   588  O OE1 . GLU A 1 104 ? 8.518   -20.051 -8.492  1.00 52.82 ? 100 GLU A OE1 1 
ATOM   589  O OE2 . GLU A 1 104 ? 9.467   -18.088 -8.189  1.00 48.08 ? 100 GLU A OE2 1 
ATOM   590  N N   . ASN A 1 105 ? 5.051   -16.745 -11.379 1.00 30.89 ? 101 ASN A N   1 
ATOM   591  C CA  . ASN A 1 105 ? 5.163   -15.409 -11.946 1.00 34.95 ? 101 ASN A CA  1 
ATOM   592  C C   . ASN A 1 105 ? 3.854   -14.639 -11.859 1.00 29.77 ? 101 ASN A C   1 
ATOM   593  O O   . ASN A 1 105 ? 3.875   -13.409 -11.808 1.00 29.92 ? 101 ASN A O   1 
ATOM   594  C CB  . ASN A 1 105 ? 5.651   -15.482 -13.393 1.00 37.56 ? 101 ASN A CB  1 
ATOM   595  C CG  . ASN A 1 105 ? 7.153   -15.672 -13.481 1.00 45.91 ? 101 ASN A CG  1 
ATOM   596  O OD1 . ASN A 1 105 ? 7.919   -14.772 -13.133 1.00 48.56 ? 101 ASN A OD1 1 
ATOM   597  N ND2 . ASN A 1 105 ? 7.585   -16.847 -13.934 1.00 48.61 ? 101 ASN A ND2 1 
ATOM   598  N N   . MET A 1 106 ? 2.709   -15.320 -11.847 1.00 26.67 ? 102 MET A N   1 
ATOM   599  C CA  . MET A 1 106 ? 1.456   -14.583 -11.694 1.00 28.43 ? 102 MET A CA  1 
ATOM   600  C C   . MET A 1 106 ? 1.350   -13.951 -10.308 1.00 29.72 ? 102 MET A C   1 
ATOM   601  O O   . MET A 1 106 ? 0.958   -12.784 -10.185 1.00 26.46 ? 102 MET A O   1 
ATOM   602  C CB  . MET A 1 106 ? 0.269   -15.502 -11.982 1.00 28.66 ? 102 MET A CB  1 
ATOM   603  C CG  . MET A 1 106 ? 0.170   -15.841 -13.475 1.00 37.39 ? 102 MET A CG  1 
ATOM   604  S SD  . MET A 1 106 ? -1.265  -16.831 -13.949 1.00 47.98 ? 102 MET A SD  1 
ATOM   605  C CE  . MET A 1 106 ? -0.947  -18.329 -13.058 1.00 46.32 ? 102 MET A CE  1 
ATOM   606  N N   . TRP A 1 107 ? 1.707   -14.695 -9.257  1.00 27.55 ? 103 TRP A N   1 
ATOM   607  C CA  . TRP A 1 107 ? 1.730   -14.110 -7.915  1.00 25.86 ? 103 TRP A CA  1 
ATOM   608  C C   . TRP A 1 107 ? 2.763   -12.993 -7.822  1.00 24.20 ? 103 TRP A C   1 
ATOM   609  O O   . TRP A 1 107 ? 2.508   -11.944 -7.220  1.00 23.53 ? 103 TRP A O   1 
ATOM   610  C CB  . TRP A 1 107 ? 2.017   -15.185 -6.871  1.00 22.79 ? 103 TRP A CB  1 
ATOM   611  C CG  . TRP A 1 107 ? 0.872   -16.159 -6.693  1.00 23.71 ? 103 TRP A CG  1 
ATOM   612  C CD1 . TRP A 1 107 ? 0.805   -17.447 -7.152  1.00 26.72 ? 103 TRP A CD1 1 
ATOM   613  C CD2 . TRP A 1 107 ? -0.357  -15.910 -6.008  1.00 27.37 ? 103 TRP A CD2 1 
ATOM   614  N NE1 . TRP A 1 107 ? -0.408  -18.015 -6.795  1.00 27.39 ? 103 TRP A NE1 1 
ATOM   615  C CE2 . TRP A 1 107 ? -1.137  -17.090 -6.095  1.00 26.06 ? 103 TRP A CE2 1 
ATOM   616  C CE3 . TRP A 1 107 ? -0.885  -14.799 -5.345  1.00 25.28 ? 103 TRP A CE3 1 
ATOM   617  C CZ2 . TRP A 1 107 ? -2.410  -17.188 -5.530  1.00 28.84 ? 103 TRP A CZ2 1 
ATOM   618  C CZ3 . TRP A 1 107 ? -2.156  -14.898 -4.792  1.00 27.63 ? 103 TRP A CZ3 1 
ATOM   619  C CH2 . TRP A 1 107 ? -2.896  -16.088 -4.880  1.00 27.65 ? 103 TRP A CH2 1 
ATOM   620  N N   . ARG A 1 108 ? 3.932   -13.198 -8.419  1.00 23.12 ? 104 ARG A N   1 
ATOM   621  C CA  . ARG A 1 108 ? 4.945   -12.149 -8.414  1.00 24.59 ? 104 ARG A CA  1 
ATOM   622  C C   . ARG A 1 108 ? 4.412   -10.863 -9.037  1.00 24.11 ? 104 ARG A C   1 
ATOM   623  O O   . ARG A 1 108 ? 4.659   -9.770  -8.522  1.00 22.10 ? 104 ARG A O   1 
ATOM   624  C CB  . ARG A 1 108 ? 6.201   -12.629 -9.143  1.00 22.76 ? 104 ARG A CB  1 
ATOM   625  C CG  . ARG A 1 108 ? 7.322   -11.579 -9.208  1.00 27.34 ? 104 ARG A CG  1 
ATOM   626  C CD  . ARG A 1 108 ? 8.583   -12.103 -9.881  1.00 28.82 ? 104 ARG A CD  1 
ATOM   627  N NE  . ARG A 1 108 ? 9.364   -12.951 -8.993  1.00 30.68 ? 104 ARG A NE  1 
ATOM   628  C CZ  . ARG A 1 108 ? 9.424   -14.275 -9.081  1.00 36.94 ? 104 ARG A CZ  1 
ATOM   629  N NH1 . ARG A 1 108 ? 8.749   -14.915 -10.033 1.00 38.97 ? 104 ARG A NH1 1 
ATOM   630  N NH2 . ARG A 1 108 ? 10.164  -14.958 -8.216  1.00 32.13 ? 104 ARG A NH2 1 
ATOM   631  N N   . THR A 1 109 ? 3.689   -10.964 -10.156 1.00 23.91 ? 105 THR A N   1 
ATOM   632  C CA  . THR A 1 109 ? 3.214   -9.739  -10.787 1.00 22.93 ? 105 THR A CA  1 
ATOM   633  C C   . THR A 1 109 ? 2.204   -9.032  -9.901  1.00 23.80 ? 105 THR A C   1 
ATOM   634  O O   . THR A 1 109 ? 2.136   -7.804  -9.907  1.00 24.67 ? 105 THR A O   1 
ATOM   635  C CB  . THR A 1 109 ? 2.602   -10.025 -12.164 1.00 27.80 ? 105 THR A CB  1 
ATOM   636  O OG1 . THR A 1 109 ? 1.426   -10.827 -12.010 1.00 48.22 ? 105 THR A OG1 1 
ATOM   637  C CG2 . THR A 1 109 ? 3.587   -10.745 -13.050 1.00 23.17 ? 105 THR A CG2 1 
ATOM   638  N N   . GLY A 1 110 ? 1.442   -9.789  -9.107  1.00 25.50 ? 106 GLY A N   1 
ATOM   639  C CA  . GLY A 1 110 ? 0.472   -9.170  -8.214  1.00 24.37 ? 106 GLY A CA  1 
ATOM   640  C C   . GLY A 1 110 ? 1.120   -8.462  -7.037  1.00 25.17 ? 106 GLY A C   1 
ATOM   641  O O   . GLY A 1 110 ? 0.814   -7.303  -6.752  1.00 29.40 ? 106 GLY A O   1 
ATOM   642  N N   . ILE A 1 111 ? 2.025   -9.151  -6.334  1.00 22.21 ? 107 ILE A N   1 
ATOM   643  C CA  . ILE A 1 111 ? 2.757   -8.520  -5.238  1.00 22.46 ? 107 ILE A CA  1 
ATOM   644  C C   . ILE A 1 111 ? 3.550   -7.320  -5.738  1.00 24.32 ? 107 ILE A C   1 
ATOM   645  O O   . ILE A 1 111 ? 3.698   -6.316  -5.029  1.00 23.51 ? 107 ILE A O   1 
ATOM   646  C CB  . ILE A 1 111 ? 3.660   -9.569  -4.547  1.00 23.84 ? 107 ILE A CB  1 
ATOM   647  C CG1 . ILE A 1 111 ? 2.800   -10.725 -3.998  1.00 24.52 ? 107 ILE A CG1 1 
ATOM   648  C CG2 . ILE A 1 111 ? 4.498   -8.922  -3.446  1.00 22.69 ? 107 ILE A CG2 1 
ATOM   649  C CD1 . ILE A 1 111 ? 3.594   -11.944 -3.574  1.00 27.32 ? 107 ILE A CD1 1 
ATOM   650  N N   . ASN A 1 112 ? 4.071   -7.398  -6.963  1.00 20.96 ? 108 ASN A N   1 
ATOM   651  C CA  . ASN A 1 112 ? 4.838   -6.296  -7.523  1.00 20.11 ? 108 ASN A CA  1 
ATOM   652  C C   . ASN A 1 112 ? 4.022   -5.001  -7.600  1.00 21.66 ? 108 ASN A C   1 
ATOM   653  O O   . ASN A 1 112 ? 4.594   -3.909  -7.533  1.00 26.64 ? 108 ASN A O   1 
ATOM   654  C CB  . ASN A 1 112 ? 5.355   -6.674  -8.912  1.00 23.84 ? 108 ASN A CB  1 
ATOM   655  C CG  . ASN A 1 112 ? 6.285   -5.627  -9.484  1.00 23.59 ? 108 ASN A CG  1 
ATOM   656  O OD1 . ASN A 1 112 ? 7.346   -5.352  -8.925  1.00 24.38 ? 108 ASN A OD1 1 
ATOM   657  N ND2 . ASN A 1 112 ? 5.905   -5.053  -10.626 1.00 23.67 ? 108 ASN A ND2 1 
ATOM   658  N N   . VAL A 1 113 ? 2.702   -5.100  -7.760  1.00 26.21 ? 109 VAL A N   1 
ATOM   659  C CA  . VAL A 1 113 ? 1.856   -3.904  -7.733  1.00 24.58 ? 109 VAL A CA  1 
ATOM   660  C C   . VAL A 1 113 ? 2.097   -3.119  -6.453  1.00 30.04 ? 109 VAL A C   1 
ATOM   661  O O   . VAL A 1 113 ? 2.343   -1.904  -6.472  1.00 30.81 ? 109 VAL A O   1 
ATOM   662  C CB  . VAL A 1 113 ? 0.373   -4.293  -7.868  1.00 31.32 ? 109 VAL A CB  1 
ATOM   663  C CG1 . VAL A 1 113 ? -0.513  -3.093  -7.555  1.00 34.12 ? 109 VAL A CG1 1 
ATOM   664  C CG2 . VAL A 1 113 ? 0.106   -4.834  -9.249  1.00 27.75 ? 109 VAL A CG2 1 
ATOM   665  N N   . PHE A 1 114 ? 2.048   -3.813  -5.316  1.00 32.18 ? 110 PHE A N   1 
ATOM   666  C CA  . PHE A 1 114 ? 2.246   -3.132  -4.043  1.00 31.53 ? 110 PHE A CA  1 
ATOM   667  C C   . PHE A 1 114 ? 3.687   -2.699  -3.870  1.00 24.70 ? 110 PHE A C   1 
ATOM   668  O O   . PHE A 1 114 ? 3.952   -1.605  -3.364  1.00 31.50 ? 110 PHE A O   1 
ATOM   669  C CB  . PHE A 1 114 ? 1.792   -4.031  -2.906  1.00 29.22 ? 110 PHE A CB  1 
ATOM   670  C CG  . PHE A 1 114 ? 0.338   -4.310  -2.975  1.00 35.27 ? 110 PHE A CG  1 
ATOM   671  C CD1 . PHE A 1 114 ? -0.557  -3.415  -2.445  1.00 30.51 ? 110 PHE A CD1 1 
ATOM   672  C CD2 . PHE A 1 114 ? -0.133  -5.397  -3.660  1.00 39.90 ? 110 PHE A CD2 1 
ATOM   673  C CE1 . PHE A 1 114 ? -1.898  -3.639  -2.545  1.00 41.38 ? 110 PHE A CE1 1 
ATOM   674  C CE2 . PHE A 1 114 ? -1.480  -5.616  -3.764  1.00 45.44 ? 110 PHE A CE2 1 
ATOM   675  C CZ  . PHE A 1 114 ? -2.361  -4.736  -3.199  1.00 36.97 ? 110 PHE A CZ  1 
ATOM   676  N N   . PHE A 1 115 ? 4.625   -3.531  -4.306  1.00 26.54 ? 111 PHE A N   1 
ATOM   677  C CA  . PHE A 1 115 ? 6.033   -3.162  -4.250  1.00 25.59 ? 111 PHE A CA  1 
ATOM   678  C C   . PHE A 1 115 ? 6.306   -1.883  -5.050  1.00 26.44 ? 111 PHE A C   1 
ATOM   679  O O   . PHE A 1 115 ? 7.006   -0.979  -4.578  1.00 28.27 ? 111 PHE A O   1 
ATOM   680  C CB  . PHE A 1 115 ? 6.871   -4.342  -4.759  1.00 24.63 ? 111 PHE A CB  1 
ATOM   681  C CG  . PHE A 1 115 ? 8.333   -4.064  -4.857  1.00 27.50 ? 111 PHE A CG  1 
ATOM   682  C CD1 . PHE A 1 115 ? 9.119   -4.029  -3.721  1.00 31.28 ? 111 PHE A CD1 1 
ATOM   683  C CD2 . PHE A 1 115 ? 8.935   -3.890  -6.084  1.00 30.18 ? 111 PHE A CD2 1 
ATOM   684  C CE1 . PHE A 1 115 ? 10.470  -3.801  -3.805  1.00 25.17 ? 111 PHE A CE1 1 
ATOM   685  C CE2 . PHE A 1 115 ? 10.303  -3.651  -6.174  1.00 33.94 ? 111 PHE A CE2 1 
ATOM   686  C CZ  . PHE A 1 115 ? 11.067  -3.608  -5.034  1.00 31.45 ? 111 PHE A CZ  1 
ATOM   687  N N   . GLU A 1 116 ? 5.762   -1.784  -6.264  1.00 27.28 ? 112 GLU A N   1 
ATOM   688  C CA  . GLU A 1 116 ? 6.058   -0.608  -7.087  1.00 24.61 ? 112 GLU A CA  1 
ATOM   689  C C   . GLU A 1 116 ? 5.226   0.613   -6.709  1.00 27.71 ? 112 GLU A C   1 
ATOM   690  O O   . GLU A 1 116 ? 5.695   1.738   -6.868  1.00 33.01 ? 112 GLU A O   1 
ATOM   691  C CB  . GLU A 1 116 ? 5.855   -0.926  -8.574  1.00 32.25 ? 112 GLU A CB  1 
ATOM   692  C CG  . GLU A 1 116 ? 6.910   -1.871  -9.168  1.00 32.66 ? 112 GLU A CG  1 
ATOM   693  C CD  . GLU A 1 116 ? 8.257   -1.207  -9.367  1.00 42.62 ? 112 GLU A CD  1 
ATOM   694  O OE1 . GLU A 1 116 ? 8.294   0.036   -9.466  1.00 45.94 ? 112 GLU A OE1 1 
ATOM   695  O OE2 . GLU A 1 116 ? 9.277   -1.931  -9.432  1.00 43.15 ? 112 GLU A OE2 1 
ATOM   696  N N   . THR A 1 117 ? 3.993   0.434   -6.236  1.00 30.12 ? 113 THR A N   1 
ATOM   697  C CA  . THR A 1 117 ? 3.146   1.597   -5.979  1.00 29.16 ? 113 THR A CA  1 
ATOM   698  C C   . THR A 1 117 ? 3.565   2.308   -4.702  1.00 26.07 ? 113 THR A C   1 
ATOM   699  O O   . THR A 1 117 ? 3.854   3.508   -4.705  1.00 29.43 ? 113 THR A O   1 
ATOM   700  C CB  . THR A 1 117 ? 1.671   1.174   -5.897  1.00 27.57 ? 113 THR A CB  1 
ATOM   701  O OG1 . THR A 1 117 ? 1.279   0.601   -7.149  1.00 33.14 ? 113 THR A OG1 1 
ATOM   702  C CG2 . THR A 1 117 ? 0.795   2.390   -5.654  1.00 34.19 ? 113 THR A CG2 1 
ATOM   703  N N   . PHE A 1 118 ? 3.602   1.575   -3.593  1.00 28.20 ? 114 PHE A N   1 
ATOM   704  C CA  . PHE A 1 118 ? 4.039   2.178   -2.344  1.00 22.95 ? 114 PHE A CA  1 
ATOM   705  C C   . PHE A 1 118 ? 5.526   2.493   -2.373  1.00 24.43 ? 114 PHE A C   1 
ATOM   706  O O   . PHE A 1 118 ? 5.956   3.493   -1.788  1.00 24.86 ? 114 PHE A O   1 
ATOM   707  C CB  . PHE A 1 118 ? 3.688   1.249   -1.200  1.00 26.24 ? 114 PHE A CB  1 
ATOM   708  C CG  . PHE A 1 118 ? 2.206   1.134   -0.991  1.00 28.67 ? 114 PHE A CG  1 
ATOM   709  C CD1 . PHE A 1 118 ? 1.528   2.117   -0.287  1.00 31.27 ? 114 PHE A CD1 1 
ATOM   710  C CD2 . PHE A 1 118 ? 1.492   0.087   -1.542  1.00 34.46 ? 114 PHE A CD2 1 
ATOM   711  C CE1 . PHE A 1 118 ? 0.142   2.031   -0.106  1.00 36.00 ? 114 PHE A CE1 1 
ATOM   712  C CE2 . PHE A 1 118 ? 0.115   -0.007  -1.365  1.00 38.02 ? 114 PHE A CE2 1 
ATOM   713  C CZ  . PHE A 1 118 ? -0.556  0.968   -0.649  1.00 35.05 ? 114 PHE A CZ  1 
ATOM   714  N N   . GLY A 1 119 ? 6.316   1.663   -3.062  1.00 26.22 ? 115 GLY A N   1 
ATOM   715  C CA  . GLY A 1 119 ? 7.745   1.914   -3.186  1.00 22.91 ? 115 GLY A CA  1 
ATOM   716  C C   . GLY A 1 119 ? 8.088   3.169   -3.962  1.00 29.77 ? 115 GLY A C   1 
ATOM   717  O O   . GLY A 1 119 ? 9.189   3.706   -3.796  1.00 27.14 ? 115 GLY A O   1 
ATOM   718  N N   . SER A 1 120 ? 7.181   3.639   -4.808  1.00 25.65 ? 116 SER A N   1 
ATOM   719  C CA  . SER A 1 120 ? 7.359   4.902   -5.509  1.00 27.91 ? 116 SER A CA  1 
ATOM   720  C C   . SER A 1 120 ? 6.883   6.104   -4.704  1.00 31.77 ? 116 SER A C   1 
ATOM   721  O O   . SER A 1 120 ? 7.113   7.239   -5.128  1.00 35.58 ? 116 SER A O   1 
ATOM   722  C CB  . SER A 1 120 ? 6.621   4.857   -6.848  1.00 31.70 ? 116 SER A CB  1 
ATOM   723  O OG  . SER A 1 120 ? 7.172   3.846   -7.671  1.00 36.10 ? 116 SER A OG  1 
ATOM   724  N N   . HIS A 1 121 ? 6.231   5.888   -3.560  1.00 31.35 ? 117 HIS A N   1 
ATOM   725  C CA  . HIS A 1 121 ? 5.736   6.967   -2.709  1.00 32.37 ? 117 HIS A CA  1 
ATOM   726  C C   . HIS A 1 121 ? 6.092   6.646   -1.255  1.00 26.34 ? 117 HIS A C   1 
ATOM   727  O O   . HIS A 1 121 ? 5.239   6.551   -0.377  1.00 28.61 ? 117 HIS A O   1 
ATOM   728  C CB  . HIS A 1 121 ? 4.232   7.161   -2.910  1.00 31.11 ? 117 HIS A CB  1 
ATOM   729  C CG  . HIS A 1 121 ? 3.863   7.504   -4.319  1.00 32.93 ? 117 HIS A CG  1 
ATOM   730  N ND1 . HIS A 1 121 ? 3.971   8.782   -4.824  1.00 37.22 ? 117 HIS A ND1 1 
ATOM   731  C CD2 . HIS A 1 121 ? 3.412   6.734   -5.337  1.00 35.42 ? 117 HIS A CD2 1 
ATOM   732  C CE1 . HIS A 1 121 ? 3.596   8.785   -6.093  1.00 38.45 ? 117 HIS A CE1 1 
ATOM   733  N NE2 . HIS A 1 121 ? 3.260   7.553   -6.430  1.00 40.61 ? 117 HIS A NE2 1 
ATOM   734  N N   . LYS A 1 122 ? 7.398   6.489   -1.001  1.00 28.60 ? 118 LYS A N   1 
ATOM   735  C CA  . LYS A 1 122 ? 7.854   6.003   0.298   1.00 28.93 ? 118 LYS A CA  1 
ATOM   736  C C   . LYS A 1 122 ? 7.530   6.985   1.412   1.00 30.96 ? 118 LYS A C   1 
ATOM   737  O O   . LYS A 1 122 ? 7.197   6.572   2.530   1.00 29.11 ? 118 LYS A O   1 
ATOM   738  C CB  . LYS A 1 122 ? 9.362   5.732   0.262   1.00 26.12 ? 118 LYS A CB  1 
ATOM   739  C CG  . LYS A 1 122 ? 9.751   4.508   -0.533  1.00 31.17 ? 118 LYS A CG  1 
ATOM   740  C CD  . LYS A 1 122 ? 11.253  4.256   -0.379  1.00 29.98 ? 118 LYS A CD  1 
ATOM   741  C CE  . LYS A 1 122 ? 11.691  2.984   -1.058  1.00 34.63 ? 118 LYS A CE  1 
ATOM   742  N NZ  . LYS A 1 122 ? 11.431  3.047   -2.512  1.00 38.54 ? 118 LYS A NZ  1 
ATOM   743  N N   . ALA A 1 123 ? 7.642   8.288   1.135   1.00 29.56 ? 119 ALA A N   1 
ATOM   744  C CA  . ALA A 1 123 ? 7.376   9.281   2.170   1.00 30.70 ? 119 ALA A CA  1 
ATOM   745  C C   . ALA A 1 123 ? 5.902   9.296   2.537   1.00 25.72 ? 119 ALA A C   1 
ATOM   746  O O   . ALA A 1 123 ? 5.552   9.410   3.719   1.00 32.84 ? 119 ALA A O   1 
ATOM   747  C CB  . ALA A 1 123 ? 7.825   10.668  1.707   1.00 32.17 ? 119 ALA A CB  1 
ATOM   748  N N   . VAL A 1 124 ? 5.020   9.174   1.546   1.00 24.07 ? 120 VAL A N   1 
ATOM   749  C CA  . VAL A 1 124 ? 3.598   9.087   1.858   1.00 26.84 ? 120 VAL A CA  1 
ATOM   750  C C   . VAL A 1 124 ? 3.302   7.791   2.602   1.00 32.78 ? 120 VAL A C   1 
ATOM   751  O O   . VAL A 1 124 ? 2.543   7.785   3.580   1.00 32.23 ? 120 VAL A O   1 
ATOM   752  C CB  . VAL A 1 124 ? 2.753   9.217   0.578   1.00 30.69 ? 120 VAL A CB  1 
ATOM   753  C CG1 . VAL A 1 124 ? 1.304   8.857   0.865   1.00 26.52 ? 120 VAL A CG1 1 
ATOM   754  C CG2 . VAL A 1 124 ? 2.852   10.628  0.006   1.00 32.04 ? 120 VAL A CG2 1 
ATOM   755  N N   . THR A 1 125 ? 3.898   6.675   2.162   1.00 28.65 ? 121 THR A N   1 
ATOM   756  C CA  . THR A 1 125 ? 3.683   5.400   2.846   1.00 27.38 ? 121 THR A CA  1 
ATOM   757  C C   . THR A 1 125 ? 4.124   5.481   4.304   1.00 27.62 ? 121 THR A C   1 
ATOM   758  O O   . THR A 1 125 ? 3.414   5.023   5.205   1.00 32.61 ? 121 THR A O   1 
ATOM   759  C CB  . THR A 1 125 ? 4.437   4.274   2.130   1.00 28.78 ? 121 THR A CB  1 
ATOM   760  O OG1 . THR A 1 125 ? 3.981   4.165   0.780   1.00 31.23 ? 121 THR A OG1 1 
ATOM   761  C CG2 . THR A 1 125 ? 4.196   2.940   2.840   1.00 31.60 ? 121 THR A CG2 1 
ATOM   762  N N   . ARG A 1 126 ? 5.295   6.067   4.549   1.00 28.10 ? 122 ARG A N   1 
ATOM   763  C CA  . ARG A 1 126 ? 5.809   6.206   5.908   1.00 31.34 ? 122 ARG A CA  1 
ATOM   764  C C   . ARG A 1 126 ? 4.873   7.054   6.769   1.00 35.76 ? 122 ARG A C   1 
ATOM   765  O O   . ARG A 1 126 ? 4.429   6.631   7.843   1.00 33.60 ? 122 ARG A O   1 
ATOM   766  C CB  . ARG A 1 126 ? 7.206   6.826   5.854   1.00 35.61 ? 122 ARG A CB  1 
ATOM   767  C CG  . ARG A 1 126 ? 7.944   6.860   7.179   1.00 43.52 ? 122 ARG A CG  1 
ATOM   768  C CD  . ARG A 1 126 ? 8.955   8.011   7.219   1.00 52.73 ? 122 ARG A CD  1 
ATOM   769  N NE  . ARG A 1 126 ? 8.288   9.314   7.222   1.00 56.45 ? 122 ARG A NE  1 
ATOM   770  C CZ  . ARG A 1 126 ? 8.458   10.263  6.302   1.00 53.33 ? 122 ARG A CZ  1 
ATOM   771  N NH1 . ARG A 1 126 ? 9.296   10.081  5.285   1.00 51.11 ? 122 ARG A NH1 1 
ATOM   772  N NH2 . ARG A 1 126 ? 7.793   11.407  6.405   1.00 46.90 ? 122 ARG A NH2 1 
ATOM   773  N N   . ALA A 1 127 ? 4.570   8.269   6.309   1.00 30.09 ? 123 ALA A N   1 
ATOM   774  C CA  . ALA A 1 127 ? 3.692   9.156   7.068   1.00 32.58 ? 123 ALA A CA  1 
ATOM   775  C C   . ALA A 1 127 ? 2.290   8.575   7.200   1.00 32.09 ? 123 ALA A C   1 
ATOM   776  O O   . ALA A 1 127 ? 1.626   8.765   8.228   1.00 35.69 ? 123 ALA A O   1 
ATOM   777  C CB  . ALA A 1 127 ? 3.639   10.532  6.403   1.00 31.39 ? 123 ALA A CB  1 
ATOM   778  N N   . GLY A 1 128 ? 1.820   7.871   6.171   1.00 31.24 ? 124 GLY A N   1 
ATOM   779  C CA  . GLY A 1 128 ? 0.490   7.283   6.229   1.00 30.04 ? 124 GLY A CA  1 
ATOM   780  C C   . GLY A 1 128 ? 0.366   6.188   7.273   1.00 36.36 ? 124 GLY A C   1 
ATOM   781  O O   . GLY A 1 128 ? -0.668  6.066   7.943   1.00 34.36 ? 124 GLY A O   1 
ATOM   782  N N   . GLN A 1 129 ? 1.409   5.369   7.426   1.00 32.67 ? 125 GLN A N   1 
ATOM   783  C CA  . GLN A 1 129 ? 1.360   4.346   8.467   1.00 35.56 ? 125 GLN A CA  1 
ATOM   784  C C   . GLN A 1 129 ? 1.458   4.979   9.850   1.00 36.59 ? 125 GLN A C   1 
ATOM   785  O O   . GLN A 1 129 ? 0.787   4.538   10.789  1.00 38.98 ? 125 GLN A O   1 
ATOM   786  C CB  . GLN A 1 129 ? 2.468   3.306   8.258   1.00 37.57 ? 125 GLN A CB  1 
ATOM   787  C CG  . GLN A 1 129 ? 2.253   2.368   7.047   1.00 37.50 ? 125 GLN A CG  1 
ATOM   788  C CD  . GLN A 1 129 ? 1.083   1.399   7.220   1.00 40.39 ? 125 GLN A CD  1 
ATOM   789  O OE1 . GLN A 1 129 ? 0.506   1.285   8.299   1.00 45.53 ? 125 GLN A OE1 1 
ATOM   790  N NE2 . GLN A 1 129 ? 0.750   0.679   6.158   1.00 43.82 ? 125 GLN A NE2 1 
ATOM   791  N N   . ALA A 1 130 ? 2.271   6.026   9.988   1.00 35.06 ? 126 ALA A N   1 
ATOM   792  C CA  . ALA A 1 130 ? 2.364   6.724   11.266  1.00 38.09 ? 126 ALA A CA  1 
ATOM   793  C C   . ALA A 1 130 ? 1.019   7.310   11.682  1.00 39.51 ? 126 ALA A C   1 
ATOM   794  O O   . ALA A 1 130 ? 0.641   7.241   12.857  1.00 44.94 ? 126 ALA A O   1 
ATOM   795  C CB  . ALA A 1 130 ? 3.424   7.819   11.186  1.00 39.88 ? 126 ALA A CB  1 
ATOM   796  N N   . ALA A 1 131 ? 0.276   7.880   10.729  1.00 38.50 ? 127 ALA A N   1 
ATOM   797  C CA  . ALA A 1 131 ? -1.017  8.498   11.022  1.00 37.40 ? 127 ALA A CA  1 
ATOM   798  C C   . ALA A 1 131 ? -2.101  7.494   11.382  1.00 44.74 ? 127 ALA A C   1 
ATOM   799  O O   . ALA A 1 131 ? -3.159  7.907   11.871  1.00 43.94 ? 127 ALA A O   1 
ATOM   800  C CB  . ALA A 1 131 ? -1.494  9.327   9.829   1.00 34.92 ? 127 ALA A CB  1 
ATOM   801  N N   . ARG A 1 132 ? -1.886  6.201   11.128  1.00 41.53 ? 128 ARG A N   1 
ATOM   802  C CA  . ARG A 1 132 ? -2.861  5.191   11.528  1.00 35.20 ? 128 ARG A CA  1 
ATOM   803  C C   . ARG A 1 132 ? -3.164  5.267   13.015  1.00 40.32 ? 128 ARG A C   1 
ATOM   804  O O   . ARG A 1 132 ? -4.299  5.020   13.441  1.00 46.41 ? 128 ARG A O   1 
ATOM   805  C CB  . ARG A 1 132 ? -2.332  3.800   11.196  1.00 34.05 ? 128 ARG A CB  1 
ATOM   806  C CG  . ARG A 1 132 ? -2.993  3.161   10.045  1.00 43.93 ? 128 ARG A CG  1 
ATOM   807  C CD  . ARG A 1 132 ? -2.253  1.895   9.700   1.00 45.77 ? 128 ARG A CD  1 
ATOM   808  N NE  . ARG A 1 132 ? -3.024  0.714   10.052  1.00 45.43 ? 128 ARG A NE  1 
ATOM   809  C CZ  . ARG A 1 132 ? -2.801  -0.479  9.524   1.00 47.65 ? 128 ARG A CZ  1 
ATOM   810  N NH1 . ARG A 1 132 ? -1.827  -0.627  8.631   1.00 40.39 ? 128 ARG A NH1 1 
ATOM   811  N NH2 . ARG A 1 132 ? -3.541  -1.515  9.891   1.00 49.12 ? 128 ARG A NH2 1 
ATOM   812  N N   . ALA A 1 133 ? -2.151  5.592   13.819  1.00 41.92 ? 129 ALA A N   1 
ATOM   813  C CA  . ALA A 1 133 ? -2.318  5.603   15.266  1.00 49.42 ? 129 ALA A CA  1 
ATOM   814  C C   . ALA A 1 133 ? -3.226  6.737   15.723  1.00 49.52 ? 129 ALA A C   1 
ATOM   815  O O   . ALA A 1 133 ? -3.939  6.594   16.721  1.00 52.77 ? 129 ALA A O   1 
ATOM   816  C CB  . ALA A 1 133 ? -0.949  5.705   15.939  1.00 42.60 ? 129 ALA A CB  1 
ATOM   817  N N   . THR A 1 134 ? -3.232  7.854   14.999  1.00 50.97 ? 130 THR A N   1 
ATOM   818  C CA  . THR A 1 134 ? -3.898  9.065   15.449  1.00 47.85 ? 130 THR A CA  1 
ATOM   819  C C   . THR A 1 134 ? -5.139  9.429   14.650  1.00 52.40 ? 130 THR A C   1 
ATOM   820  O O   . THR A 1 134 ? -5.991  10.161  15.167  1.00 53.32 ? 130 THR A O   1 
ATOM   821  C CB  . THR A 1 134 ? -2.914  10.244  15.405  1.00 52.18 ? 130 THR A CB  1 
ATOM   822  O OG1 . THR A 1 134 ? -2.593  10.549  14.042  1.00 55.87 ? 130 THR A OG1 1 
ATOM   823  C CG2 . THR A 1 134 ? -1.626  9.881   16.127  1.00 53.41 ? 130 THR A CG2 1 
ATOM   824  N N   . SER A 1 135 ? -5.274  8.944   13.420  1.00 42.86 ? 131 SER A N   1 
ATOM   825  C CA  . SER A 1 135 ? -6.368  9.341   12.546  1.00 42.32 ? 131 SER A CA  1 
ATOM   826  C C   . SER A 1 135 ? -7.308  8.167   12.325  1.00 47.07 ? 131 SER A C   1 
ATOM   827  O O   . SER A 1 135 ? -6.900  7.120   11.809  1.00 39.88 ? 131 SER A O   1 
ATOM   828  C CB  . SER A 1 135 ? -5.847  9.860   11.210  1.00 40.53 ? 131 SER A CB  1 
ATOM   829  O OG  . SER A 1 135 ? -6.900  9.923   10.269  1.00 40.20 ? 131 SER A OG  1 
ATOM   830  N N   . VAL A 1 136 ? -8.571  8.351   12.707  1.00 43.63 ? 132 VAL A N   1 
ATOM   831  C CA  . VAL A 1 136 ? -9.577  7.329   12.449  1.00 43.74 ? 132 VAL A CA  1 
ATOM   832  C C   . VAL A 1 136 ? -9.771  7.140   10.949  1.00 41.10 ? 132 VAL A C   1 
ATOM   833  O O   . VAL A 1 136 ? -9.948  6.013   10.470  1.00 42.33 ? 132 VAL A O   1 
ATOM   834  C CB  . VAL A 1 136 ? -10.895 7.698   13.154  1.00 45.15 ? 132 VAL A CB  1 
ATOM   835  C CG1 . VAL A 1 136 ? -12.046 6.864   12.610  1.00 48.75 ? 132 VAL A CG1 1 
ATOM   836  C CG2 . VAL A 1 136 ? -10.749 7.512   14.649  1.00 48.82 ? 132 VAL A CG2 1 
ATOM   837  N N   . GLU A 1 137 ? -9.726  8.232   10.180  1.00 34.78 ? 133 GLU A N   1 
ATOM   838  C CA  . GLU A 1 137 ? -9.950  8.122   8.741   1.00 41.40 ? 133 GLU A CA  1 
ATOM   839  C C   . GLU A 1 137 ? -8.812  7.376   8.054   1.00 34.75 ? 133 GLU A C   1 
ATOM   840  O O   . GLU A 1 137 ? -9.050  6.590   7.128   1.00 35.08 ? 133 GLU A O   1 
ATOM   841  C CB  . GLU A 1 137 ? -10.124 9.508   8.118   1.00 43.05 ? 133 GLU A CB  1 
ATOM   842  C CG  . GLU A 1 137 ? -11.313 10.275  8.656   1.00 46.19 ? 133 GLU A CG  1 
ATOM   843  C CD  . GLU A 1 137 ? -10.949 11.197  9.804   1.00 58.02 ? 133 GLU A CD  1 
ATOM   844  O OE1 . GLU A 1 137 ? -11.312 12.393  9.728   1.00 68.77 ? 133 GLU A OE1 1 
ATOM   845  O OE2 . GLU A 1 137 ? -10.299 10.742  10.775  1.00 54.20 ? 133 GLU A OE2 1 
ATOM   846  N N   . VAL A 1 138 ? -7.572  7.625   8.477   1.00 39.08 ? 134 VAL A N   1 
ATOM   847  C CA  . VAL A 1 138 ? -6.438  6.910   7.898   1.00 34.92 ? 134 VAL A CA  1 
ATOM   848  C C   . VAL A 1 138 ? -6.510  5.431   8.256   1.00 32.77 ? 134 VAL A C   1 
ATOM   849  O O   . VAL A 1 138 ? -6.339  4.558   7.399   1.00 32.77 ? 134 VAL A O   1 
ATOM   850  C CB  . VAL A 1 138 ? -5.114  7.539   8.360   1.00 37.49 ? 134 VAL A CB  1 
ATOM   851  C CG1 . VAL A 1 138 ? -3.941  6.635   7.979   1.00 32.28 ? 134 VAL A CG1 1 
ATOM   852  C CG2 . VAL A 1 138 ? -4.945  8.936   7.757   1.00 33.83 ? 134 VAL A CG2 1 
ATOM   853  N N   . ALA A 1 139 ? -6.785  5.130   9.527   1.00 35.96 ? 135 ALA A N   1 
ATOM   854  C CA  . ALA A 1 139 ? -6.890  3.736   9.948   1.00 35.73 ? 135 ALA A CA  1 
ATOM   855  C C   . ALA A 1 139 ? -8.007  3.010   9.207   1.00 37.42 ? 135 ALA A C   1 
ATOM   856  O O   . ALA A 1 139 ? -7.865  1.836   8.851   1.00 35.19 ? 135 ALA A O   1 
ATOM   857  C CB  . ALA A 1 139 ? -7.099  3.659   11.460  1.00 37.10 ? 135 ALA A CB  1 
ATOM   858  N N   . GLU A 1 140 ? -9.120  3.690   8.938   1.00 38.93 ? 136 GLU A N   1 
ATOM   859  C CA  . GLU A 1 140 ? -10.200 3.017   8.229   1.00 33.41 ? 136 GLU A CA  1 
ATOM   860  C C   . GLU A 1 140 ? -9.904  2.885   6.739   1.00 33.27 ? 136 GLU A C   1 
ATOM   861  O O   . GLU A 1 140 ? -10.389 1.950   6.096   1.00 36.15 ? 136 GLU A O   1 
ATOM   862  C CB  . GLU A 1 140 ? -11.527 3.741   8.463   1.00 43.31 ? 136 GLU A CB  1 
ATOM   863  C CG  . GLU A 1 140 ? -11.930 3.772   9.943   1.00 53.59 ? 136 GLU A CG  1 
ATOM   864  C CD  . GLU A 1 140 ? -12.226 2.377   10.490  1.00 67.02 ? 136 GLU A CD  1 
ATOM   865  O OE1 . GLU A 1 140 ? -13.379 1.935   10.349  1.00 72.29 ? 136 GLU A OE1 1 
ATOM   866  O OE2 . GLU A 1 140 ? -11.308 1.764   11.072  1.00 69.08 ? 136 GLU A OE2 1 
ATOM   867  N N   . LEU A 1 141 ? -9.120  3.802   6.170   1.00 31.72 ? 137 LEU A N   1 
ATOM   868  C CA  . LEU A 1 141 ? -8.708  3.642   4.782   1.00 31.36 ? 137 LEU A CA  1 
ATOM   869  C C   . LEU A 1 141 ? -7.835  2.403   4.620   1.00 30.02 ? 137 LEU A C   1 
ATOM   870  O O   . LEU A 1 141 ? -8.094  1.567   3.746   1.00 30.66 ? 137 LEU A O   1 
ATOM   871  C CB  . LEU A 1 141 ? -7.981  4.901   4.300   1.00 31.96 ? 137 LEU A CB  1 
ATOM   872  C CG  . LEU A 1 141 ? -7.402  4.879   2.888   1.00 35.80 ? 137 LEU A CG  1 
ATOM   873  C CD1 . LEU A 1 141 ? -8.515  4.682   1.886   1.00 35.51 ? 137 LEU A CD1 1 
ATOM   874  C CD2 . LEU A 1 141 ? -6.621  6.172   2.600   1.00 36.69 ? 137 LEU A CD2 1 
ATOM   875  N N   . TRP A 1 142 ? -6.808  2.261   5.471   1.00 27.52 ? 138 TRP A N   1 
ATOM   876  C CA  . TRP A 1 142 ? -5.933  1.087   5.404   1.00 32.27 ? 138 TRP A CA  1 
ATOM   877  C C   . TRP A 1 142 ? -6.732  -0.196  5.600   1.00 28.24 ? 138 TRP A C   1 
ATOM   878  O O   . TRP A 1 142 ? -6.555  -1.174  4.867   1.00 30.61 ? 138 TRP A O   1 
ATOM   879  C CB  . TRP A 1 142 ? -4.821  1.162   6.459   1.00 31.53 ? 138 TRP A CB  1 
ATOM   880  C CG  . TRP A 1 142 ? -3.651  2.063   6.190   1.00 41.38 ? 138 TRP A CG  1 
ATOM   881  C CD1 . TRP A 1 142 ? -3.299  3.185   6.888   1.00 40.62 ? 138 TRP A CD1 1 
ATOM   882  C CD2 . TRP A 1 142 ? -2.655  1.899   5.173   1.00 40.45 ? 138 TRP A CD2 1 
ATOM   883  N NE1 . TRP A 1 142 ? -2.148  3.730   6.373   1.00 38.85 ? 138 TRP A NE1 1 
ATOM   884  C CE2 . TRP A 1 142 ? -1.735  2.967   5.311   1.00 42.57 ? 138 TRP A CE2 1 
ATOM   885  C CE3 . TRP A 1 142 ? -2.459  0.965   4.150   1.00 35.99 ? 138 TRP A CE3 1 
ATOM   886  C CZ2 . TRP A 1 142 ? -0.633  3.121   4.465   1.00 42.80 ? 138 TRP A CZ2 1 
ATOM   887  C CZ3 . TRP A 1 142 ? -1.367  1.117   3.312   1.00 40.07 ? 138 TRP A CZ3 1 
ATOM   888  C CH2 . TRP A 1 142 ? -0.467  2.187   3.474   1.00 41.67 ? 138 TRP A CH2 1 
ATOM   889  N N   . SER A 1 143 ? -7.619  -0.206  6.598   1.00 29.87 ? 139 SER A N   1 
ATOM   890  C CA  . SER A 1 143 ? -8.347  -1.426  6.930   1.00 27.78 ? 139 SER A CA  1 
ATOM   891  C C   . SER A 1 143 ? -9.269  -1.855  5.795   1.00 29.49 ? 139 SER A C   1 
ATOM   892  O O   . SER A 1 143 ? -9.350  -3.045  5.472   1.00 29.86 ? 139 SER A O   1 
ATOM   893  C CB  . SER A 1 143 ? -9.140  -1.215  8.223   1.00 34.42 ? 139 SER A CB  1 
ATOM   894  O OG  . SER A 1 143 ? -10.018 -2.296  8.435   1.00 38.85 ? 139 SER A OG  1 
ATOM   895  N N   . THR A 1 144 ? -9.986  -0.903  5.186   1.00 26.52 ? 140 THR A N   1 
ATOM   896  C CA  . THR A 1 144 ? -10.886 -1.227  4.080   1.00 25.31 ? 140 THR A CA  1 
ATOM   897  C C   . THR A 1 144 ? -10.136 -1.855  2.918   1.00 26.62 ? 140 THR A C   1 
ATOM   898  O O   . THR A 1 144 ? -10.582 -2.840  2.317   1.00 26.77 ? 140 THR A O   1 
ATOM   899  C CB  . THR A 1 144 ? -11.598 0.044   3.604   1.00 33.06 ? 140 THR A CB  1 
ATOM   900  O OG1 . THR A 1 144 ? -12.490 0.488   4.628   1.00 39.93 ? 140 THR A OG1 1 
ATOM   901  C CG2 . THR A 1 144 ? -12.393 -0.220  2.345   1.00 39.41 ? 140 THR A CG2 1 
ATOM   902  N N   . PHE A 1 145 ? -9.019  -1.252  2.552   1.00 24.42 ? 141 PHE A N   1 
ATOM   903  C CA  A PHE A 1 145 ? -8.180  -1.713  1.446   0.37 26.05 ? 141 PHE A CA  1 
ATOM   904  C CA  B PHE A 1 145 ? -8.321  -1.797  1.408   0.63 25.80 ? 141 PHE A CA  1 
ATOM   905  C C   . PHE A 1 145 ? -7.585  -3.088  1.743   1.00 23.00 ? 141 PHE A C   1 
ATOM   906  O O   . PHE A 1 145 ? -7.553  -3.981  0.886   1.00 24.71 ? 141 PHE A O   1 
ATOM   907  C CB  A PHE A 1 145 ? -7.114  -0.625  1.244   0.37 25.67 ? 141 PHE A CB  1 
ATOM   908  C CB  B PHE A 1 145 ? -7.421  -0.728  0.818   0.63 26.69 ? 141 PHE A CB  1 
ATOM   909  C CG  A PHE A 1 145 ? -5.945  -0.993  0.371   0.37 26.46 ? 141 PHE A CG  1 
ATOM   910  C CG  B PHE A 1 145 ? -8.172  0.239   -0.053  0.63 26.86 ? 141 PHE A CG  1 
ATOM   911  C CD1 A PHE A 1 145 ? -6.058  -0.989  -1.004  0.37 27.77 ? 141 PHE A CD1 1 
ATOM   912  C CD1 B PHE A 1 145 ? -8.369  -0.041  -1.396  0.63 27.92 ? 141 PHE A CD1 1 
ATOM   913  C CD2 A PHE A 1 145 ? -4.695  -1.190  0.931   0.37 28.89 ? 141 PHE A CD2 1 
ATOM   914  C CD2 B PHE A 1 145 ? -8.733  1.394   0.477   0.63 27.62 ? 141 PHE A CD2 1 
ATOM   915  C CE1 A PHE A 1 145 ? -4.972  -1.263  -1.799  0.37 28.59 ? 141 PHE A CE1 1 
ATOM   916  C CE1 B PHE A 1 145 ? -9.069  0.824   -2.203  0.63 28.13 ? 141 PHE A CE1 1 
ATOM   917  C CE2 A PHE A 1 145 ? -3.608  -1.465  0.144   0.37 28.00 ? 141 PHE A CE2 1 
ATOM   918  C CE2 B PHE A 1 145 ? -9.433  2.267   -0.334  0.63 31.60 ? 141 PHE A CE2 1 
ATOM   919  C CZ  A PHE A 1 145 ? -3.745  -1.491  -1.223  0.37 29.59 ? 141 PHE A CZ  1 
ATOM   920  C CZ  B PHE A 1 145 ? -9.599  1.981   -1.673  0.63 30.79 ? 141 PHE A CZ  1 
ATOM   921  N N   . MET A 1 146 ? -7.092  -3.263  2.966   1.00 25.26 ? 142 MET A N   1 
ATOM   922  C CA  A MET A 1 146 ? -6.544  -4.563  3.340   0.20 25.59 ? 142 MET A CA  1 
ATOM   923  C CA  B MET A 1 146 ? -6.546  -4.561  3.366   0.80 25.28 ? 142 MET A CA  1 
ATOM   924  C C   . MET A 1 146 ? -7.623  -5.642  3.325   1.00 23.65 ? 142 MET A C   1 
ATOM   925  O O   . MET A 1 146 ? -7.375  -6.762  2.873   1.00 23.61 ? 142 MET A O   1 
ATOM   926  C CB  A MET A 1 146 ? -5.868  -4.487  4.710   0.20 26.51 ? 142 MET A CB  1 
ATOM   927  C CB  B MET A 1 146 ? -5.946  -4.464  4.768   0.80 26.72 ? 142 MET A CB  1 
ATOM   928  C CG  A MET A 1 146 ? -5.150  -5.770  5.112   0.20 26.83 ? 142 MET A CG  1 
ATOM   929  C CG  B MET A 1 146 ? -4.725  -3.619  4.841   0.80 32.30 ? 142 MET A CG  1 
ATOM   930  S SD  A MET A 1 146 ? -3.347  -5.728  4.976   0.20 39.82 ? 142 MET A SD  1 
ATOM   931  S SD  B MET A 1 146 ? -3.377  -4.482  4.016   0.80 39.16 ? 142 MET A SD  1 
ATOM   932  C CE  A MET A 1 146 ? -3.083  -4.022  4.490   0.20 38.59 ? 142 MET A CE  1 
ATOM   933  C CE  B MET A 1 146 ? -3.126  -5.878  5.128   0.80 39.33 ? 142 MET A CE  1 
ATOM   934  N N   . GLN A 1 147 ? -8.833  -5.325  3.806   1.00 22.96 ? 143 GLN A N   1 
ATOM   935  C CA  . GLN A 1 147 ? -9.901  -6.319  3.771   1.00 22.68 ? 143 GLN A CA  1 
ATOM   936  C C   . GLN A 1 147 ? -10.213 -6.735  2.345   1.00 22.56 ? 143 GLN A C   1 
ATOM   937  O O   . GLN A 1 147 ? -10.429 -7.922  2.073   1.00 21.70 ? 143 GLN A O   1 
ATOM   938  C CB  . GLN A 1 147 ? -11.167 -5.786  4.453   1.00 22.28 ? 143 GLN A CB  1 
ATOM   939  C CG  . GLN A 1 147 ? -11.036 -5.618  5.945   1.00 31.50 ? 143 GLN A CG  1 
ATOM   940  C CD  . GLN A 1 147 ? -12.272 -4.989  6.557   1.00 45.89 ? 143 GLN A CD  1 
ATOM   941  O OE1 . GLN A 1 147 ? -12.288 -3.803  6.881   1.00 48.54 ? 143 GLN A OE1 1 
ATOM   942  N NE2 . GLN A 1 147 ? -13.318 -5.783  6.707   1.00 42.47 ? 143 GLN A NE2 1 
ATOM   943  N N   . LYS A 1 148 ? -10.232 -5.768  1.416   1.00 23.36 ? 144 LYS A N   1 
ATOM   944  C CA  . LYS A 1 148 ? -10.546 -6.068  0.024   1.00 23.87 ? 144 LYS A CA  1 
ATOM   945  C C   . LYS A 1 148 ? -9.506  -6.992  -0.585  1.00 21.51 ? 144 LYS A C   1 
ATOM   946  O O   . LYS A 1 148 ? -9.837  -7.942  -1.299  1.00 20.79 ? 144 LYS A O   1 
ATOM   947  C CB  . LYS A 1 148 ? -10.623 -4.767  -0.790  1.00 27.60 ? 144 LYS A CB  1 
ATOM   948  C CG  . LYS A 1 148 ? -10.944 -4.988  -2.259  1.00 31.01 ? 144 LYS A CG  1 
ATOM   949  C CD  . LYS A 1 148 ? -11.066 -3.649  -3.006  1.00 37.82 ? 144 LYS A CD  1 
ATOM   950  C CE  . LYS A 1 148 ? -11.204 -3.869  -4.501  1.00 44.56 ? 144 LYS A CE  1 
ATOM   951  N NZ  . LYS A 1 148 ? -11.468 -2.599  -5.240  1.00 51.72 ? 144 LYS A NZ  1 
ATOM   952  N N   . TRP A 1 149 ? -8.237  -6.722  -0.313  1.00 22.32 ? 145 TRP A N   1 
ATOM   953  C CA  A TRP A 1 149 ? -7.226  -7.522  -0.980  0.39 25.26 ? 145 TRP A CA  1 
ATOM   954  C CA  B TRP A 1 149 ? -7.135  -7.462  -0.915  0.61 25.37 ? 145 TRP A CA  1 
ATOM   955  C C   . TRP A 1 149 ? -7.018  -8.868  -0.323  1.00 22.64 ? 145 TRP A C   1 
ATOM   956  O O   . TRP A 1 149 ? -6.692  -9.829  -1.028  1.00 22.73 ? 145 TRP A O   1 
ATOM   957  C CB  A TRP A 1 149 ? -5.940  -6.723  -1.096  0.39 26.98 ? 145 TRP A CB  1 
ATOM   958  C CB  B TRP A 1 149 ? -5.850  -6.633  -0.736  0.61 25.87 ? 145 TRP A CB  1 
ATOM   959  C CG  A TRP A 1 149 ? -6.187  -5.685  -2.102  0.39 27.09 ? 145 TRP A CG  1 
ATOM   960  C CG  B TRP A 1 149 ? -5.941  -5.271  -1.446  0.61 25.93 ? 145 TRP A CG  1 
ATOM   961  C CD1 A TRP A 1 149 ? -6.078  -4.344  -1.939  0.39 28.45 ? 145 TRP A CD1 1 
ATOM   962  C CD1 B TRP A 1 149 ? -6.688  -4.991  -2.562  0.61 24.36 ? 145 TRP A CD1 1 
ATOM   963  C CD2 A TRP A 1 149 ? -6.684  -5.893  -3.433  0.39 27.02 ? 145 TRP A CD2 1 
ATOM   964  C CD2 B TRP A 1 149 ? -5.268  -4.035  -1.104  0.61 26.36 ? 145 TRP A CD2 1 
ATOM   965  N NE1 A TRP A 1 149 ? -6.434  -3.700  -3.099  0.39 27.80 ? 145 TRP A NE1 1 
ATOM   966  N NE1 B TRP A 1 149 ? -6.531  -3.678  -2.923  0.61 27.65 ? 145 TRP A NE1 1 
ATOM   967  C CE2 A TRP A 1 149 ? -6.810  -4.633  -4.030  0.39 29.38 ? 145 TRP A CE2 1 
ATOM   968  C CE2 B TRP A 1 149 ? -5.666  -3.067  -2.052  0.61 27.83 ? 145 TRP A CE2 1 
ATOM   969  C CE3 A TRP A 1 149 ? -7.011  -7.028  -4.186  0.39 25.04 ? 145 TRP A CE3 1 
ATOM   970  C CE3 B TRP A 1 149 ? -4.395  -3.650  -0.085  0.61 25.22 ? 145 TRP A CE3 1 
ATOM   971  C CZ2 A TRP A 1 149 ? -7.240  -4.473  -5.349  0.39 32.21 ? 145 TRP A CZ2 1 
ATOM   972  C CZ2 B TRP A 1 149 ? -5.206  -1.751  -2.015  0.61 29.36 ? 145 TRP A CZ2 1 
ATOM   973  C CZ3 A TRP A 1 149 ? -7.453  -6.861  -5.487  0.39 32.63 ? 145 TRP A CZ3 1 
ATOM   974  C CZ3 B TRP A 1 149 ? -3.933  -2.346  -0.051  0.61 27.88 ? 145 TRP A CZ3 1 
ATOM   975  C CH2 A TRP A 1 149 ? -7.571  -5.591  -6.052  0.39 31.07 ? 145 TRP A CH2 1 
ATOM   976  C CH2 B TRP A 1 149 ? -4.341  -1.409  -1.010  0.61 30.94 ? 145 TRP A CH2 1 
ATOM   977  N N   . ILE A 1 150 ? -7.272  -8.984  0.979   1.00 21.25 ? 146 ILE A N   1 
ATOM   978  C CA  . ILE A 1 150 ? -7.348  -10.295 1.615   1.00 21.98 ? 146 ILE A CA  1 
ATOM   979  C C   . ILE A 1 150 ? -8.475  -11.117 1.001   1.00 21.49 ? 146 ILE A C   1 
ATOM   980  O O   . ILE A 1 150 ? -8.309  -12.301 0.693   1.00 20.49 ? 146 ILE A O   1 
ATOM   981  C CB  . ILE A 1 150 ? -7.544  -10.136 3.134   1.00 20.23 ? 146 ILE A CB  1 
ATOM   982  C CG1 . ILE A 1 150 ? -6.243  -9.616  3.756   1.00 21.13 ? 146 ILE A CG1 1 
ATOM   983  C CG2 . ILE A 1 150 ? -7.956  -11.474 3.758   1.00 21.33 ? 146 ILE A CG2 1 
ATOM   984  C CD1 . ILE A 1 150 ? -6.377  -9.205  5.217   1.00 20.41 ? 146 ILE A CD1 1 
ATOM   985  N N   . ALA A 1 151 ? -9.657  -10.512 0.853   1.00 22.08 ? 147 ALA A N   1 
ATOM   986  C CA  . ALA A 1 151 ? -10.780 -11.261 0.293   1.00 20.27 ? 147 ALA A CA  1 
ATOM   987  C C   . ALA A 1 151 ? -10.470 -11.743 -1.118  1.00 21.93 ? 147 ALA A C   1 
ATOM   988  O O   . ALA A 1 151 ? -10.789 -12.884 -1.486  1.00 22.99 ? 147 ALA A O   1 
ATOM   989  C CB  . ALA A 1 151 ? -12.050 -10.404 0.316   1.00 26.03 ? 147 ALA A CB  1 
ATOM   990  N N   . TYR A 1 152 ? -9.841  -10.889 -1.923  1.00 23.75 ? 148 TYR A N   1 
ATOM   991  C CA  . TYR A 1 152 ? -9.488  -11.291 -3.277  1.00 26.43 ? 148 TYR A CA  1 
ATOM   992  C C   . TYR A 1 152 ? -8.446  -12.406 -3.260  1.00 25.03 ? 148 TYR A C   1 
ATOM   993  O O   . TYR A 1 152 ? -8.566  -13.385 -4.002  1.00 24.73 ? 148 TYR A O   1 
ATOM   994  C CB  . TYR A 1 152 ? -8.981  -10.084 -4.066  1.00 26.06 ? 148 TYR A CB  1 
ATOM   995  C CG  . TYR A 1 152 ? -8.552  -10.471 -5.462  1.00 29.06 ? 148 TYR A CG  1 
ATOM   996  C CD1 . TYR A 1 152 ? -9.485  -10.907 -6.396  1.00 35.83 ? 148 TYR A CD1 1 
ATOM   997  C CD2 . TYR A 1 152 ? -7.221  -10.425 -5.839  1.00 39.90 ? 148 TYR A CD2 1 
ATOM   998  C CE1 . TYR A 1 152 ? -9.094  -11.276 -7.681  1.00 38.56 ? 148 TYR A CE1 1 
ATOM   999  C CE2 . TYR A 1 152 ? -6.826  -10.787 -7.116  1.00 45.17 ? 148 TYR A CE2 1 
ATOM   1000 C CZ  . TYR A 1 152 ? -7.766  -11.215 -8.026  1.00 42.35 ? 148 TYR A CZ  1 
ATOM   1001 O OH  . TYR A 1 152 ? -7.370  -11.581 -9.293  1.00 52.32 ? 148 TYR A OH  1 
ATOM   1002 N N   . THR A 1 153 ? -7.418  -12.273 -2.411  1.00 21.22 ? 149 THR A N   1 
ATOM   1003 C CA  . THR A 1 153 ? -6.424  -13.336 -2.270  1.00 21.02 ? 149 THR A CA  1 
ATOM   1004 C C   . THR A 1 153 ? -7.085  -14.656 -1.903  1.00 19.33 ? 149 THR A C   1 
ATOM   1005 O O   . THR A 1 153 ? -6.763  -15.709 -2.463  1.00 23.76 ? 149 THR A O   1 
ATOM   1006 C CB  . THR A 1 153 ? -5.404  -12.960 -1.190  1.00 20.31 ? 149 THR A CB  1 
ATOM   1007 O OG1 . THR A 1 153 ? -4.716  -11.759 -1.565  1.00 23.62 ? 149 THR A OG1 1 
ATOM   1008 C CG2 . THR A 1 153 ? -4.390  -14.085 -1.009  1.00 26.06 ? 149 THR A CG2 1 
ATOM   1009 N N   . ALA A 1 154 ? -7.994  -14.617 -0.930  1.00 22.35 ? 150 ALA A N   1 
ATOM   1010 C CA  . ALA A 1 154 ? -8.659  -15.842 -0.498  1.00 23.36 ? 150 ALA A CA  1 
ATOM   1011 C C   . ALA A 1 154 ? -9.468  -16.468 -1.629  1.00 25.61 ? 150 ALA A C   1 
ATOM   1012 O O   . ALA A 1 154 ? -9.512  -17.698 -1.765  1.00 25.43 ? 150 ALA A O   1 
ATOM   1013 C CB  . ALA A 1 154 ? -9.547  -15.541 0.702   1.00 23.98 ? 150 ALA A CB  1 
ATOM   1014 N N   . ALA A 1 155 ? -10.138 -15.637 -2.435  1.00 26.27 ? 151 ALA A N   1 
ATOM   1015 C CA  . ALA A 1 155 ? -10.929 -16.164 -3.545  1.00 29.00 ? 151 ALA A CA  1 
ATOM   1016 C C   . ALA A 1 155 ? -10.043 -16.824 -4.601  1.00 29.69 ? 151 ALA A C   1 
ATOM   1017 O O   . ALA A 1 155 ? -10.430 -17.841 -5.191  1.00 28.71 ? 151 ALA A O   1 
ATOM   1018 C CB  . ALA A 1 155 ? -11.768 -15.044 -4.156  1.00 29.68 ? 151 ALA A CB  1 
ATOM   1019 N N   . VAL A 1 156 ? -8.841  -16.278 -4.838  1.00 26.94 ? 152 VAL A N   1 
ATOM   1020 C CA  . VAL A 1 156 ? -7.911  -16.899 -5.783  1.00 23.02 ? 152 VAL A CA  1 
ATOM   1021 C C   . VAL A 1 156 ? -7.409  -18.229 -5.235  1.00 26.70 ? 152 VAL A C   1 
ATOM   1022 O O   . VAL A 1 156 ? -7.308  -19.219 -5.969  1.00 28.68 ? 152 VAL A O   1 
ATOM   1023 C CB  . VAL A 1 156 ? -6.735  -15.951 -6.104  1.00 25.16 ? 152 VAL A CB  1 
ATOM   1024 C CG1 . VAL A 1 156 ? -5.720  -16.644 -7.025  1.00 27.38 ? 152 VAL A CG1 1 
ATOM   1025 C CG2 . VAL A 1 156 ? -7.217  -14.640 -6.733  1.00 30.75 ? 152 VAL A CG2 1 
ATOM   1026 N N   . ILE A 1 157 ? -7.033  -18.261 -3.948  1.00 26.95 ? 153 ILE A N   1 
ATOM   1027 C CA  . ILE A 1 157 ? -6.656  -19.522 -3.310  1.00 22.85 ? 153 ILE A CA  1 
ATOM   1028 C C   . ILE A 1 157 ? -7.794  -20.533 -3.428  1.00 28.19 ? 153 ILE A C   1 
ATOM   1029 O O   . ILE A 1 157 ? -7.582  -21.697 -3.782  1.00 28.84 ? 153 ILE A O   1 
ATOM   1030 C CB  . ILE A 1 157 ? -6.257  -19.286 -1.838  1.00 24.05 ? 153 ILE A CB  1 
ATOM   1031 C CG1 . ILE A 1 157 ? -4.965  -18.448 -1.752  1.00 21.39 ? 153 ILE A CG1 1 
ATOM   1032 C CG2 . ILE A 1 157 ? -6.040  -20.606 -1.098  1.00 23.68 ? 153 ILE A CG2 1 
ATOM   1033 C CD1 . ILE A 1 157 ? -4.646  -17.990 -0.322  1.00 24.36 ? 153 ILE A CD1 1 
ATOM   1034 N N   . ASP A 1 158 ? -9.019  -20.101 -3.137  1.00 27.01 ? 154 ASP A N   1 
ATOM   1035 C CA  . ASP A 1 158 ? -10.151 -21.020 -3.233  1.00 30.34 ? 154 ASP A CA  1 
ATOM   1036 C C   . ASP A 1 158 ? -10.318 -21.534 -4.661  1.00 32.42 ? 154 ASP A C   1 
ATOM   1037 O O   . ASP A 1 158 ? -10.595 -22.720 -4.874  1.00 34.96 ? 154 ASP A O   1 
ATOM   1038 C CB  . ASP A 1 158 ? -11.428 -20.340 -2.731  1.00 31.99 ? 154 ASP A CB  1 
ATOM   1039 C CG  . ASP A 1 158 ? -11.574 -20.408 -1.209  1.00 36.89 ? 154 ASP A CG  1 
ATOM   1040 O OD1 . ASP A 1 158 ? -11.028 -21.348 -0.583  1.00 41.06 ? 154 ASP A OD1 1 
ATOM   1041 O OD2 . ASP A 1 158 ? -12.231 -19.514 -0.631  1.00 44.90 ? 154 ASP A OD2 1 
ATOM   1042 N N   . ALA A 1 159 ? -10.110 -20.671 -5.653  1.00 31.16 ? 155 ALA A N   1 
ATOM   1043 C CA  . ALA A 1 159 ? -10.239 -21.119 -7.033  1.00 33.45 ? 155 ALA A CA  1 
ATOM   1044 C C   . ALA A 1 159 ? -9.163  -22.134 -7.375  1.00 34.13 ? 155 ALA A C   1 
ATOM   1045 O O   . ALA A 1 159 ? -9.441  -23.137 -8.039  1.00 36.07 ? 155 ALA A O   1 
ATOM   1046 C CB  . ALA A 1 159 ? -10.189 -19.927 -7.987  1.00 34.68 ? 155 ALA A CB  1 
ATOM   1047 N N   . GLU A 1 160 ? -7.929  -21.903 -6.908  1.00 32.55 ? 156 GLU A N   1 
ATOM   1048 C CA  . GLU A 1 160 ? -6.844  -22.850 -7.138  1.00 30.82 ? 156 GLU A CA  1 
ATOM   1049 C C   . GLU A 1 160 ? -7.103  -24.194 -6.472  1.00 32.53 ? 156 GLU A C   1 
ATOM   1050 O O   . GLU A 1 160 ? -6.689  -25.236 -6.990  1.00 34.09 ? 156 GLU A O   1 
ATOM   1051 C CB  . GLU A 1 160 ? -5.526  -22.268 -6.619  1.00 29.17 ? 156 GLU A CB  1 
ATOM   1052 C CG  . GLU A 1 160 ? -5.007  -21.126 -7.447  1.00 32.45 ? 156 GLU A CG  1 
ATOM   1053 C CD  . GLU A 1 160 ? -4.385  -21.607 -8.744  1.00 37.50 ? 156 GLU A CD  1 
ATOM   1054 O OE1 . GLU A 1 160 ? -3.143  -21.668 -8.830  1.00 28.84 ? 156 GLU A OE1 1 
ATOM   1055 O OE2 . GLU A 1 160 ? -5.143  -21.959 -9.668  1.00 37.61 ? 156 GLU A OE2 1 
ATOM   1056 N N   . ARG A 1 161 ? -7.742  -24.197 -5.305  1.00 29.07 ? 157 ARG A N   1 
ATOM   1057 C CA  . ARG A 1 161 ? -8.049  -25.475 -4.679  1.00 31.93 ? 157 ARG A CA  1 
ATOM   1058 C C   . ARG A 1 161 ? -9.143  -26.203 -5.447  1.00 33.73 ? 157 ARG A C   1 
ATOM   1059 O O   . ARG A 1 161 ? -9.106  -27.430 -5.576  1.00 37.54 ? 157 ARG A O   1 
ATOM   1060 C CB  . ARG A 1 161 ? -8.453  -25.267 -3.224  1.00 29.44 ? 157 ARG A CB  1 
ATOM   1061 C CG  . ARG A 1 161 ? -7.297  -24.737 -2.365  1.00 22.22 ? 157 ARG A CG  1 
ATOM   1062 C CD  . ARG A 1 161 ? -7.777  -24.303 -0.983  1.00 27.53 ? 157 ARG A CD  1 
ATOM   1063 N NE  . ARG A 1 161 ? -6.619  -23.987 -0.149  1.00 26.01 ? 157 ARG A NE  1 
ATOM   1064 C CZ  . ARG A 1 161 ? -6.681  -23.724 1.148   1.00 30.07 ? 157 ARG A CZ  1 
ATOM   1065 N NH1 . ARG A 1 161 ? -7.865  -23.740 1.770   1.00 25.97 ? 157 ARG A NH1 1 
ATOM   1066 N NH2 . ARG A 1 161 ? -5.557  -23.462 1.817   1.00 24.62 ? 157 ARG A NH2 1 
ATOM   1067 N N   . ASP A 1 162 ? -10.114 -25.461 -5.976  1.00 32.62 ? 158 ASP A N   1 
ATOM   1068 C CA  . ASP A 1 162 ? -11.226 -26.103 -6.672  1.00 40.67 ? 158 ASP A CA  1 
ATOM   1069 C C   . ASP A 1 162 ? -10.771 -26.754 -7.974  1.00 44.72 ? 158 ASP A C   1 
ATOM   1070 O O   . ASP A 1 162 ? -11.250 -27.837 -8.330  1.00 47.80 ? 158 ASP A O   1 
ATOM   1071 C CB  . ASP A 1 162 ? -12.338 -25.088 -6.915  1.00 38.17 ? 158 ASP A CB  1 
ATOM   1072 C CG  . ASP A 1 162 ? -13.071 -24.729 -5.636  1.00 47.65 ? 158 ASP A CG  1 
ATOM   1073 O OD1 . ASP A 1 162 ? -12.975 -25.515 -4.662  1.00 48.32 ? 158 ASP A OD1 1 
ATOM   1074 O OD2 . ASP A 1 162 ? -13.746 -23.676 -5.602  1.00 51.16 ? 158 ASP A OD2 1 
ATOM   1075 N N   . ARG A 1 163 ? -9.835  -26.133 -8.688  1.00 38.27 ? 159 ARG A N   1 
ATOM   1076 C CA  . ARG A 1 163 ? -9.303  -26.766 -9.889  1.00 42.93 ? 159 ARG A CA  1 
ATOM   1077 C C   . ARG A 1 163 ? -8.198  -27.770 -9.593  1.00 38.84 ? 159 ARG A C   1 
ATOM   1078 O O   . ARG A 1 163 ? -7.621  -28.325 -10.532 1.00 43.98 ? 159 ARG A O   1 
ATOM   1079 C CB  . ARG A 1 163 ? -8.803  -25.710 -10.878 1.00 45.55 ? 159 ARG A CB  1 
ATOM   1080 C CG  . ARG A 1 163 ? -7.679  -24.843 -10.384 1.00 44.13 ? 159 ARG A CG  1 
ATOM   1081 C CD  . ARG A 1 163 ? -7.269  -23.846 -11.459 1.00 44.20 ? 159 ARG A CD  1 
ATOM   1082 N NE  . ARG A 1 163 ? -8.381  -22.979 -11.838 1.00 50.98 ? 159 ARG A NE  1 
ATOM   1083 C CZ  . ARG A 1 163 ? -8.609  -21.770 -11.328 1.00 56.44 ? 159 ARG A CZ  1 
ATOM   1084 N NH1 . ARG A 1 163 ? -7.785  -21.256 -10.415 1.00 49.67 ? 159 ARG A NH1 1 
ATOM   1085 N NH2 . ARG A 1 163 ? -9.655  -21.063 -11.743 1.00 51.33 ? 159 ARG A NH2 1 
ATOM   1086 N N   . GLY A 1 164 ? -7.893  -28.031 -8.325  1.00 35.20 ? 160 GLY A N   1 
ATOM   1087 C CA  . GLY A 1 164 ? -6.951  -29.080 -7.993  1.00 34.28 ? 160 GLY A CA  1 
ATOM   1088 C C   . GLY A 1 164 ? -5.494  -28.691 -8.082  1.00 36.65 ? 160 GLY A C   1 
ATOM   1089 O O   . GLY A 1 164 ? -4.631  -29.571 -8.056  1.00 39.99 ? 160 GLY A O   1 
ATOM   1090 N N   . ALA A 1 165 ? -5.195  -27.397 -8.177  1.00 36.80 ? 161 ALA A N   1 
ATOM   1091 C CA  . ALA A 1 165 ? -3.822  -26.921 -8.291  1.00 36.88 ? 161 ALA A CA  1 
ATOM   1092 C C   . ALA A 1 165 ? -3.159  -26.676 -6.941  1.00 34.77 ? 161 ALA A C   1 
ATOM   1093 O O   . ALA A 1 165 ? -1.922  -26.682 -6.865  1.00 34.10 ? 161 ALA A O   1 
ATOM   1094 C CB  . ALA A 1 165 ? -3.781  -25.631 -9.115  1.00 36.63 ? 161 ALA A CB  1 
ATOM   1095 N N   . ALA A 1 166 ? -3.947  -26.481 -5.884  1.00 31.51 ? 162 ALA A N   1 
ATOM   1096 C CA  . ALA A 1 166 ? -3.476  -26.205 -4.531  1.00 31.53 ? 162 ALA A CA  1 
ATOM   1097 C C   . ALA A 1 166 ? -4.150  -27.140 -3.534  1.00 30.48 ? 162 ALA A C   1 
ATOM   1098 O O   . ALA A 1 166 ? -5.337  -27.459 -3.685  1.00 31.34 ? 162 ALA A O   1 
ATOM   1099 C CB  . ALA A 1 166 ? -3.773  -24.751 -4.142  1.00 28.57 ? 162 ALA A CB  1 
ATOM   1100 N N   . PRO A 1 167 ? -3.433  -27.578 -2.500  1.00 28.10 ? 163 PRO A N   1 
ATOM   1101 C CA  . PRO A 1 167 ? -4.025  -28.497 -1.521  1.00 30.23 ? 163 PRO A CA  1 
ATOM   1102 C C   . PRO A 1 167 ? -4.895  -27.772 -0.509  1.00 31.34 ? 163 PRO A C   1 
ATOM   1103 O O   . PRO A 1 167 ? -4.708  -26.592 -0.210  1.00 25.58 ? 163 PRO A O   1 
ATOM   1104 C CB  . PRO A 1 167 ? -2.800  -29.114 -0.840  1.00 26.76 ? 163 PRO A CB  1 
ATOM   1105 C CG  . PRO A 1 167 ? -1.759  -28.006 -0.902  1.00 30.95 ? 163 PRO A CG  1 
ATOM   1106 C CD  . PRO A 1 167 ? -2.032  -27.238 -2.178  1.00 25.60 ? 163 PRO A CD  1 
ATOM   1107 N N   . ARG A 1 168 ? -5.874  -28.486 0.029   1.00 26.33 ? 164 ARG A N   1 
ATOM   1108 C CA  . ARG A 1 168 ? -6.743  -27.854 1.020   1.00 28.65 ? 164 ARG A CA  1 
ATOM   1109 C C   . ARG A 1 168 ? -6.077  -27.963 2.383   1.00 32.09 ? 164 ARG A C   1 
ATOM   1110 O O   . ARG A 1 168 ? -6.208  -28.976 3.069   1.00 29.33 ? 164 ARG A O   1 
ATOM   1111 C CB  . ARG A 1 168 ? -8.133  -28.477 1.040   1.00 32.19 ? 164 ARG A CB  1 
ATOM   1112 C CG  . ARG A 1 168 ? -8.948  -27.784 2.091   1.00 39.44 ? 164 ARG A CG  1 
ATOM   1113 C CD  . ARG A 1 168 ? -10.379 -28.246 2.187   1.00 42.68 ? 164 ARG A CD  1 
ATOM   1114 N NE  . ARG A 1 168 ? -10.988 -27.570 3.323   1.00 44.20 ? 164 ARG A NE  1 
ATOM   1115 C CZ  . ARG A 1 168 ? -12.278 -27.623 3.628   1.00 47.72 ? 164 ARG A CZ  1 
ATOM   1116 N NH1 . ARG A 1 168 ? -13.098 -28.318 2.858   1.00 42.43 ? 164 ARG A NH1 1 
ATOM   1117 N NH2 . ARG A 1 168 ? -12.734 -26.970 4.695   1.00 44.84 ? 164 ARG A NH2 1 
ATOM   1118 N N   . THR A 1 169 ? -5.374  -26.904 2.789   1.00 28.82 ? 165 THR A N   1 
ATOM   1119 C CA  . THR A 1 169 ? -4.656  -26.906 4.057   1.00 25.24 ? 165 THR A CA  1 
ATOM   1120 C C   . THR A 1 169 ? -5.335  -25.962 5.043   1.00 30.89 ? 165 THR A C   1 
ATOM   1121 O O   . THR A 1 169 ? -6.394  -26.288 5.598   1.00 31.46 ? 165 THR A O   1 
ATOM   1122 C CB  . THR A 1 169 ? -3.182  -26.517 3.831   1.00 30.91 ? 165 THR A CB  1 
ATOM   1123 O OG1 . THR A 1 169 ? -3.131  -25.299 3.076   1.00 25.91 ? 165 THR A OG1 1 
ATOM   1124 C CG2 . THR A 1 169 ? -2.455  -27.609 3.039   1.00 27.50 ? 165 THR A CG2 1 
ATOM   1125 N N   . LEU A 1 170 ? -4.763  -24.786 5.249   1.00 25.36 ? 166 LEU A N   1 
ATOM   1126 C CA  . LEU A 1 170 ? -5.385  -23.786 6.112   1.00 25.64 ? 166 LEU A CA  1 
ATOM   1127 C C   . LEU A 1 170 ? -6.658  -23.246 5.470   1.00 28.31 ? 166 LEU A C   1 
ATOM   1128 O O   . LEU A 1 170 ? -6.761  -23.204 4.244   1.00 32.22 ? 166 LEU A O   1 
ATOM   1129 C CB  . LEU A 1 170 ? -4.447  -22.605 6.335   1.00 24.59 ? 166 LEU A CB  1 
ATOM   1130 C CG  . LEU A 1 170 ? -3.191  -22.693 7.170   1.00 27.48 ? 166 LEU A CG  1 
ATOM   1131 C CD1 . LEU A 1 170 ? -2.570  -21.273 7.226   1.00 25.45 ? 166 LEU A CD1 1 
ATOM   1132 C CD2 . LEU A 1 170 ? -3.510  -23.237 8.558   1.00 31.93 ? 166 LEU A CD2 1 
ATOM   1133 N N   . PRO A 1 171 ? -7.619  -22.782 6.274   1.00 28.47 ? 167 PRO A N   1 
ATOM   1134 C CA  . PRO A 1 171 ? -8.702  -21.954 5.723   1.00 27.52 ? 167 PRO A CA  1 
ATOM   1135 C C   . PRO A 1 171 ? -8.122  -20.837 4.865   1.00 28.94 ? 167 PRO A C   1 
ATOM   1136 O O   . PRO A 1 171 ? -7.205  -20.127 5.285   1.00 23.63 ? 167 PRO A O   1 
ATOM   1137 C CB  . PRO A 1 171 ? -9.395  -21.401 6.971   1.00 26.12 ? 167 PRO A CB  1 
ATOM   1138 C CG  . PRO A 1 171 ? -9.131  -22.413 8.026   1.00 25.43 ? 167 PRO A CG  1 
ATOM   1139 C CD  . PRO A 1 171 ? -7.739  -22.939 7.735   1.00 28.09 ? 167 PRO A CD  1 
ATOM   1140 N N   . ALA A 1 172 ? -8.654  -20.690 3.647   1.00 26.78 ? 168 ALA A N   1 
ATOM   1141 C CA  . ALA A 1 172 ? -8.035  -19.780 2.680   1.00 25.96 ? 168 ALA A CA  1 
ATOM   1142 C C   . ALA A 1 172 ? -8.021  -18.337 3.179   1.00 26.31 ? 168 ALA A C   1 
ATOM   1143 O O   . ALA A 1 172 ? -7.065  -17.596 2.919   1.00 25.23 ? 168 ALA A O   1 
ATOM   1144 C CB  . ALA A 1 172 ? -8.755  -19.869 1.331   1.00 28.46 ? 168 ALA A CB  1 
ATOM   1145 N N   . HIS A 1 173 ? -9.076  -17.909 3.893   1.00 22.60 ? 169 HIS A N   1 
ATOM   1146 C CA  . HIS A 1 173 ? -9.131  -16.517 4.342   1.00 21.51 ? 169 HIS A CA  1 
ATOM   1147 C C   . HIS A 1 173 ? -8.133  -16.238 5.466   1.00 20.62 ? 169 HIS A C   1 
ATOM   1148 O O   . HIS A 1 173 ? -7.567  -15.139 5.528   1.00 23.11 ? 169 HIS A O   1 
ATOM   1149 C CB  . HIS A 1 173 ? -10.552 -16.158 4.788   1.00 23.35 ? 169 HIS A CB  1 
ATOM   1150 C CG  . HIS A 1 173 ? -10.818 -14.688 4.848   1.00 23.06 ? 169 HIS A CG  1 
ATOM   1151 N ND1 . HIS A 1 173 ? -10.643 -13.943 5.992   1.00 24.68 ? 169 HIS A ND1 1 
ATOM   1152 C CD2 . HIS A 1 173 ? -11.222 -13.817 3.892   1.00 23.88 ? 169 HIS A CD2 1 
ATOM   1153 C CE1 . HIS A 1 173 ? -10.936 -12.679 5.744   1.00 25.59 ? 169 HIS A CE1 1 
ATOM   1154 N NE2 . HIS A 1 173 ? -11.302 -12.577 4.479   1.00 25.93 ? 169 HIS A NE2 1 
ATOM   1155 N N   . GLU A 1 174 ? -7.882  -17.224 6.338   1.00 19.29 ? 170 GLU A N   1 
ATOM   1156 C CA  . GLU A 1 174 ? -6.863  -17.058 7.372   1.00 21.40 ? 170 GLU A CA  1 
ATOM   1157 C C   . GLU A 1 174 ? -5.467  -17.013 6.759   1.00 18.41 ? 170 GLU A C   1 
ATOM   1158 O O   . GLU A 1 174 ? -4.633  -16.162 7.136   1.00 19.66 ? 170 GLU A O   1 
ATOM   1159 C CB  . GLU A 1 174 ? -6.977  -18.185 8.410   1.00 24.53 ? 170 GLU A CB  1 
ATOM   1160 C CG  . GLU A 1 174 ? -8.237  -18.021 9.282   1.00 28.53 ? 170 GLU A CG  1 
ATOM   1161 C CD  . GLU A 1 174 ? -8.646  -19.269 10.073  1.00 38.32 ? 170 GLU A CD  1 
ATOM   1162 O OE1 . GLU A 1 174 ? -7.810  -20.173 10.258  1.00 26.34 ? 170 GLU A OE1 1 
ATOM   1163 O OE2 . GLU A 1 174 ? -9.835  -19.342 10.502  1.00 37.70 ? 170 GLU A OE2 1 
ATOM   1164 N N   . LEU A 1 175 ? -5.195  -17.911 5.812   1.00 19.62 ? 171 LEU A N   1 
ATOM   1165 C CA  . LEU A 1 175 ? -3.904  -17.879 5.118   1.00 19.90 ? 171 LEU A CA  1 
ATOM   1166 C C   . LEU A 1 175 ? -3.712  -16.553 4.391   1.00 20.15 ? 171 LEU A C   1 
ATOM   1167 O O   . LEU A 1 175 ? -2.651  -15.909 4.495   1.00 19.42 ? 171 LEU A O   1 
ATOM   1168 C CB  . LEU A 1 175 ? -3.806  -19.051 4.148   1.00 20.45 ? 171 LEU A CB  1 
ATOM   1169 C CG  . LEU A 1 175 ? -2.608  -19.135 3.229   1.00 22.44 ? 171 LEU A CG  1 
ATOM   1170 C CD1 . LEU A 1 175 ? -1.355  -19.159 4.106   1.00 20.07 ? 171 LEU A CD1 1 
ATOM   1171 C CD2 . LEU A 1 175 ? -2.698  -20.382 2.388   1.00 23.23 ? 171 LEU A CD2 1 
ATOM   1172 N N   . ALA A 1 176 ? -4.745  -16.108 3.674   1.00 17.65 ? 172 ALA A N   1 
ATOM   1173 C CA  . ALA A 1 176 ? -4.662  -14.832 2.962   1.00 24.07 ? 172 ALA A CA  1 
ATOM   1174 C C   . ALA A 1 176 ? -4.418  -13.669 3.917   1.00 22.10 ? 172 ALA A C   1 
ATOM   1175 O O   . ALA A 1 176 ? -3.666  -12.740 3.591   1.00 17.92 ? 172 ALA A O   1 
ATOM   1176 C CB  . ALA A 1 176 ? -5.931  -14.608 2.138   1.00 20.17 ? 172 ALA A CB  1 
ATOM   1177 N N   . THR A 1 177 ? -5.029  -13.698 5.105   1.00 19.04 ? 173 THR A N   1 
ATOM   1178 C CA  . THR A 1 177 ? -4.817  -12.621 6.069   1.00 17.95 ? 173 THR A CA  1 
ATOM   1179 C C   . THR A 1 177 ? -3.353  -12.529 6.494   1.00 18.03 ? 173 THR A C   1 
ATOM   1180 O O   . THR A 1 177 ? -2.764  -11.443 6.494   1.00 19.27 ? 173 THR A O   1 
ATOM   1181 C CB  . THR A 1 177 ? -5.714  -12.816 7.293   1.00 23.80 ? 173 THR A CB  1 
ATOM   1182 O OG1 . THR A 1 177 ? -7.084  -12.740 6.878   1.00 21.16 ? 173 THR A OG1 1 
ATOM   1183 C CG2 . THR A 1 177 ? -5.451  -11.727 8.331   1.00 22.16 ? 173 THR A CG2 1 
ATOM   1184 N N   . ALA A 1 178 ? -2.753  -13.660 6.862   1.00 17.44 ? 174 ALA A N   1 
ATOM   1185 C CA  . ALA A 1 178 ? -1.385  -13.624 7.373   1.00 16.80 ? 174 ALA A CA  1 
ATOM   1186 C C   . ALA A 1 178 ? -0.403  -13.242 6.270   1.00 17.45 ? 174 ALA A C   1 
ATOM   1187 O O   . ALA A 1 178 ? 0.592   -12.550 6.535   1.00 17.92 ? 174 ALA A O   1 
ATOM   1188 C CB  . ALA A 1 178 ? -1.005  -14.985 7.969   1.00 18.68 ? 174 ALA A CB  1 
ATOM   1189 N N   . LEU A 1 179 ? -0.659  -13.687 5.032   1.00 16.34 ? 175 LEU A N   1 
ATOM   1190 C CA  . LEU A 1 179 ? 0.283   -13.361 3.943   1.00 15.19 ? 175 LEU A CA  1 
ATOM   1191 C C   . LEU A 1 179 ? 0.201   -11.891 3.584   1.00 18.65 ? 175 LEU A C   1 
ATOM   1192 O O   . LEU A 1 179 ? 1.219   -11.258 3.272   1.00 18.17 ? 175 LEU A O   1 
ATOM   1193 C CB  . LEU A 1 179 ? 0.010   -14.212 2.707   1.00 18.19 ? 175 LEU A CB  1 
ATOM   1194 C CG  . LEU A 1 179 ? 0.276   -15.723 2.839   1.00 20.23 ? 175 LEU A CG  1 
ATOM   1195 C CD1 . LEU A 1 179 ? -0.254  -16.488 1.613   1.00 22.36 ? 175 LEU A CD1 1 
ATOM   1196 C CD2 . LEU A 1 179 ? 1.777   -15.999 3.069   1.00 17.18 ? 175 LEU A CD2 1 
ATOM   1197 N N   . ASN A 1 180 ? -1.002  -11.323 3.622   1.00 18.31 ? 176 ASN A N   1 
ATOM   1198 C CA  . ASN A 1 180 ? -1.121  -9.900  3.337   1.00 18.54 ? 176 ASN A CA  1 
ATOM   1199 C C   . ASN A 1 180 ? -0.536  -9.061  4.459   1.00 19.04 ? 176 ASN A C   1 
ATOM   1200 O O   . ASN A 1 180 ? 0.032   -8.000  4.199   1.00 19.07 ? 176 ASN A O   1 
ATOM   1201 C CB  . ASN A 1 180 ? -2.589  -9.533  3.083   1.00 16.73 ? 176 ASN A CB  1 
ATOM   1202 C CG  . ASN A 1 180 ? -2.994  -9.785  1.647   1.00 22.69 ? 176 ASN A CG  1 
ATOM   1203 O OD1 . ASN A 1 180 ? -2.750  -8.946  0.797   1.00 28.37 ? 176 ASN A OD1 1 
ATOM   1204 N ND2 . ASN A 1 180 ? -3.565  -10.942 1.360   1.00 19.08 ? 176 ASN A ND2 1 
ATOM   1205 N N   . LEU A 1 181 ? -0.704  -9.489  5.722   1.00 17.58 ? 177 LEU A N   1 
ATOM   1206 C CA  . LEU A 1 181 ? -0.082  -8.761  6.825   1.00 17.53 ? 177 LEU A CA  1 
ATOM   1207 C C   . LEU A 1 181 ? 1.439   -8.859  6.739   1.00 18.09 ? 177 LEU A C   1 
ATOM   1208 O O   . LEU A 1 181 ? 2.157   -7.885  7.030   1.00 19.74 ? 177 LEU A O   1 
ATOM   1209 C CB  . LEU A 1 181 ? -0.587  -9.302  8.174   1.00 14.67 ? 177 LEU A CB  1 
ATOM   1210 C CG  . LEU A 1 181 ? -2.043  -8.913  8.542   1.00 18.56 ? 177 LEU A CG  1 
ATOM   1211 C CD1 . LEU A 1 181 ? -2.481  -9.646  9.815   1.00 22.41 ? 177 LEU A CD1 1 
ATOM   1212 C CD2 . LEU A 1 181 ? -2.120  -7.423  8.730   1.00 22.32 ? 177 LEU A CD2 1 
ATOM   1213 N N   . MET A 1 182 ? 1.946   -10.026 6.338   1.00 16.42 ? 178 MET A N   1 
ATOM   1214 C CA  . MET A 1 182 ? 3.388   -10.158 6.124   1.00 17.40 ? 178 MET A CA  1 
ATOM   1215 C C   . MET A 1 182 ? 3.879   -9.142  5.107   1.00 18.01 ? 178 MET A C   1 
ATOM   1216 O O   . MET A 1 182 ? 4.900   -8.468  5.331   1.00 19.56 ? 178 MET A O   1 
ATOM   1217 C CB  . MET A 1 182 ? 3.753   -11.562 5.654   1.00 20.33 ? 178 MET A CB  1 
ATOM   1218 C CG  . MET A 1 182 ? 5.249   -11.665 5.253   1.00 19.65 ? 178 MET A CG  1 
ATOM   1219 S SD  . MET A 1 182 ? 5.689   -13.301 4.698   1.00 23.13 ? 178 MET A SD  1 
ATOM   1220 C CE  . MET A 1 182 ? 4.660   -13.401 3.218   1.00 20.75 ? 178 MET A CE  1 
ATOM   1221 N N   . ASN A 1 183 ? 3.189   -9.040  3.964   1.00 18.18 ? 179 ASN A N   1 
ATOM   1222 C CA  . ASN A 1 183 ? 3.596   -8.072  2.940   1.00 23.13 ? 179 ASN A CA  1 
ATOM   1223 C C   . ASN A 1 183 ? 3.600   -6.651  3.485   1.00 23.43 ? 179 ASN A C   1 
ATOM   1224 O O   . ASN A 1 183 ? 4.531   -5.878  3.221   1.00 19.76 ? 179 ASN A O   1 
ATOM   1225 C CB  . ASN A 1 183 ? 2.679   -8.147  1.722   1.00 21.00 ? 179 ASN A CB  1 
ATOM   1226 C CG  . ASN A 1 183 ? 2.927   -9.357  0.891   1.00 21.65 ? 179 ASN A CG  1 
ATOM   1227 O OD1 . ASN A 1 183 ? 3.667   -10.256 1.285   1.00 22.53 ? 179 ASN A OD1 1 
ATOM   1228 N ND2 . ASN A 1 183 ? 2.282   -9.414  -0.271  1.00 24.17 ? 179 ASN A ND2 1 
ATOM   1229 N N   . GLU A 1 184 ? 2.534   -6.259  4.189   1.00 19.65 ? 180 GLU A N   1 
ATOM   1230 C CA  . GLU A 1 184 ? 2.467   -4.894  4.715   1.00 20.22 ? 180 GLU A CA  1 
ATOM   1231 C C   . GLU A 1 184 ? 3.662   -4.591  5.611   1.00 24.65 ? 180 GLU A C   1 
ATOM   1232 O O   . GLU A 1 184 ? 4.347   -3.566  5.445   1.00 23.68 ? 180 GLU A O   1 
ATOM   1233 C CB  . GLU A 1 184 ? 1.160   -4.679  5.481   1.00 24.14 ? 180 GLU A CB  1 
ATOM   1234 C CG  . GLU A 1 184 ? 1.022   -3.270  6.051   1.00 25.71 ? 180 GLU A CG  1 
ATOM   1235 C CD  . GLU A 1 184 ? -0.295  -3.087  6.801   1.00 39.01 ? 180 GLU A CD  1 
ATOM   1236 O OE1 . GLU A 1 184 ? -0.586  -3.908  7.686   1.00 33.04 ? 180 GLU A OE1 1 
ATOM   1237 O OE2 . GLU A 1 184 ? -1.043  -2.137  6.487   1.00 43.77 ? 180 GLU A OE2 1 
ATOM   1238 N N   . ARG A 1 185 ? 3.952   -5.489  6.547   1.00 16.99 ? 181 ARG A N   1 
ATOM   1239 C CA  . ARG A 1 185 ? 5.037   -5.246  7.493   1.00 18.01 ? 181 ARG A CA  1 
ATOM   1240 C C   . ARG A 1 185 ? 6.402   -5.317  6.819   1.00 18.02 ? 181 ARG A C   1 
ATOM   1241 O O   . ARG A 1 185 ? 7.302   -4.523  7.131   1.00 21.41 ? 181 ARG A O   1 
ATOM   1242 C CB  . ARG A 1 185 ? 4.953   -6.271  8.626   1.00 18.68 ? 181 ARG A CB  1 
ATOM   1243 C CG  . ARG A 1 185 ? 6.000   -6.123  9.703   1.00 19.82 ? 181 ARG A CG  1 
ATOM   1244 C CD  . ARG A 1 185 ? 5.786   -4.816  10.449  1.00 26.23 ? 181 ARG A CD  1 
ATOM   1245 N NE  . ARG A 1 185 ? 6.797   -4.594  11.478  1.00 28.15 ? 181 ARG A NE  1 
ATOM   1246 C CZ  . ARG A 1 185 ? 7.871   -3.838  11.307  1.00 31.64 ? 181 ARG A CZ  1 
ATOM   1247 N NH1 . ARG A 1 185 ? 8.071   -3.240  10.143  1.00 28.06 ? 181 ARG A NH1 1 
ATOM   1248 N NH2 . ARG A 1 185 ? 8.734   -3.675  12.297  1.00 32.56 ? 181 ARG A NH2 1 
ATOM   1249 N N   . THR A 1 186 ? 6.589   -6.298  5.938   1.00 17.57 ? 182 THR A N   1 
ATOM   1250 C CA  . THR A 1 186 ? 7.908   -6.550  5.364   1.00 19.90 ? 182 THR A CA  1 
ATOM   1251 C C   . THR A 1 186 ? 8.253   -5.496  4.323   1.00 21.27 ? 182 THR A C   1 
ATOM   1252 O O   . THR A 1 186 ? 9.371   -4.970  4.316   1.00 19.60 ? 182 THR A O   1 
ATOM   1253 C CB  . THR A 1 186 ? 7.943   -7.962  4.771   1.00 20.30 ? 182 THR A CB  1 
ATOM   1254 O OG1 . THR A 1 186 ? 7.591   -8.921  5.799   1.00 20.55 ? 182 THR A OG1 1 
ATOM   1255 C CG2 . THR A 1 186 ? 9.355   -8.307  4.231   1.00 21.47 ? 182 THR A CG2 1 
ATOM   1256 N N   . LEU A 1 187 ? 7.305   -5.161  3.429   1.00 19.90 ? 183 LEU A N   1 
ATOM   1257 C CA  . LEU A 1 187 ? 7.585   -4.080  2.481   1.00 21.52 ? 183 LEU A CA  1 
ATOM   1258 C C   . LEU A 1 187 ? 7.852   -2.779  3.216   1.00 27.54 ? 183 LEU A C   1 
ATOM   1259 O O   . LEU A 1 187 ? 8.775   -2.034  2.855   1.00 23.08 ? 183 LEU A O   1 
ATOM   1260 C CB  . LEU A 1 187 ? 6.431   -3.911  1.486   1.00 22.62 ? 183 LEU A CB  1 
ATOM   1261 C CG  . LEU A 1 187 ? 6.302   -5.049  0.474   1.00 24.61 ? 183 LEU A CG  1 
ATOM   1262 C CD1 . LEU A 1 187 ? 4.997   -4.918  -0.301  1.00 27.01 ? 183 LEU A CD1 1 
ATOM   1263 C CD2 . LEU A 1 187 ? 7.470   -5.097  -0.503  1.00 26.72 ? 183 LEU A CD2 1 
ATOM   1264 N N   . PHE A 1 188 ? 7.071   -2.497  4.269   1.00 21.64 ? 184 PHE A N   1 
ATOM   1265 C CA  . PHE A 1 188 ? 7.292   -1.263  5.018   1.00 26.97 ? 184 PHE A CA  1 
ATOM   1266 C C   . PHE A 1 188 ? 8.703   -1.216  5.588   1.00 22.09 ? 184 PHE A C   1 
ATOM   1267 O O   . PHE A 1 188 ? 9.415   -0.209  5.445   1.00 26.83 ? 184 PHE A O   1 
ATOM   1268 C CB  . PHE A 1 188 ? 6.263   -1.097  6.151   1.00 26.89 ? 184 PHE A CB  1 
ATOM   1269 C CG  . PHE A 1 188 ? 6.406   0.218   6.889   1.00 30.10 ? 184 PHE A CG  1 
ATOM   1270 C CD1 . PHE A 1 188 ? 5.711   1.346   6.465   1.00 31.41 ? 184 PHE A CD1 1 
ATOM   1271 C CD2 . PHE A 1 188 ? 7.260   0.333   7.987   1.00 28.61 ? 184 PHE A CD2 1 
ATOM   1272 C CE1 . PHE A 1 188 ? 5.858   2.563   7.138   1.00 31.04 ? 184 PHE A CE1 1 
ATOM   1273 C CE2 . PHE A 1 188 ? 7.420   1.541   8.653   1.00 36.42 ? 184 PHE A CE2 1 
ATOM   1274 C CZ  . PHE A 1 188 ? 6.720   2.657   8.228   1.00 32.49 ? 184 PHE A CZ  1 
ATOM   1275 N N   . ALA A 1 189 ? 9.142   -2.310  6.222   1.00 21.83 ? 185 ALA A N   1 
ATOM   1276 C CA  . ALA A 1 189 ? 10.488  -2.317  6.795   1.00 23.23 ? 185 ALA A CA  1 
ATOM   1277 C C   . ALA A 1 189 ? 11.549  -2.135  5.716   1.00 24.68 ? 185 ALA A C   1 
ATOM   1278 O O   . ALA A 1 189 ? 12.538  -1.418  5.927   1.00 25.38 ? 185 ALA A O   1 
ATOM   1279 C CB  . ALA A 1 189 ? 10.739  -3.619  7.553   1.00 21.08 ? 185 ALA A CB  1 
ATOM   1280 N N   . SER A 1 190 ? 11.361  -2.768  4.554   1.00 21.17 ? 186 SER A N   1 
ATOM   1281 C CA  . SER A 1 190 ? 12.332  -2.626  3.468   1.00 24.53 ? 186 SER A CA  1 
ATOM   1282 C C   . SER A 1 190 ? 12.380  -1.193  2.964   1.00 29.41 ? 186 SER A C   1 
ATOM   1283 O O   . SER A 1 190 ? 13.468  -0.613  2.805   1.00 30.04 ? 186 SER A O   1 
ATOM   1284 C CB  . SER A 1 190 ? 12.000  -3.580  2.314   1.00 26.00 ? 186 SER A CB  1 
ATOM   1285 O OG  . SER A 1 190 ? 12.270  -4.932  2.648   1.00 27.43 ? 186 SER A OG  1 
ATOM   1286 N N   . PHE A 1 191 ? 11.208  -0.609  2.688   1.00 24.45 ? 187 PHE A N   1 
ATOM   1287 C CA  . PHE A 1 191 ? 11.158  0.763   2.188   1.00 30.32 ? 187 PHE A CA  1 
ATOM   1288 C C   . PHE A 1 191 ? 11.778  1.723   3.183   1.00 37.39 ? 187 PHE A C   1 
ATOM   1289 O O   . PHE A 1 191 ? 12.518  2.635   2.801   1.00 34.07 ? 187 PHE A O   1 
ATOM   1290 C CB  . PHE A 1 191 ? 9.718   1.185   1.891   1.00 29.10 ? 187 PHE A CB  1 
ATOM   1291 C CG  . PHE A 1 191 ? 9.062   0.415   0.782   1.00 27.63 ? 187 PHE A CG  1 
ATOM   1292 C CD1 . PHE A 1 191 ? 9.814   -0.269  -0.153  1.00 28.14 ? 187 PHE A CD1 1 
ATOM   1293 C CD2 . PHE A 1 191 ? 7.680   0.394   0.671   1.00 30.05 ? 187 PHE A CD2 1 
ATOM   1294 C CE1 . PHE A 1 191 ? 9.209   -0.977  -1.174  1.00 28.41 ? 187 PHE A CE1 1 
ATOM   1295 C CE2 . PHE A 1 191 ? 7.065   -0.308  -0.350  1.00 31.82 ? 187 PHE A CE2 1 
ATOM   1296 C CZ  . PHE A 1 191 ? 7.829   -0.997  -1.275  1.00 28.56 ? 187 PHE A CZ  1 
ATOM   1297 N N   . ALA A 1 192 ? 11.491  1.534   4.468   1.00 31.12 ? 188 ALA A N   1 
ATOM   1298 C CA  . ALA A 1 192 ? 12.001  2.428   5.500   1.00 36.77 ? 188 ALA A CA  1 
ATOM   1299 C C   . ALA A 1 192 ? 13.453  2.164   5.852   1.00 34.11 ? 188 ALA A C   1 
ATOM   1300 O O   . ALA A 1 192 ? 14.032  2.932   6.625   1.00 45.61 ? 188 ALA A O   1 
ATOM   1301 C CB  . ALA A 1 192 ? 11.137  2.319   6.762   1.00 38.80 ? 188 ALA A CB  1 
ATOM   1302 N N   . GLY A 1 193 ? 14.054  1.108   5.316   1.00 34.39 ? 189 GLY A N   1 
ATOM   1303 C CA  . GLY A 1 193 ? 15.393  0.743   5.727   1.00 42.09 ? 189 GLY A CA  1 
ATOM   1304 C C   . GLY A 1 193 ? 15.498  0.402   7.196   1.00 41.84 ? 189 GLY A C   1 
ATOM   1305 O O   . GLY A 1 193 ? 16.561  0.605   7.798   1.00 36.93 ? 189 GLY A O   1 
ATOM   1306 N N   . GLU A 1 194 ? 14.418  -0.101  7.798   1.00 29.87 ? 190 GLU A N   1 
ATOM   1307 C CA  . GLU A 1 194 ? 14.465  -0.477  9.204   1.00 30.66 ? 190 GLU A CA  1 
ATOM   1308 C C   . GLU A 1 194 ? 15.539  -1.530  9.450   1.00 29.73 ? 190 GLU A C   1 
ATOM   1309 O O   . GLU A 1 194 ? 16.000  -2.223  8.540   1.00 30.72 ? 190 GLU A O   1 
ATOM   1310 C CB  . GLU A 1 194 ? 13.108  -1.022  9.669   1.00 27.21 ? 190 GLU A CB  1 
ATOM   1311 C CG  . GLU A 1 194 ? 12.010  -0.005  9.657   1.00 30.73 ? 190 GLU A CG  1 
ATOM   1312 C CD  . GLU A 1 194 ? 10.704  -0.556  10.215  1.00 34.12 ? 190 GLU A CD  1 
ATOM   1313 O OE1 . GLU A 1 194 ? 10.676  -1.735  10.612  1.00 35.31 ? 190 GLU A OE1 1 
ATOM   1314 O OE2 . GLU A 1 194 ? 9.727   0.212   10.279  1.00 43.97 ? 190 GLU A OE2 1 
ATOM   1315 N N   . GLN A 1 195 ? 15.950  -1.637  10.711  1.00 29.75 ? 191 GLN A N   1 
ATOM   1316 C CA  . GLN A 1 195 ? 16.803  -2.733  11.134  1.00 33.01 ? 191 GLN A CA  1 
ATOM   1317 C C   . GLN A 1 195 ? 16.018  -3.506  12.189  1.00 36.10 ? 191 GLN A C   1 
ATOM   1318 O O   . GLN A 1 195 ? 15.674  -2.955  13.235  1.00 38.96 ? 191 GLN A O   1 
ATOM   1319 C CB  . GLN A 1 195 ? 18.138  -2.231  11.682  1.00 44.22 ? 191 GLN A CB  1 
ATOM   1320 C CG  . GLN A 1 195 ? 19.246  -3.277  11.672  1.00 50.25 ? 191 GLN A CG  1 
ATOM   1321 C CD  . GLN A 1 195 ? 20.606  -2.676  11.987  1.00 61.58 ? 191 GLN A CD  1 
ATOM   1322 O OE1 . GLN A 1 195 ? 21.369  -3.207  12.801  1.00 65.03 ? 191 GLN A OE1 1 
ATOM   1323 N NE2 . GLN A 1 195 ? 20.913  -1.553  11.346  1.00 59.92 ? 191 GLN A NE2 1 
ATOM   1324 N N   . PRO A 1 196 ? 15.682  -4.771  11.896  1.00 31.11 ? 192 PRO A N   1 
ATOM   1325 C CA  . PRO A 1 196 ? 15.997  -5.543  10.690  1.00 30.55 ? 192 PRO A CA  1 
ATOM   1326 C C   . PRO A 1 196 ? 15.049  -5.310  9.511   1.00 28.17 ? 192 PRO A C   1 
ATOM   1327 O O   . PRO A 1 196 ? 13.882  -4.908  9.687   1.00 26.38 ? 192 PRO A O   1 
ATOM   1328 C CB  . PRO A 1 196 ? 15.835  -6.979  11.175  1.00 31.18 ? 192 PRO A CB  1 
ATOM   1329 C CG  . PRO A 1 196 ? 14.661  -6.865  12.083  1.00 31.47 ? 192 PRO A CG  1 
ATOM   1330 C CD  . PRO A 1 196 ? 14.864  -5.567  12.833  1.00 32.53 ? 192 PRO A CD  1 
ATOM   1331 N N   . SER A 1 197 ? 15.529  -5.625  8.311   1.00 22.46 ? 193 SER A N   1 
ATOM   1332 C CA  . SER A 1 197 ? 14.658  -5.625  7.144   1.00 23.90 ? 193 SER A CA  1 
ATOM   1333 C C   . SER A 1 197 ? 15.318  -6.445  6.050   1.00 28.01 ? 193 SER A C   1 
ATOM   1334 O O   . SER A 1 197 ? 16.521  -6.701  6.090   1.00 27.53 ? 193 SER A O   1 
ATOM   1335 C CB  . SER A 1 197 ? 14.366  -4.201  6.654   1.00 25.00 ? 193 SER A CB  1 
ATOM   1336 O OG  . SER A 1 197 ? 15.560  -3.545  6.241   1.00 27.46 ? 193 SER A OG  1 
ATOM   1337 N N   . VAL A 1 198 ? 14.510  -6.869  5.090   1.00 21.93 ? 194 VAL A N   1 
ATOM   1338 C CA  . VAL A 1 198 ? 15.020  -7.475  3.858   1.00 23.07 ? 194 VAL A CA  1 
ATOM   1339 C C   . VAL A 1 198 ? 15.443  -6.343  2.918   1.00 23.92 ? 194 VAL A C   1 
ATOM   1340 O O   . VAL A 1 198 ? 14.695  -5.367  2.784   1.00 21.82 ? 194 VAL A O   1 
ATOM   1341 C CB  . VAL A 1 198 ? 13.940  -8.359  3.214   1.00 19.79 ? 194 VAL A CB  1 
ATOM   1342 C CG1 . VAL A 1 198 ? 14.439  -9.012  1.933   1.00 24.01 ? 194 VAL A CG1 1 
ATOM   1343 C CG2 . VAL A 1 198 ? 13.444  -9.453  4.191   1.00 26.04 ? 194 VAL A CG2 1 
ATOM   1344 N N   . PRO A 1 199 ? 16.615  -6.413  2.277   1.00 24.57 ? 195 PRO A N   1 
ATOM   1345 C CA  . PRO A 1 199 ? 16.988  -5.350  1.334   1.00 25.66 ? 195 PRO A CA  1 
ATOM   1346 C C   . PRO A 1 199 ? 15.929  -5.205  0.250   1.00 22.44 ? 195 PRO A C   1 
ATOM   1347 O O   . PRO A 1 199 ? 15.360  -6.191  -0.223  1.00 22.40 ? 195 PRO A O   1 
ATOM   1348 C CB  . PRO A 1 199 ? 18.323  -5.838  0.748   1.00 32.22 ? 195 PRO A CB  1 
ATOM   1349 C CG  . PRO A 1 199 ? 18.856  -6.789  1.747   1.00 33.20 ? 195 PRO A CG  1 
ATOM   1350 C CD  . PRO A 1 199 ? 17.644  -7.466  2.352   1.00 26.59 ? 195 PRO A CD  1 
ATOM   1351 N N   . GLU A 1 200 ? 15.668  -3.958  -0.138  1.00 21.60 ? 196 GLU A N   1 
ATOM   1352 C CA  . GLU A 1 200 ? 14.627  -3.683  -1.122  1.00 23.39 ? 196 GLU A CA  1 
ATOM   1353 C C   . GLU A 1 200 ? 14.816  -4.486  -2.407  1.00 21.97 ? 196 GLU A C   1 
ATOM   1354 O O   . GLU A 1 200 ? 13.842  -4.959  -3.005  1.00 21.73 ? 196 GLU A O   1 
ATOM   1355 C CB  . GLU A 1 200 ? 14.602  -2.180  -1.400  1.00 28.01 ? 196 GLU A CB  1 
ATOM   1356 C CG  . GLU A 1 200 ? 13.485  -1.710  -2.291  1.00 31.80 ? 196 GLU A CG  1 
ATOM   1357 C CD  . GLU A 1 200 ? 13.326  -0.182  -2.253  1.00 42.05 ? 196 GLU A CD  1 
ATOM   1358 O OE1 . GLU A 1 200 ? 13.934  0.469   -1.371  1.00 47.67 ? 196 GLU A OE1 1 
ATOM   1359 O OE2 . GLU A 1 200 ? 12.598  0.366   -3.109  1.00 53.04 ? 196 GLU A OE2 1 
ATOM   1360 N N   . ALA A 1 201 ? 16.069  -4.683  -2.839  1.00 23.69 ? 197 ALA A N   1 
ATOM   1361 C CA  . ALA A 1 201 ? 16.321  -5.448  -4.058  1.00 19.83 ? 197 ALA A CA  1 
ATOM   1362 C C   . ALA A 1 201 ? 16.053  -6.948  -3.913  1.00 22.23 ? 197 ALA A C   1 
ATOM   1363 O O   . ALA A 1 201 ? 16.101  -7.661  -4.920  1.00 24.90 ? 197 ALA A O   1 
ATOM   1364 C CB  . ALA A 1 201 ? 17.774  -5.220  -4.521  1.00 24.52 ? 197 ALA A CB  1 
ATOM   1365 N N   . ARG A 1 202 ? 15.759  -7.441  -2.697  1.00 21.65 ? 198 ARG A N   1 
ATOM   1366 C CA  . ARG A 1 202 ? 15.507  -8.856  -2.448  1.00 19.09 ? 198 ARG A CA  1 
ATOM   1367 C C   . ARG A 1 202 ? 14.110  -9.137  -1.911  1.00 18.50 ? 198 ARG A C   1 
ATOM   1368 O O   . ARG A 1 202 ? 13.736  -10.311 -1.799  1.00 24.60 ? 198 ARG A O   1 
ATOM   1369 C CB  . ARG A 1 202 ? 16.508  -9.430  -1.432  1.00 22.19 ? 198 ARG A CB  1 
ATOM   1370 C CG  . ARG A 1 202 ? 17.978  -9.411  -1.906  1.00 24.39 ? 198 ARG A CG  1 
ATOM   1371 C CD  . ARG A 1 202 ? 18.211  -10.497 -2.962  1.00 29.37 ? 198 ARG A CD  1 
ATOM   1372 N NE  . ARG A 1 202 ? 17.643  -11.778 -2.539  1.00 34.51 ? 198 ARG A NE  1 
ATOM   1373 C CZ  . ARG A 1 202 ? 17.051  -12.638 -3.362  1.00 40.03 ? 198 ARG A CZ  1 
ATOM   1374 N NH1 . ARG A 1 202 ? 16.948  -12.351 -4.656  1.00 39.48 ? 198 ARG A NH1 1 
ATOM   1375 N NH2 . ARG A 1 202 ? 16.547  -13.779 -2.895  1.00 40.77 ? 198 ARG A NH2 1 
ATOM   1376 N N   . VAL A 1 203 ? 13.342  -8.108  -1.572  1.00 18.01 ? 199 VAL A N   1 
ATOM   1377 C CA  . VAL A 1 203 ? 12.126  -8.378  -0.798  1.00 19.52 ? 199 VAL A CA  1 
ATOM   1378 C C   . VAL A 1 203 ? 11.051  -9.016  -1.675  1.00 19.74 ? 199 VAL A C   1 
ATOM   1379 O O   . VAL A 1 203 ? 10.273  -9.856  -1.199  1.00 18.13 ? 199 VAL A O   1 
ATOM   1380 C CB  . VAL A 1 203 ? 11.649  -7.091  -0.091  1.00 22.30 ? 199 VAL A CB  1 
ATOM   1381 C CG1 . VAL A 1 203 ? 11.109  -6.064  -1.068  1.00 24.11 ? 199 VAL A CG1 1 
ATOM   1382 C CG2 . VAL A 1 203 ? 10.584  -7.426  1.028   1.00 23.02 ? 199 VAL A CG2 1 
ATOM   1383 N N   . LEU A 1 204 ? 10.987  -8.666  -2.962  1.00 22.71 ? 200 LEU A N   1 
ATOM   1384 C CA  . LEU A 1 204 ? 9.941   -9.248  -3.801  1.00 20.70 ? 200 LEU A CA  1 
ATOM   1385 C C   . LEU A 1 204 ? 10.105  -10.762 -3.927  1.00 20.90 ? 200 LEU A C   1 
ATOM   1386 O O   . LEU A 1 204 ? 9.139   -11.521 -3.746  1.00 22.23 ? 200 LEU A O   1 
ATOM   1387 C CB  . LEU A 1 204 ? 9.934   -8.574  -5.171  1.00 21.98 ? 200 LEU A CB  1 
ATOM   1388 C CG  . LEU A 1 204 ? 8.826   -8.999  -6.123  1.00 24.23 ? 200 LEU A CG  1 
ATOM   1389 C CD1 . LEU A 1 204 ? 7.423   -8.829  -5.495  1.00 23.12 ? 200 LEU A CD1 1 
ATOM   1390 C CD2 . LEU A 1 204 ? 8.976   -8.141  -7.381  1.00 27.57 ? 200 LEU A CD2 1 
ATOM   1391 N N   . ASP A 1 205 ? 11.322  -11.234 -4.224  1.00 20.89 ? 201 ASP A N   1 
ATOM   1392 C CA  . ASP A 1 205 ? 11.530  -12.676 -4.329  1.00 21.74 ? 201 ASP A CA  1 
ATOM   1393 C C   . ASP A 1 205 ? 11.313  -13.382 -2.998  1.00 20.28 ? 201 ASP A C   1 
ATOM   1394 O O   . ASP A 1 205 ? 10.876  -14.536 -2.974  1.00 22.27 ? 201 ASP A O   1 
ATOM   1395 C CB  . ASP A 1 205 ? 12.932  -12.976 -4.844  1.00 25.19 ? 201 ASP A CB  1 
ATOM   1396 C CG  . ASP A 1 205 ? 13.061  -12.737 -6.344  1.00 34.12 ? 201 ASP A CG  1 
ATOM   1397 O OD1 . ASP A 1 205 ? 12.024  -12.669 -7.041  1.00 41.48 ? 201 ASP A OD1 1 
ATOM   1398 O OD2 . ASP A 1 205 ? 14.212  -12.622 -6.808  1.00 46.07 ? 201 ASP A OD2 1 
ATOM   1399 N N   . THR A 1 206 ? 11.612  -12.705 -1.888  1.00 20.81 ? 202 THR A N   1 
ATOM   1400 C CA  . THR A 1 206 ? 11.402  -13.292 -0.569  1.00 18.31 ? 202 THR A CA  1 
ATOM   1401 C C   . THR A 1 206 ? 9.914   -13.522 -0.337  1.00 17.25 ? 202 THR A C   1 
ATOM   1402 O O   . THR A 1 206 ? 9.488   -14.621 0.039   1.00 20.49 ? 202 THR A O   1 
ATOM   1403 C CB  . THR A 1 206 ? 11.972  -12.364 0.496   1.00 20.65 ? 202 THR A CB  1 
ATOM   1404 O OG1 . THR A 1 206 ? 13.400  -12.199 0.284   1.00 21.92 ? 202 THR A OG1 1 
ATOM   1405 C CG2 . THR A 1 206 ? 11.738  -12.926 1.915   1.00 19.40 ? 202 THR A CG2 1 
ATOM   1406 N N   . LEU A 1 207 ? 9.109   -12.497 -0.599  1.00 17.79 ? 203 LEU A N   1 
ATOM   1407 C CA  . LEU A 1 207 ? 7.660   -12.634 -0.373  1.00 17.94 ? 203 LEU A CA  1 
ATOM   1408 C C   . LEU A 1 207 ? 7.033   -13.649 -1.319  1.00 21.42 ? 203 LEU A C   1 
ATOM   1409 O O   . LEU A 1 207 ? 6.179   -14.452 -0.903  1.00 18.51 ? 203 LEU A O   1 
ATOM   1410 C CB  . LEU A 1 207 ? 6.993   -11.265 -0.504  1.00 19.40 ? 203 LEU A CB  1 
ATOM   1411 C CG  . LEU A 1 207 ? 7.510   -10.246 0.539   1.00 22.66 ? 203 LEU A CG  1 
ATOM   1412 C CD1 . LEU A 1 207 ? 6.995   -8.868  0.222   1.00 23.24 ? 203 LEU A CD1 1 
ATOM   1413 C CD2 . LEU A 1 207 ? 7.141   -10.640 2.001   1.00 20.28 ? 203 LEU A CD2 1 
ATOM   1414 N N   . VAL A 1 208 ? 7.413   -13.620 -2.601  1.00 19.93 ? 204 VAL A N   1 
ATOM   1415 C CA  . VAL A 1 208 ? 6.860   -14.581 -3.547  1.00 21.68 ? 204 VAL A CA  1 
ATOM   1416 C C   . VAL A 1 208 ? 7.132   -16.004 -3.082  1.00 22.29 ? 204 VAL A C   1 
ATOM   1417 O O   . VAL A 1 208 ? 6.259   -16.878 -3.162  1.00 20.39 ? 204 VAL A O   1 
ATOM   1418 C CB  . VAL A 1 208 ? 7.431   -14.329 -4.960  1.00 21.83 ? 204 VAL A CB  1 
ATOM   1419 C CG1 . VAL A 1 208 ? 6.983   -15.439 -5.906  1.00 25.79 ? 204 VAL A CG1 1 
ATOM   1420 C CG2 . VAL A 1 208 ? 6.955   -12.957 -5.502  1.00 21.56 ? 204 VAL A CG2 1 
ATOM   1421 N N   . HIS A 1 209 ? 8.342   -16.268 -2.585  1.00 19.17 ? 205 HIS A N   1 
ATOM   1422 C CA  . HIS A 1 209 ? 8.667   -17.625 -2.144  1.00 18.84 ? 205 HIS A CA  1 
ATOM   1423 C C   . HIS A 1 209 ? 7.733   -18.075 -1.029  1.00 18.56 ? 205 HIS A C   1 
ATOM   1424 O O   . HIS A 1 209 ? 7.198   -19.190 -1.065  1.00 20.06 ? 205 HIS A O   1 
ATOM   1425 C CB  . HIS A 1 209 ? 10.109  -17.712 -1.650  1.00 20.88 ? 205 HIS A CB  1 
ATOM   1426 C CG  . HIS A 1 209 ? 10.403  -18.988 -0.916  1.00 24.37 ? 205 HIS A CG  1 
ATOM   1427 N ND1 . HIS A 1 209 ? 10.732  -20.163 -1.563  1.00 23.19 ? 205 HIS A ND1 1 
ATOM   1428 C CD2 . HIS A 1 209 ? 10.359  -19.284 0.406   1.00 21.22 ? 205 HIS A CD2 1 
ATOM   1429 C CE1 . HIS A 1 209 ? 10.912  -21.118 -0.667  1.00 25.13 ? 205 HIS A CE1 1 
ATOM   1430 N NE2 . HIS A 1 209 ? 10.693  -20.611 0.537   1.00 22.35 ? 205 HIS A NE2 1 
ATOM   1431 N N   . ILE A 1 210 ? 7.513   -17.207 -0.045  1.00 18.82 ? 206 ILE A N   1 
ATOM   1432 C CA  . ILE A 1 210 ? 6.663   -17.564 1.093   1.00 18.79 ? 206 ILE A CA  1 
ATOM   1433 C C   . ILE A 1 210 ? 5.212   -17.729 0.643   1.00 19.93 ? 206 ILE A C   1 
ATOM   1434 O O   . ILE A 1 210 ? 4.512   -18.646 1.098   1.00 20.64 ? 206 ILE A O   1 
ATOM   1435 C CB  . ILE A 1 210 ? 6.827   -16.519 2.215   1.00 18.11 ? 206 ILE A CB  1 
ATOM   1436 C CG1 . ILE A 1 210 ? 8.277   -16.572 2.732   1.00 18.07 ? 206 ILE A CG1 1 
ATOM   1437 C CG2 . ILE A 1 210 ? 5.872   -16.810 3.379   1.00 21.77 ? 206 ILE A CG2 1 
ATOM   1438 C CD1 . ILE A 1 210 ? 8.674   -15.348 3.567   1.00 20.06 ? 206 ILE A CD1 1 
ATOM   1439 N N   . TRP A 1 211 ? 4.735   -16.865 -0.266  1.00 19.38 ? 207 TRP A N   1 
ATOM   1440 C CA  . TRP A 1 211 ? 3.361   -17.005 -0.776  1.00 22.73 ? 207 TRP A CA  1 
ATOM   1441 C C   . TRP A 1 211 ? 3.181   -18.317 -1.534  1.00 24.68 ? 207 TRP A C   1 
ATOM   1442 O O   . TRP A 1 211 ? 2.235   -19.075 -1.279  1.00 19.69 ? 207 TRP A O   1 
ATOM   1443 C CB  . TRP A 1 211 ? 2.992   -15.824 -1.692  1.00 17.96 ? 207 TRP A CB  1 
ATOM   1444 C CG  . TRP A 1 211 ? 2.553   -14.575 -1.001  1.00 18.69 ? 207 TRP A CG  1 
ATOM   1445 C CD1 . TRP A 1 211 ? 3.291   -13.787 -0.147  1.00 19.49 ? 207 TRP A CD1 1 
ATOM   1446 C CD2 . TRP A 1 211 ? 1.295   -13.935 -1.144  1.00 20.05 ? 207 TRP A CD2 1 
ATOM   1447 N NE1 . TRP A 1 211 ? 2.545   -12.722 0.272   1.00 17.78 ? 207 TRP A NE1 1 
ATOM   1448 C CE2 . TRP A 1 211 ? 1.318   -12.778 -0.343  1.00 18.49 ? 207 TRP A CE2 1 
ATOM   1449 C CE3 . TRP A 1 211 ? 0.131   -14.233 -1.871  1.00 20.57 ? 207 TRP A CE3 1 
ATOM   1450 C CZ2 . TRP A 1 211 ? 0.220   -11.927 -0.229  1.00 23.06 ? 207 TRP A CZ2 1 
ATOM   1451 C CZ3 . TRP A 1 211 ? -0.961  -13.364 -1.768  1.00 22.57 ? 207 TRP A CZ3 1 
ATOM   1452 C CH2 . TRP A 1 211 ? -0.912  -12.242 -0.952  1.00 22.72 ? 207 TRP A CH2 1 
ATOM   1453 N N   . VAL A 1 212 ? 4.091   -18.613 -2.468  1.00 21.25 ? 208 VAL A N   1 
ATOM   1454 C CA  . VAL A 1 212 ? 3.934   -19.801 -3.305  1.00 22.40 ? 208 VAL A CA  1 
ATOM   1455 C C   . VAL A 1 212 ? 4.088   -21.085 -2.492  1.00 22.96 ? 208 VAL A C   1 
ATOM   1456 O O   . VAL A 1 212 ? 3.295   -22.024 -2.651  1.00 24.58 ? 208 VAL A O   1 
ATOM   1457 C CB  . VAL A 1 212 ? 4.909   -19.750 -4.495  1.00 25.89 ? 208 VAL A CB  1 
ATOM   1458 C CG1 . VAL A 1 212 ? 4.935   -21.092 -5.208  1.00 33.69 ? 208 VAL A CG1 1 
ATOM   1459 C CG2 . VAL A 1 212 ? 4.465   -18.642 -5.451  1.00 25.82 ? 208 VAL A CG2 1 
ATOM   1460 N N   . THR A 1 213 ? 5.076   -21.154 -1.595  1.00 20.87 ? 209 THR A N   1 
ATOM   1461 C CA  . THR A 1 213 ? 5.213   -22.386 -0.822  1.00 19.93 ? 209 THR A CA  1 
ATOM   1462 C C   . THR A 1 213 ? 4.047   -22.583 0.135   1.00 23.57 ? 209 THR A C   1 
ATOM   1463 O O   . THR A 1 213 ? 3.599   -23.717 0.336   1.00 22.90 ? 209 THR A O   1 
ATOM   1464 C CB  . THR A 1 213 ? 6.530   -22.418 -0.046  1.00 21.74 ? 209 THR A CB  1 
ATOM   1465 O OG1 . THR A 1 213 ? 6.660   -21.251 0.780   1.00 21.56 ? 209 THR A OG1 1 
ATOM   1466 C CG2 . THR A 1 213 ? 7.715   -22.496 -1.018  1.00 22.82 ? 209 THR A CG2 1 
ATOM   1467 N N   . SER A 1 214 ? 3.541   -21.507 0.742   1.00 19.88 ? 210 SER A N   1 
ATOM   1468 C CA  . SER A 1 214 ? 2.463   -21.708 1.708   1.00 17.80 ? 210 SER A CA  1 
ATOM   1469 C C   . SER A 1 214 ? 1.117   -21.942 1.032   1.00 22.54 ? 210 SER A C   1 
ATOM   1470 O O   . SER A 1 214 ? 0.241   -22.594 1.622   1.00 23.12 ? 210 SER A O   1 
ATOM   1471 C CB  . SER A 1 214 ? 2.383   -20.523 2.676   1.00 21.94 ? 210 SER A CB  1 
ATOM   1472 O OG  . SER A 1 214 ? 1.884   -19.358 2.057   1.00 22.68 ? 210 SER A OG  1 
ATOM   1473 N N   . ILE A 1 215 ? 0.944   -21.481 -0.208  1.00 19.58 ? 211 ILE A N   1 
ATOM   1474 C CA  . ILE A 1 215 ? -0.323  -21.704 -0.907  1.00 21.85 ? 211 ILE A CA  1 
ATOM   1475 C C   . ILE A 1 215 ? -0.344  -23.081 -1.569  1.00 25.43 ? 211 ILE A C   1 
ATOM   1476 O O   . ILE A 1 215 ? -1.371  -23.772 -1.561  1.00 22.22 ? 211 ILE A O   1 
ATOM   1477 C CB  . ILE A 1 215 ? -0.572  -20.576 -1.927  1.00 21.27 ? 211 ILE A CB  1 
ATOM   1478 C CG1 . ILE A 1 215 ? -0.934  -19.278 -1.190  1.00 20.59 ? 211 ILE A CG1 1 
ATOM   1479 C CG2 . ILE A 1 215 ? -1.715  -20.965 -2.917  1.00 20.76 ? 211 ILE A CG2 1 
ATOM   1480 C CD1 . ILE A 1 215 ? -0.965  -18.031 -2.092  1.00 24.24 ? 211 ILE A CD1 1 
ATOM   1481 N N   . TYR A 1 216 ? 0.781   -23.514 -2.140  1.00 23.03 ? 212 TYR A N   1 
ATOM   1482 C CA  . TYR A 1 216 ? 0.806   -24.756 -2.903  1.00 27.38 ? 212 TYR A CA  1 
ATOM   1483 C C   . TYR A 1 216 ? 1.404   -25.936 -2.152  1.00 28.17 ? 212 TYR A C   1 
ATOM   1484 O O   . TYR A 1 216 ? 1.279   -27.074 -2.631  1.00 27.73 ? 212 TYR A O   1 
ATOM   1485 C CB  . TYR A 1 216 ? 1.551   -24.532 -4.234  1.00 23.64 ? 212 TYR A CB  1 
ATOM   1486 C CG  . TYR A 1 216 ? 0.802   -23.549 -5.106  1.00 24.12 ? 212 TYR A CG  1 
ATOM   1487 C CD1 . TYR A 1 216 ? -0.314  -23.946 -5.847  1.00 23.56 ? 212 TYR A CD1 1 
ATOM   1488 C CD2 . TYR A 1 216 ? 1.170   -22.215 -5.146  1.00 24.68 ? 212 TYR A CD2 1 
ATOM   1489 C CE1 . TYR A 1 216 ? -1.031  -23.043 -6.596  1.00 23.30 ? 212 TYR A CE1 1 
ATOM   1490 C CE2 . TYR A 1 216 ? 0.476   -21.308 -5.921  1.00 24.36 ? 212 TYR A CE2 1 
ATOM   1491 C CZ  . TYR A 1 216 ? -0.622  -21.724 -6.642  1.00 28.96 ? 212 TYR A CZ  1 
ATOM   1492 O OH  . TYR A 1 216 ? -1.316  -20.810 -7.392  1.00 27.20 ? 212 TYR A OH  1 
ATOM   1493 N N   . GLY A 1 217 ? 2.001   -25.713 -0.982  1.00 26.23 ? 213 GLY A N   1 
ATOM   1494 C CA  . GLY A 1 217 ? 2.748   -26.759 -0.287  1.00 29.62 ? 213 GLY A CA  1 
ATOM   1495 C C   . GLY A 1 217 ? 1.849   -27.607 0.601   1.00 32.45 ? 213 GLY A C   1 
ATOM   1496 O O   . GLY A 1 217 ? 0.941   -27.098 1.254   1.00 31.95 ? 213 GLY A O   1 
ATOM   1497 N N   . GLU A 1 218 ? 2.115   -28.914 0.624   1.00 34.18 ? 214 GLU A N   1 
ATOM   1498 C CA  . GLU A 1 218 ? 1.184   -29.851 1.279   1.00 45.01 ? 214 GLU A CA  1 
ATOM   1499 C C   . GLU A 1 218 ? 1.510   -30.051 2.750   1.00 46.24 ? 214 GLU A C   1 
ATOM   1500 O O   . GLU A 1 218 ? 2.612   -29.734 3.199   1.00 47.66 ? 214 GLU A O   1 
ATOM   1501 C CB  . GLU A 1 218 ? 1.183   -31.201 0.557   1.00 49.21 ? 214 GLU A CB  1 
ATOM   1502 C CG  . GLU A 1 218 ? -0.105  -31.998 0.735   1.00 51.17 ? 214 GLU A CG  1 
HETATM 1503 C C1  . 5TB B 2 .   ? -1.687  -9.407  -4.150  1.00 39.97 ? 301 5TB A C1  1 
HETATM 1504 C C2  . 5TB B 2 .   ? -3.164  -9.560  -3.815  1.00 39.12 ? 301 5TB A C2  1 
HETATM 1505 C C3  . 5TB B 2 .   ? -3.746  -10.593 -4.778  1.00 41.05 ? 301 5TB A C3  1 
HETATM 1506 O O   . 5TB B 2 .   ? 0.434   -8.529  -0.501  1.00 53.65 ? 301 5TB A O   1 
HETATM 1507 C C7  . 5TB B 2 .   ? -0.510  -7.847  -0.831  1.00 46.21 ? 301 5TB A C7  1 
HETATM 1508 C C6  . 5TB B 2 .   ? -1.495  -8.294  -1.895  1.00 41.71 ? 301 5TB A C6  1 
HETATM 1509 C C5  . 5TB B 2 .   ? -0.850  -9.261  -2.884  1.00 39.05 ? 301 5TB A C5  1 
HETATM 1510 C C4  . 5TB B 2 .   ? -2.582  -11.263 -5.493  1.00 41.96 ? 301 5TB A C4  1 
HETATM 1511 C C   . 5TB B 2 .   ? -1.302  -10.663 -4.931  1.00 38.21 ? 301 5TB A C   1 
HETATM 1512 N N   . 5TB B 2 .   ? -0.717  -6.673  -0.275  1.00 44.31 ? 301 5TB A N   1 
HETATM 1513 C C11 . 5TB B 2 .   ? 0.419   -5.803  0.005   1.00 51.48 ? 301 5TB A C11 1 
HETATM 1514 N N1  . 5TB B 2 .   ? 0.144   -5.008  1.178   1.00 48.76 ? 301 5TB A N1  1 
HETATM 1515 C C10 . 5TB B 2 .   ? -0.863  -5.486  2.088   1.00 40.39 ? 301 5TB A C10 1 
HETATM 1516 C C9  . 5TB B 2 .   ? -2.091  -5.347  1.226   1.00 46.81 ? 301 5TB A C9  1 
HETATM 1517 C C8  . 5TB B 2 .   ? -2.079  -6.215  -0.016  1.00 42.37 ? 301 5TB A C8  1 
HETATM 1518 C C12 . 5TB B 2 .   ? 0.816   -3.823  1.430   1.00 46.30 ? 301 5TB A C12 1 
HETATM 1519 C C17 . 5TB B 2 .   ? 0.211   -2.787  2.144   1.00 50.53 ? 301 5TB A C17 1 
HETATM 1520 C C16 . 5TB B 2 .   ? 0.943   -1.627  2.378   1.00 45.14 ? 301 5TB A C16 1 
HETATM 1521 C C15 . 5TB B 2 .   ? 2.245   -1.523  1.908   1.00 46.90 ? 301 5TB A C15 1 
HETATM 1522 C C14 . 5TB B 2 .   ? 2.836   -2.556  1.210   1.00 49.46 ? 301 5TB A C14 1 
HETATM 1523 C C13 . 5TB B 2 .   ? 2.113   -3.707  0.975   1.00 42.95 ? 301 5TB A C13 1 
HETATM 1524 C C18 . 5TB B 2 .   ? 3.065   -0.292  2.151   1.00 43.25 ? 301 5TB A C18 1 
HETATM 1525 N N2  . 5TB B 2 .   ? 3.845   -0.513  3.346   1.00 47.11 ? 301 5TB A N2  1 
HETATM 1526 C C19 . 5TB B 2 .   ? 3.172   -0.519  4.630   1.00 39.92 ? 301 5TB A C19 1 
HETATM 1527 S S   . SO4 C 3 .   ? 2.507   -23.914 -13.009 1.00 61.99 ? 302 SO4 A S   1 
HETATM 1528 O O1  . SO4 C 3 .   ? 1.942   -22.749 -13.683 1.00 54.14 ? 302 SO4 A O1  1 
HETATM 1529 O O2  . SO4 C 3 .   ? 1.390   -24.778 -12.628 1.00 65.85 ? 302 SO4 A O2  1 
HETATM 1530 O O3  . SO4 C 3 .   ? 3.402   -24.618 -13.921 1.00 69.73 ? 302 SO4 A O3  1 
HETATM 1531 O O4  . SO4 C 3 .   ? 3.274   -23.526 -11.826 1.00 55.00 ? 302 SO4 A O4  1 
HETATM 1532 S S   . SO4 D 3 .   ? -3.371  -16.461 -10.202 1.00 83.33 ? 303 SO4 A S   1 
HETATM 1533 O O1  . SO4 D 3 .   ? -4.743  -16.853 -10.533 1.00 66.52 ? 303 SO4 A O1  1 
HETATM 1534 O O2  . SO4 D 3 .   ? -3.348  -15.237 -9.392  1.00 65.94 ? 303 SO4 A O2  1 
HETATM 1535 O O3  . SO4 D 3 .   ? -2.679  -16.170 -11.443 1.00 70.77 ? 303 SO4 A O3  1 
HETATM 1536 O O4  . SO4 D 3 .   ? -2.701  -17.561 -9.502  1.00 53.29 ? 303 SO4 A O4  1 
HETATM 1537 C C1  . GOL E 4 .   ? -10.890 -24.776 1.986   1.00 47.90 ? 304 GOL A C1  1 
HETATM 1538 O O1  . GOL E 4 .   ? -10.588 -23.813 0.994   1.00 48.04 ? 304 GOL A O1  1 
HETATM 1539 C C2  . GOL E 4 .   ? -11.653 -24.222 3.196   1.00 43.80 ? 304 GOL A C2  1 
HETATM 1540 O O2  . GOL E 4 .   ? -10.929 -24.411 4.395   1.00 41.70 ? 304 GOL A O2  1 
HETATM 1541 C C3  . GOL E 4 .   ? -11.984 -22.754 3.023   1.00 43.55 ? 304 GOL A C3  1 
HETATM 1542 O O3  . GOL E 4 .   ? -10.756 -22.099 2.882   1.00 38.60 ? 304 GOL A O3  1 
HETATM 1543 C C1  . EDO F 5 .   ? 6.795   10.599  10.134  1.00 49.54 ? 305 EDO A C1  1 
HETATM 1544 O O1  . EDO F 5 .   ? 6.585   10.257  8.762   1.00 49.60 ? 305 EDO A O1  1 
HETATM 1545 C C2  . EDO F 5 .   ? 5.468   11.037  10.727  1.00 52.92 ? 305 EDO A C2  1 
HETATM 1546 O O2  . EDO F 5 .   ? 4.733   11.750  9.725   1.00 50.73 ? 305 EDO A O2  1 
HETATM 1547 O O   . HOH G 6 .   ? -6.401  27.712  -9.421  1.00 66.29 ? 401 HOH A O   1 
HETATM 1548 O O   . HOH G 6 .   ? 15.591  -14.268 -6.688  1.00 50.74 ? 402 HOH A O   1 
HETATM 1549 O O   . HOH G 6 .   ? 4.804   -21.781 -10.987 1.00 42.24 ? 403 HOH A O   1 
HETATM 1550 O O   . HOH G 6 .   ? 9.391   -4.358  -9.953  1.00 33.62 ? 404 HOH A O   1 
HETATM 1551 O O   . HOH G 6 .   ? 4.935   -14.755 -20.763 1.00 43.83 ? 405 HOH A O   1 
HETATM 1552 O O   . HOH G 6 .   ? -1.125  -25.026 1.448   1.00 24.87 ? 406 HOH A O   1 
HETATM 1553 O O   . HOH G 6 .   ? 2.179   11.082  9.728   1.00 41.52 ? 407 HOH A O   1 
HETATM 1554 O O   . HOH G 6 .   ? -11.835 23.761  5.026   1.00 46.20 ? 408 HOH A O   1 
HETATM 1555 O O   . HOH G 6 .   ? -12.988 -14.059 -0.507  1.00 29.85 ? 409 HOH A O   1 
HETATM 1556 O O   . HOH G 6 .   ? -6.076  0.341   10.183  1.00 46.02 ? 410 HOH A O   1 
HETATM 1557 O O   . HOH G 6 .   ? 5.990   9.781   -1.227  1.00 32.89 ? 411 HOH A O   1 
HETATM 1558 O O   . HOH G 6 .   ? 11.902  -6.183  5.060   1.00 26.09 ? 412 HOH A O   1 
HETATM 1559 O O   . HOH G 6 .   ? -14.344 -8.260  7.135   1.00 52.72 ? 413 HOH A O   1 
HETATM 1560 O O   . HOH G 6 .   ? -3.864  -24.016 -0.435  1.00 24.91 ? 414 HOH A O   1 
HETATM 1561 O O   . HOH G 6 .   ? 12.712  -6.868  -4.581  1.00 20.43 ? 415 HOH A O   1 
HETATM 1562 O O   . HOH G 6 .   ? -7.576  -29.032 -3.858  1.00 40.95 ? 416 HOH A O   1 
HETATM 1563 O O   . HOH G 6 .   ? 9.762   -18.295 -5.470  1.00 36.92 ? 417 HOH A O   1 
HETATM 1564 O O   . HOH G 6 .   ? 11.995  -3.970  11.538  1.00 30.69 ? 418 HOH A O   1 
HETATM 1565 O O   . HOH G 6 .   ? -9.887  1.854   -6.686  1.00 55.22 ? 419 HOH A O   1 
HETATM 1566 O O   . HOH G 6 .   ? -9.080  -11.151 7.994   1.00 33.56 ? 420 HOH A O   1 
HETATM 1567 O O   . HOH G 6 .   ? -3.455  -3.833  8.315   1.00 39.47 ? 421 HOH A O   1 
HETATM 1568 O O   . HOH G 6 .   ? -13.251 -3.663  1.972   1.00 36.20 ? 422 HOH A O   1 
HETATM 1569 O O   . HOH G 6 .   ? -11.619 -9.716  3.898   1.00 24.91 ? 423 HOH A O   1 
HETATM 1570 O O   . HOH G 6 .   ? 11.425  -20.558 -4.280  1.00 50.05 ? 424 HOH A O   1 
HETATM 1571 O O   . HOH G 6 .   ? -10.095 31.399  2.437   1.00 27.82 ? 425 HOH A O   1 
HETATM 1572 O O   . HOH G 6 .   ? -13.197 -18.377 -5.553  1.00 43.53 ? 426 HOH A O   1 
HETATM 1573 O O   . HOH G 6 .   ? 10.955  -16.142 -5.321  1.00 28.80 ? 427 HOH A O   1 
HETATM 1574 O O   . HOH G 6 .   ? 8.887   9.390   -1.491  1.00 42.73 ? 428 HOH A O   1 
HETATM 1575 O O   . HOH G 6 .   ? -6.755  29.953  -5.640  1.00 57.79 ? 429 HOH A O   1 
HETATM 1576 O O   . HOH G 6 .   ? -11.223 5.564   -1.549  1.00 45.89 ? 430 HOH A O   1 
HETATM 1577 O O   . HOH G 6 .   ? 16.383  -1.780  1.596   1.00 44.92 ? 431 HOH A O   1 
HETATM 1578 O O   . HOH G 6 .   ? -6.155  -2.472  10.605  1.00 46.36 ? 432 HOH A O   1 
HETATM 1579 O O   . HOH G 6 .   ? -3.702  33.052  -1.632  1.00 34.96 ? 433 HOH A O   1 
HETATM 1580 O O   . HOH G 6 .   ? -11.333 -19.478 4.864   1.00 33.82 ? 434 HOH A O   1 
HETATM 1581 O O   . HOH G 6 .   ? 13.516  -9.538  -5.179  1.00 24.74 ? 435 HOH A O   1 
HETATM 1582 O O   . HOH G 6 .   ? 18.377  -3.055  -2.049  1.00 26.60 ? 436 HOH A O   1 
HETATM 1583 O O   . HOH G 6 .   ? 4.376   -30.054 -0.861  1.00 48.05 ? 437 HOH A O   1 
HETATM 1584 O O   . HOH G 6 .   ? -11.704 -17.163 9.882   0.50 38.07 ? 438 HOH A O   1 
HETATM 1585 O O   . HOH G 6 .   ? -12.318 -8.429  -2.796  1.00 36.81 ? 439 HOH A O   1 
HETATM 1586 O O   . HOH G 6 .   ? -3.197  21.198  10.390  1.00 39.03 ? 440 HOH A O   1 
HETATM 1587 O O   . HOH G 6 .   ? 0.000   -26.685 -9.128  1.00 54.30 ? 441 HOH A O   1 
HETATM 1588 O O   . HOH G 6 .   ? 6.467   1.684   -11.188 1.00 57.77 ? 442 HOH A O   1 
HETATM 1589 O O   . HOH G 6 .   ? 9.594   7.063   -2.968  1.00 35.86 ? 443 HOH A O   1 
HETATM 1590 O O   . HOH G 6 .   ? -11.422 6.592   5.282   1.00 46.09 ? 444 HOH A O   1 
HETATM 1591 O O   . HOH G 6 .   ? 6.717   -12.031 -12.805 1.00 36.36 ? 445 HOH A O   1 
HETATM 1592 O O   . HOH G 6 .   ? -4.450  0.639   -13.721 1.00 45.30 ? 446 HOH A O   1 
HETATM 1593 O O   . HOH G 6 .   ? -6.227  -31.383 -0.775  1.00 43.00 ? 447 HOH A O   1 
HETATM 1594 O O   . HOH G 6 .   ? -9.135  10.981  14.128  1.00 50.86 ? 448 HOH A O   1 
HETATM 1595 O O   . HOH G 6 .   ? -9.310  17.359  9.382   1.00 52.69 ? 449 HOH A O   1 
HETATM 1596 O O   . HOH G 6 .   ? 15.193  0.776   12.460  1.00 50.60 ? 450 HOH A O   1 
HETATM 1597 O O   . HOH G 6 .   ? 18.374  -4.444  5.119   1.00 42.18 ? 451 HOH A O   1 
HETATM 1598 O O   . HOH G 6 .   ? 0.335   -28.669 -5.122  1.00 56.93 ? 452 HOH A O   1 
HETATM 1599 O O   . HOH G 6 .   ? -0.921  -12.035 -13.706 1.00 48.49 ? 453 HOH A O   1 
HETATM 1600 O O   . HOH G 6 .   ? -10.058 -14.833 8.970   1.00 47.66 ? 454 HOH A O   1 
HETATM 1601 O O   . HOH G 6 .   ? -3.092  -12.089 -9.167  1.00 56.81 ? 455 HOH A O   1 
HETATM 1602 O O   . HOH G 6 .   ? 11.350  -10.532 -9.542  1.00 55.87 ? 456 HOH A O   1 
HETATM 1603 O O   . HOH G 6 .   ? 18.766  -6.677  8.353   1.00 42.44 ? 457 HOH A O   1 
HETATM 1604 O O   . HOH G 6 .   ? -0.610  33.896  5.193   1.00 53.39 ? 458 HOH A O   1 
HETATM 1605 O O   . HOH G 6 .   ? 1.084   27.050  10.723  1.00 55.21 ? 459 HOH A O   1 
HETATM 1606 O O   . HOH G 6 .   ? 5.791   -26.193 0.431   0.50 43.28 ? 460 HOH A O   1 
HETATM 1607 O O   . HOH G 6 .   ? -1.874  27.609  10.897  1.00 61.60 ? 461 HOH A O   1 
HETATM 1608 O O   . HOH G 6 .   ? -12.340 -8.746  8.251   1.00 52.99 ? 462 HOH A O   1 
HETATM 1609 O O   . HOH G 6 .   ? -3.218  2.021   -12.056 1.00 46.07 ? 463 HOH A O   1 
HETATM 1610 O O   . HOH G 6 .   ? -10.309 -24.574 -14.669 1.00 62.56 ? 464 HOH A O   1 
HETATM 1611 O O   . HOH G 6 .   ? -14.010 -6.072  1.360   1.00 52.16 ? 465 HOH A O   1 
HETATM 1612 O O   . HOH G 6 .   ? -3.224  36.921  2.362   1.00 38.47 ? 466 HOH A O   1 
HETATM 1613 O O   . HOH G 6 .   ? -3.331  -27.822 7.437   1.00 50.16 ? 467 HOH A O   1 
HETATM 1614 O O   . HOH G 6 .   ? -10.565 -9.191  6.447   1.00 37.03 ? 468 HOH A O   1 
HETATM 1615 O O   . HOH G 6 .   ? 6.000   -28.251 -0.582  0.50 49.63 ? 469 HOH A O   1 
HETATM 1616 O O   . HOH G 6 .   ? 8.931   0.866   -13.456 1.00 54.72 ? 470 HOH A O   1 
HETATM 1617 O O   . HOH G 6 .   ? 12.868  -6.127  -7.171  1.00 38.79 ? 471 HOH A O   1 
HETATM 1618 O O   . HOH G 6 .   ? 17.602  -0.945  -4.320  1.00 48.50 ? 472 HOH A O   1 
HETATM 1619 O O   . HOH G 6 .   ? 12.925  -22.327 -5.311  1.00 61.40 ? 473 HOH A O   1 
# 
